data_2JP9
#
_entry.id   2JP9
#
loop_
_entity.id
_entity.type
_entity.pdbx_description
1 polymer "DNA (5'-D(P*DCP*DGP*DCP*DGP*DGP*DGP*DGP*DGP*DCP*DGP*DTP*DCP*DTP*DGP*DCP*DGP*DC)-3')"
2 polymer "DNA (5'-D(P*DGP*DCP*DGP*DCP*DAP*DGP*DAP*DCP*DGP*DCP*DCP*DCP*DCP*DCP*DGP*DCP*DG)-3')"
3 polymer 'Wilms tumor 1'
4 non-polymer 'ZINC ION'
#
loop_
_entity_poly.entity_id
_entity_poly.type
_entity_poly.pdbx_seq_one_letter_code
_entity_poly.pdbx_strand_id
1 'polydeoxyribonucleotide' (DC)(DG)(DC)(DG)(DG)(DG)(DG)(DG)(DC)(DG)(DT)(DC)(DT)(DG)(DC)(DG)(DC) B
2 'polydeoxyribonucleotide' (DG)(DC)(DG)(DC)(DA)(DG)(DA)(DC)(DG)(DC)(DC)(DC)(DC)(DC)(DG)(DC)(DG) C
3 'polypeptide(L)'
;ASEKRPFMCAYPGCNKRYFKLSHLQMHSRKHTGEKPYQCDFKDCERRFSRSDQLKRHQRRHTGVKPFQCKTCQRKFSRSD
HLKTHTRTHTGEKPFSCRWPSCQKKFARSDELVRHHNMH
;
A
#
# COMPACT_ATOMS: atom_id res chain seq x y z
N ALA C 1 9.55 17.20 33.88
CA ALA C 1 8.24 17.77 34.18
C ALA C 1 8.33 19.29 34.46
N SER C 2 9.53 19.86 34.30
CA SER C 2 9.76 21.29 34.51
C SER C 2 11.04 21.73 33.82
N GLU C 3 10.92 22.61 32.81
CA GLU C 3 12.04 22.97 31.90
C GLU C 3 12.44 21.76 31.03
N LYS C 4 13.05 20.75 31.67
CA LYS C 4 13.29 19.45 31.03
C LYS C 4 11.99 18.63 31.02
N ARG C 5 11.53 18.27 29.81
CA ARG C 5 10.26 17.55 29.63
C ARG C 5 10.41 16.46 28.55
N PRO C 6 9.58 15.38 28.64
CA PRO C 6 9.59 14.30 27.66
C PRO C 6 8.91 14.70 26.34
N PHE C 7 9.10 13.87 25.31
CA PHE C 7 8.40 14.05 24.04
C PHE C 7 6.97 13.50 24.14
N MET C 8 6.08 13.97 23.26
CA MET C 8 4.66 13.55 23.30
C MET C 8 4.12 13.25 21.92
N CYS C 9 3.04 12.46 21.89
CA CYS C 9 2.23 12.25 20.68
C CYS C 9 0.78 12.74 20.95
N ALA C 10 0.00 12.91 19.88
CA ALA C 10 -1.37 13.46 19.99
C ALA C 10 -2.41 12.51 19.34
N TYR C 11 -1.95 11.42 18.74
CA TYR C 11 -2.84 10.48 18.05
C TYR C 11 -3.62 9.61 19.08
N PRO C 12 -4.91 9.28 18.78
CA PRO C 12 -5.73 8.46 19.66
C PRO C 12 -5.06 7.13 20.06
N GLY C 13 -5.39 6.66 21.27
CA GLY C 13 -4.97 5.30 21.69
C GLY C 13 -3.43 5.10 21.75
N CYS C 14 -2.65 6.20 21.61
CA CYS C 14 -1.19 6.14 21.74
C CYS C 14 -0.77 6.35 23.21
N ASN C 15 0.51 6.13 23.50
CA ASN C 15 1.08 6.47 24.80
C ASN C 15 1.12 7.99 25.00
N LYS C 16 1.36 8.74 23.89
CA LYS C 16 1.36 10.21 23.89
C LYS C 16 2.49 10.76 24.72
N ARG C 17 3.45 9.89 25.04
CA ARG C 17 4.70 10.31 25.68
C ARG C 17 5.88 9.40 25.26
N TYR C 18 6.94 10.04 24.79
CA TYR C 18 8.15 9.33 24.35
C TYR C 18 9.40 9.90 25.05
N PHE C 19 10.51 9.14 24.99
CA PHE C 19 11.71 9.47 25.77
C PHE C 19 12.92 9.77 24.86
N LYS C 20 12.81 9.41 23.58
CA LYS C 20 13.89 9.61 22.60
C LYS C 20 13.37 10.37 21.37
N LEU C 21 14.06 11.44 21.00
CA LEU C 21 13.62 12.32 19.92
C LEU C 21 13.34 11.51 18.64
N SER C 22 14.34 10.78 18.16
CA SER C 22 14.24 10.02 16.90
C SER C 22 13.27 8.86 17.01
N HIS C 23 13.22 8.23 18.20
CA HIS C 23 12.28 7.14 18.44
C HIS C 23 10.83 7.67 18.34
N LEU C 24 10.60 8.87 18.90
CA LEU C 24 9.32 9.55 18.75
C LEU C 24 9.08 10.03 17.29
N GLN C 25 10.14 10.51 16.61
CA GLN C 25 10.02 10.93 15.20
C GLN C 25 9.55 9.77 14.33
N MET C 26 10.22 8.61 14.50
CA MET C 26 9.80 7.38 13.81
C MET C 26 8.38 7.00 14.22
N HIS C 27 8.06 7.14 15.51
CA HIS C 27 6.72 6.84 16.01
C HIS C 27 5.67 7.69 15.27
N SER C 28 5.98 8.98 15.08
CA SER C 28 5.06 9.89 14.43
C SER C 28 4.73 9.41 12.99
N ARG C 29 5.74 8.86 12.29
CA ARG C 29 5.53 8.32 10.93
C ARG C 29 4.44 7.24 10.93
N LYS C 30 4.42 6.42 12.00
CA LYS C 30 3.45 5.32 12.10
C LYS C 30 2.01 5.83 12.00
N HIS C 31 1.73 7.01 12.58
CA HIS C 31 0.36 7.51 12.67
C HIS C 31 -0.08 8.18 11.36
N THR C 32 0.89 8.65 10.55
CA THR C 32 0.58 9.22 9.21
C THR C 32 -0.25 8.24 8.35
N GLY C 33 -0.15 6.93 8.66
CA GLY C 33 -0.91 5.90 7.91
C GLY C 33 -2.22 5.51 8.63
N GLU C 34 -2.54 6.22 9.73
CA GLU C 34 -3.69 5.87 10.58
C GLU C 34 -4.63 7.09 10.79
N LYS C 35 -4.32 8.23 10.16
CA LYS C 35 -5.14 9.46 10.27
C LYS C 35 -6.51 9.25 9.56
N PRO C 36 -7.64 9.36 10.31
CA PRO C 36 -8.97 9.06 9.78
C PRO C 36 -9.45 10.11 8.76
N TYR C 37 -9.80 9.63 7.56
CA TYR C 37 -10.44 10.46 6.52
C TYR C 37 -11.79 9.84 6.07
N GLN C 38 -12.58 10.61 5.31
CA GLN C 38 -13.81 10.08 4.67
C GLN C 38 -13.85 10.50 3.18
N CYS C 39 -14.57 9.71 2.37
CA CYS C 39 -14.72 10.00 0.95
C CYS C 39 -15.25 11.44 0.73
N ASP C 40 -14.66 12.14 -0.24
CA ASP C 40 -15.04 13.53 -0.54
C ASP C 40 -15.95 13.60 -1.78
N PHE C 41 -16.47 12.44 -2.22
CA PHE C 41 -17.35 12.38 -3.40
C PHE C 41 -18.77 12.88 -3.05
N LYS C 42 -19.57 13.15 -4.09
CA LYS C 42 -20.93 13.70 -3.91
C LYS C 42 -21.87 12.67 -3.26
N ASP C 43 -21.65 11.38 -3.55
CA ASP C 43 -22.57 10.31 -3.12
C ASP C 43 -21.80 9.11 -2.52
N CYS C 44 -20.94 9.40 -1.53
CA CYS C 44 -20.22 8.35 -0.80
C CYS C 44 -20.06 8.71 0.69
N GLU C 45 -19.69 7.72 1.50
CA GLU C 45 -19.55 7.91 2.95
C GLU C 45 -18.52 6.93 3.54
N ARG C 46 -17.60 6.45 2.68
CA ARG C 46 -16.56 5.50 3.12
C ARG C 46 -15.44 6.24 3.85
N ARG C 47 -14.62 5.48 4.59
CA ARG C 47 -13.54 6.08 5.40
C ARG C 47 -12.19 5.46 5.03
N PHE C 48 -11.13 6.22 5.28
CA PHE C 48 -9.76 5.83 4.94
C PHE C 48 -8.82 6.19 6.08
N SER C 49 -7.61 5.63 6.06
CA SER C 49 -6.65 5.82 7.15
C SER C 49 -5.52 6.79 6.75
N ARG C 50 -5.62 7.37 5.54
CA ARG C 50 -4.57 8.29 5.04
C ARG C 50 -5.10 9.10 3.85
N SER C 51 -4.44 10.25 3.60
CA SER C 51 -4.75 11.09 2.44
C SER C 51 -4.55 10.31 1.14
N ASP C 52 -3.49 9.49 1.09
CA ASP C 52 -3.16 8.71 -0.10
C ASP C 52 -4.26 7.66 -0.40
N GLN C 53 -4.78 7.00 0.65
CA GLN C 53 -5.90 6.05 0.50
C GLN C 53 -7.15 6.77 -0.02
N LEU C 54 -7.50 7.88 0.63
CA LEU C 54 -8.67 8.68 0.24
C LEU C 54 -8.51 9.21 -1.21
N LYS C 55 -7.33 9.76 -1.52
CA LYS C 55 -7.01 10.25 -2.87
C LYS C 55 -7.14 9.11 -3.90
N ARG C 56 -6.56 7.94 -3.57
CA ARG C 56 -6.71 6.74 -4.40
C ARG C 56 -8.19 6.39 -4.58
N HIS C 57 -8.94 6.41 -3.48
CA HIS C 57 -10.36 6.05 -3.53
C HIS C 57 -11.14 7.00 -4.45
N GLN C 58 -10.81 8.30 -4.40
CA GLN C 58 -11.42 9.29 -5.31
C GLN C 58 -11.23 8.86 -6.79
N ARG C 59 -10.06 8.29 -7.13
CA ARG C 59 -9.79 7.83 -8.52
C ARG C 59 -10.87 6.85 -9.01
N ARG C 60 -11.42 6.04 -8.09
CA ARG C 60 -12.48 5.07 -8.44
C ARG C 60 -13.79 5.79 -8.80
N HIS C 61 -14.04 6.95 -8.19
CA HIS C 61 -15.25 7.75 -8.48
C HIS C 61 -15.03 8.66 -9.69
N THR C 62 -13.80 9.14 -9.85
CA THR C 62 -13.47 10.16 -10.87
C THR C 62 -12.95 9.52 -12.17
N GLY C 63 -12.64 8.22 -12.13
CA GLY C 63 -12.07 7.52 -13.29
C GLY C 63 -10.63 7.94 -13.60
N VAL C 64 -9.99 8.65 -12.65
CA VAL C 64 -8.64 9.19 -12.86
C VAL C 64 -7.60 8.06 -12.95
N LYS C 65 -7.12 7.81 -14.17
CA LYS C 65 -6.05 6.82 -14.42
C LYS C 65 -4.84 7.50 -15.09
N PRO C 66 -3.96 8.15 -14.29
CA PRO C 66 -2.86 8.96 -14.83
C PRO C 66 -1.61 8.13 -15.15
N PHE C 67 -1.52 6.92 -14.57
CA PHE C 67 -0.33 6.07 -14.74
C PHE C 67 -0.38 5.32 -16.09
N GLN C 68 0.06 5.98 -17.16
CA GLN C 68 -0.04 5.39 -18.51
C GLN C 68 1.20 4.58 -18.85
N CYS C 69 0.99 3.34 -19.32
CA CYS C 69 2.07 2.44 -19.69
C CYS C 69 2.86 3.01 -20.89
N LYS C 70 4.17 3.16 -20.71
CA LYS C 70 5.05 3.70 -21.77
C LYS C 70 4.97 2.85 -23.07
N THR C 71 4.61 1.56 -22.93
CA THR C 71 4.52 0.64 -24.08
C THR C 71 3.07 0.48 -24.56
N CYS C 72 2.22 -0.05 -23.67
CA CYS C 72 0.83 -0.39 -24.01
C CYS C 72 -0.04 0.87 -24.15
N GLN C 73 0.44 2.00 -23.57
CA GLN C 73 -0.38 3.23 -23.43
C GLN C 73 -1.62 2.97 -22.53
N ARG C 74 -1.66 1.79 -21.89
CA ARG C 74 -2.75 1.42 -21.00
C ARG C 74 -2.70 2.27 -19.74
N LYS C 75 -3.80 2.99 -19.47
CA LYS C 75 -3.86 3.90 -18.35
C LYS C 75 -4.31 3.19 -17.07
N PHE C 76 -3.50 3.30 -16.03
CA PHE C 76 -3.80 2.72 -14.73
C PHE C 76 -3.99 3.83 -13.68
N SER C 77 -4.62 3.47 -12.55
CA SER C 77 -4.93 4.45 -11.50
C SER C 77 -3.94 4.35 -10.33
N ARG C 78 -3.05 3.34 -10.37
CA ARG C 78 -2.09 3.12 -9.28
C ARG C 78 -0.70 2.80 -9.83
N SER C 79 0.33 3.29 -9.13
CA SER C 79 1.73 3.02 -9.49
C SER C 79 2.06 1.53 -9.31
N ASP C 80 1.53 0.92 -8.24
CA ASP C 80 1.78 -0.50 -7.96
C ASP C 80 1.17 -1.42 -9.07
N HIS C 81 0.02 -1.01 -9.63
CA HIS C 81 -0.57 -1.71 -10.81
C HIS C 81 0.30 -1.50 -12.06
N LEU C 82 0.73 -0.26 -12.29
CA LEU C 82 1.57 0.07 -13.46
C LEU C 82 2.93 -0.65 -13.38
N LYS C 83 3.56 -0.62 -12.20
CA LYS C 83 4.84 -1.30 -11.97
C LYS C 83 4.67 -2.82 -12.08
N THR C 84 3.51 -3.32 -11.66
CA THR C 84 3.18 -4.74 -11.79
C THR C 84 3.00 -5.11 -13.28
N HIS C 85 2.19 -4.31 -13.98
CA HIS C 85 1.98 -4.50 -15.42
C HIS C 85 3.30 -4.32 -16.20
N THR C 86 4.16 -3.43 -15.71
CA THR C 86 5.49 -3.20 -16.31
C THR C 86 6.28 -4.51 -16.42
N ARG C 87 6.21 -5.36 -15.37
CA ARG C 87 6.96 -6.64 -15.34
C ARG C 87 6.51 -7.57 -16.50
N THR C 88 5.29 -7.35 -17.01
CA THR C 88 4.78 -8.08 -18.21
C THR C 88 5.76 -7.94 -19.39
N HIS C 89 6.32 -6.73 -19.58
CA HIS C 89 7.30 -6.48 -20.65
C HIS C 89 8.72 -6.82 -20.20
N THR C 90 8.94 -6.80 -18.87
CA THR C 90 10.28 -6.89 -18.30
C THR C 90 10.69 -8.36 -18.00
N GLY C 91 9.73 -9.31 -18.17
CA GLY C 91 10.00 -10.73 -17.90
C GLY C 91 10.40 -10.99 -16.44
N GLU C 92 10.15 -10.00 -15.56
CA GLU C 92 10.61 -10.06 -14.18
C GLU C 92 9.65 -10.90 -13.32
N LYS C 93 10.01 -12.19 -13.13
CA LYS C 93 9.20 -13.11 -12.31
C LYS C 93 10.05 -13.68 -11.15
N PRO C 94 10.15 -12.93 -10.03
CA PRO C 94 11.01 -13.32 -8.91
C PRO C 94 10.32 -14.29 -7.93
N PHE C 95 8.97 -14.37 -7.97
CA PHE C 95 8.22 -15.22 -7.04
C PHE C 95 8.21 -16.69 -7.51
N SER C 96 9.34 -17.37 -7.31
CA SER C 96 9.46 -18.79 -7.66
C SER C 96 8.81 -19.68 -6.60
N CYS C 97 8.23 -20.80 -7.03
CA CYS C 97 7.63 -21.77 -6.13
C CYS C 97 8.71 -22.51 -5.32
N ARG C 98 8.28 -23.13 -4.21
CA ARG C 98 9.20 -23.80 -3.28
C ARG C 98 8.77 -25.25 -3.04
N TRP C 99 7.77 -25.71 -3.81
CA TRP C 99 7.28 -27.08 -3.70
C TRP C 99 8.38 -28.08 -4.13
N PRO C 100 8.34 -29.32 -3.58
CA PRO C 100 9.41 -30.32 -3.76
C PRO C 100 9.50 -30.86 -5.20
N SER C 101 8.70 -30.31 -6.12
CA SER C 101 8.71 -30.72 -7.52
C SER C 101 8.36 -29.54 -8.45
N CYS C 102 8.70 -28.31 -8.03
CA CYS C 102 8.39 -27.12 -8.82
C CYS C 102 9.46 -26.04 -8.66
N GLN C 103 9.63 -25.23 -9.72
CA GLN C 103 10.45 -24.02 -9.67
C GLN C 103 9.83 -22.91 -10.57
N LYS C 104 8.51 -23.02 -10.80
CA LYS C 104 7.77 -22.06 -11.64
C LYS C 104 7.71 -20.71 -10.95
N LYS C 105 7.80 -19.63 -11.74
CA LYS C 105 7.97 -18.29 -11.18
C LYS C 105 6.87 -17.36 -11.64
N PHE C 106 6.48 -16.46 -10.75
CA PHE C 106 5.45 -15.45 -11.03
C PHE C 106 5.99 -14.05 -10.77
N ALA C 107 5.29 -13.03 -11.27
CA ALA C 107 5.70 -11.64 -11.09
C ALA C 107 4.91 -10.98 -9.95
N ARG C 108 4.03 -11.75 -9.30
CA ARG C 108 3.22 -11.25 -8.20
C ARG C 108 3.19 -12.26 -7.05
N SER C 109 3.35 -11.74 -5.82
CA SER C 109 3.33 -12.57 -4.62
C SER C 109 2.03 -13.36 -4.53
N ASP C 110 0.90 -12.70 -4.78
CA ASP C 110 -0.41 -13.33 -4.72
C ASP C 110 -0.58 -14.39 -5.87
N GLU C 111 0.03 -14.12 -7.04
CA GLU C 111 0.03 -15.13 -8.14
C GLU C 111 0.73 -16.41 -7.68
N LEU C 112 1.84 -16.27 -6.93
CA LEU C 112 2.53 -17.43 -6.35
C LEU C 112 1.64 -18.11 -5.27
N VAL C 113 0.99 -17.30 -4.42
CA VAL C 113 0.04 -17.84 -3.41
C VAL C 113 -1.08 -18.64 -4.09
N ARG C 114 -1.58 -18.09 -5.22
CA ARG C 114 -2.58 -18.78 -6.02
C ARG C 114 -2.02 -20.09 -6.59
N HIS C 115 -0.80 -20.02 -7.16
CA HIS C 115 -0.14 -21.21 -7.71
C HIS C 115 -0.07 -22.33 -6.67
N HIS C 116 0.43 -21.99 -5.47
CA HIS C 116 0.49 -22.93 -4.36
C HIS C 116 -0.90 -23.53 -4.05
N ASN C 117 -1.95 -22.68 -4.14
CA ASN C 117 -3.32 -23.11 -3.85
C ASN C 117 -3.84 -24.12 -4.92
N MET C 118 -3.18 -24.14 -6.08
CA MET C 118 -3.54 -25.07 -7.17
C MET C 118 -2.51 -26.21 -7.29
N HIS C 119 -1.49 -26.20 -6.41
CA HIS C 119 -0.36 -27.12 -6.55
C HIS C 119 -0.78 -28.56 -6.18
N ALA C 1 1.27 18.25 39.47
CA ALA C 1 0.16 17.30 39.37
C ALA C 1 0.67 15.88 39.00
N SER C 2 1.99 15.77 38.73
CA SER C 2 2.61 14.49 38.37
C SER C 2 4.09 14.49 38.72
N GLU C 3 4.63 13.31 39.01
CA GLU C 3 6.07 13.15 39.30
C GLU C 3 6.91 13.32 38.02
N LYS C 4 6.30 13.03 36.85
CA LYS C 4 6.95 13.21 35.54
C LYS C 4 5.93 13.67 34.49
N ARG C 5 6.43 14.17 33.35
CA ARG C 5 5.58 14.63 32.23
C ARG C 5 5.90 13.85 30.94
N PRO C 6 5.34 12.63 30.80
CA PRO C 6 5.57 11.80 29.62
C PRO C 6 4.78 12.29 28.40
N PHE C 7 5.15 11.77 27.22
CA PHE C 7 4.44 12.07 25.97
C PHE C 7 3.28 11.10 25.75
N MET C 8 2.33 11.46 24.88
CA MET C 8 1.31 10.51 24.41
C MET C 8 1.12 10.65 22.91
N CYS C 9 0.70 9.56 22.29
CA CYS C 9 0.36 9.54 20.87
C CYS C 9 -0.89 10.44 20.59
N ALA C 10 -1.05 10.84 19.32
CA ALA C 10 -2.22 11.62 18.88
C ALA C 10 -3.01 10.84 17.80
N TYR C 11 -3.52 9.65 18.18
CA TYR C 11 -4.32 8.83 17.28
C TYR C 11 -5.35 7.99 18.09
N PRO C 12 -6.63 7.93 17.64
CA PRO C 12 -7.70 7.24 18.39
C PRO C 12 -7.41 5.75 18.58
N GLY C 13 -6.73 5.13 17.60
CA GLY C 13 -6.41 3.70 17.68
C GLY C 13 -5.20 3.40 18.61
N CYS C 14 -4.72 4.45 19.32
CA CYS C 14 -3.56 4.31 20.20
C CYS C 14 -3.63 5.33 21.37
N ASN C 15 -3.07 6.54 21.15
CA ASN C 15 -2.99 7.58 22.19
C ASN C 15 -2.23 7.06 23.44
N LYS C 16 -1.30 6.11 23.23
CA LYS C 16 -0.51 5.54 24.31
C LYS C 16 0.66 6.44 24.66
N ARG C 17 1.35 6.13 25.76
CA ARG C 17 2.33 7.05 26.33
C ARG C 17 3.76 6.67 25.91
N TYR C 18 4.53 7.69 25.52
CA TYR C 18 5.92 7.54 25.11
C TYR C 18 6.85 8.30 26.08
N PHE C 19 8.15 7.97 26.03
CA PHE C 19 9.14 8.53 26.97
C PHE C 19 10.13 9.48 26.26
N LYS C 20 10.07 9.51 24.92
CA LYS C 20 10.91 10.42 24.12
C LYS C 20 10.06 11.14 23.09
N LEU C 21 10.45 12.36 22.74
CA LEU C 21 9.70 13.16 21.77
C LEU C 21 9.97 12.65 20.33
N SER C 22 11.24 12.46 19.98
CA SER C 22 11.64 11.95 18.65
C SER C 22 11.23 10.48 18.44
N HIS C 23 11.30 9.70 19.51
CA HIS C 23 10.86 8.31 19.46
C HIS C 23 9.32 8.26 19.27
N LEU C 24 8.61 9.12 20.01
CA LEU C 24 7.18 9.32 19.79
C LEU C 24 6.90 9.94 18.37
N GLN C 25 7.82 10.77 17.87
CA GLN C 25 7.66 11.36 16.53
C GLN C 25 7.71 10.28 15.45
N MET C 26 8.65 9.34 15.58
CA MET C 26 8.71 8.18 14.69
C MET C 26 7.39 7.40 14.79
N HIS C 27 6.92 7.16 16.02
CA HIS C 27 5.65 6.47 16.24
C HIS C 27 4.50 7.24 15.54
N SER C 28 4.49 8.56 15.70
CA SER C 28 3.46 9.42 15.11
C SER C 28 3.44 9.28 13.57
N ARG C 29 4.62 9.11 12.96
CA ARG C 29 4.72 8.87 11.52
C ARG C 29 3.98 7.58 11.13
N LYS C 30 4.10 6.54 11.98
CA LYS C 30 3.37 5.29 11.77
C LYS C 30 1.84 5.55 11.70
N HIS C 31 1.35 6.57 12.43
CA HIS C 31 -0.09 6.88 12.46
C HIS C 31 -0.48 7.88 11.35
N THR C 32 0.47 8.73 10.90
CA THR C 32 0.20 9.65 9.76
C THR C 32 -0.34 8.88 8.54
N GLY C 33 0.05 7.60 8.42
CA GLY C 33 -0.44 6.75 7.34
C GLY C 33 -1.76 6.05 7.67
N GLU C 34 -2.42 6.49 8.75
CA GLU C 34 -3.68 5.89 9.20
C GLU C 34 -4.76 6.98 9.47
N LYS C 35 -4.46 8.24 9.07
CA LYS C 35 -5.41 9.36 9.25
C LYS C 35 -6.67 9.15 8.38
N PRO C 36 -7.87 9.09 9.01
CA PRO C 36 -9.09 8.68 8.31
C PRO C 36 -9.69 9.77 7.40
N TYR C 37 -10.22 9.34 6.25
CA TYR C 37 -11.00 10.23 5.35
C TYR C 37 -12.22 9.47 4.75
N GLN C 38 -13.06 10.18 3.99
CA GLN C 38 -14.16 9.54 3.23
C GLN C 38 -14.16 10.08 1.79
N CYS C 39 -14.62 9.25 0.84
CA CYS C 39 -14.72 9.65 -0.56
C CYS C 39 -15.52 10.97 -0.70
N ASP C 40 -15.09 11.81 -1.64
CA ASP C 40 -15.74 13.10 -1.89
C ASP C 40 -16.60 13.07 -3.17
N PHE C 41 -16.96 11.85 -3.61
CA PHE C 41 -17.81 11.69 -4.79
C PHE C 41 -19.30 11.99 -4.45
N LYS C 42 -20.13 12.08 -5.50
CA LYS C 42 -21.56 12.44 -5.35
C LYS C 42 -22.33 11.36 -4.55
N ASP C 43 -22.03 10.09 -4.83
CA ASP C 43 -22.68 8.96 -4.13
C ASP C 43 -21.68 7.80 -3.93
N CYS C 44 -21.00 7.81 -2.78
CA CYS C 44 -20.01 6.79 -2.47
C CYS C 44 -20.02 6.45 -0.96
N GLU C 45 -19.52 7.40 -0.14
CA GLU C 45 -19.48 7.24 1.34
C GLU C 45 -18.53 6.07 1.76
N ARG C 46 -17.55 5.74 0.90
CA ARG C 46 -16.48 4.79 1.25
C ARG C 46 -15.39 5.51 2.03
N ARG C 47 -14.90 4.86 3.09
CA ARG C 47 -13.93 5.48 3.99
C ARG C 47 -12.52 4.92 3.73
N PHE C 48 -11.51 5.74 4.04
CA PHE C 48 -10.11 5.38 3.84
C PHE C 48 -9.30 5.77 5.07
N SER C 49 -8.07 5.24 5.16
CA SER C 49 -7.21 5.52 6.31
C SER C 49 -6.00 6.39 5.90
N ARG C 50 -6.12 7.11 4.78
CA ARG C 50 -5.10 8.09 4.36
C ARG C 50 -5.59 8.95 3.22
N SER C 51 -5.00 10.14 3.07
CA SER C 51 -5.25 11.00 1.90
C SER C 51 -4.81 10.30 0.62
N ASP C 52 -3.71 9.53 0.71
CA ASP C 52 -3.18 8.78 -0.43
C ASP C 52 -4.17 7.68 -0.88
N GLN C 53 -4.75 6.97 0.10
CA GLN C 53 -5.75 5.93 -0.19
C GLN C 53 -7.00 6.55 -0.81
N LEU C 54 -7.49 7.63 -0.20
CA LEU C 54 -8.63 8.38 -0.73
C LEU C 54 -8.32 8.93 -2.15
N LYS C 55 -7.11 9.46 -2.34
CA LYS C 55 -6.67 9.98 -3.66
C LYS C 55 -6.68 8.87 -4.71
N ARG C 56 -6.10 7.70 -4.38
CA ARG C 56 -6.17 6.52 -5.25
C ARG C 56 -7.63 6.15 -5.54
N HIS C 57 -8.44 6.10 -4.47
CA HIS C 57 -9.85 5.71 -4.59
C HIS C 57 -10.62 6.68 -5.51
N GLN C 58 -10.28 7.97 -5.44
CA GLN C 58 -10.91 8.98 -6.28
C GLN C 58 -10.81 8.59 -7.77
N ARG C 59 -9.67 8.00 -8.18
CA ARG C 59 -9.46 7.56 -9.56
C ARG C 59 -10.59 6.60 -10.02
N ARG C 60 -11.11 5.78 -9.09
CA ARG C 60 -12.22 4.84 -9.39
C ARG C 60 -13.46 5.59 -9.92
N HIS C 61 -13.70 6.80 -9.42
CA HIS C 61 -14.88 7.58 -9.81
C HIS C 61 -14.56 8.53 -10.97
N THR C 62 -13.35 9.08 -10.97
CA THR C 62 -12.95 10.07 -11.98
C THR C 62 -12.49 9.39 -13.29
N GLY C 63 -12.15 8.09 -13.20
CA GLY C 63 -11.69 7.33 -14.38
C GLY C 63 -10.26 7.72 -14.80
N VAL C 64 -9.62 8.60 -14.02
CA VAL C 64 -8.30 9.12 -14.35
C VAL C 64 -7.22 8.02 -14.25
N LYS C 65 -6.64 7.65 -15.41
CA LYS C 65 -5.58 6.63 -15.48
C LYS C 65 -4.30 7.23 -16.11
N PRO C 66 -3.49 7.95 -15.31
CA PRO C 66 -2.32 8.66 -15.81
C PRO C 66 -1.09 7.74 -15.98
N PHE C 67 -1.08 6.61 -15.25
CA PHE C 67 0.05 5.68 -15.28
C PHE C 67 -0.02 4.79 -16.55
N GLN C 68 0.34 5.37 -17.70
CA GLN C 68 0.26 4.63 -18.97
C GLN C 68 1.59 3.93 -19.28
N CYS C 69 1.48 2.68 -19.77
CA CYS C 69 2.65 1.83 -19.99
C CYS C 69 3.58 2.41 -21.07
N LYS C 70 4.87 2.52 -20.75
CA LYS C 70 5.90 2.97 -21.71
C LYS C 70 6.08 1.98 -22.89
N THR C 71 5.34 0.85 -22.86
CA THR C 71 5.44 -0.19 -23.89
C THR C 71 4.15 -0.22 -24.76
N CYS C 72 3.03 -0.62 -24.14
CA CYS C 72 1.76 -0.82 -24.88
C CYS C 72 0.72 0.28 -24.52
N GLN C 73 1.14 1.26 -23.70
CA GLN C 73 0.29 2.41 -23.32
C GLN C 73 -0.96 1.97 -22.52
N ARG C 74 -0.95 0.73 -22.01
CA ARG C 74 -1.97 0.26 -21.06
C ARG C 74 -2.07 1.22 -19.88
N LYS C 75 -3.19 1.93 -19.78
CA LYS C 75 -3.32 3.00 -18.79
C LYS C 75 -3.83 2.45 -17.46
N PHE C 76 -3.21 2.93 -16.37
CA PHE C 76 -3.55 2.51 -15.02
C PHE C 76 -3.75 3.73 -14.11
N SER C 77 -4.43 3.53 -12.99
CA SER C 77 -4.65 4.60 -12.00
C SER C 77 -3.76 4.41 -10.75
N ARG C 78 -2.95 3.34 -10.75
CA ARG C 78 -2.10 3.01 -9.61
C ARG C 78 -0.68 2.66 -10.08
N SER C 79 0.31 3.21 -9.37
CA SER C 79 1.72 2.95 -9.67
C SER C 79 2.06 1.47 -9.41
N ASP C 80 1.51 0.92 -8.32
CA ASP C 80 1.75 -0.50 -7.97
C ASP C 80 1.16 -1.46 -9.05
N HIS C 81 0.02 -1.07 -9.65
CA HIS C 81 -0.54 -1.81 -10.83
C HIS C 81 0.38 -1.68 -12.05
N LEU C 82 0.90 -0.46 -12.28
CA LEU C 82 1.78 -0.21 -13.43
C LEU C 82 3.10 -0.96 -13.29
N LYS C 83 3.72 -0.88 -12.09
CA LYS C 83 4.96 -1.62 -11.80
C LYS C 83 4.73 -3.13 -11.86
N THR C 84 3.53 -3.56 -11.47
CA THR C 84 3.14 -4.96 -11.57
C THR C 84 3.00 -5.38 -13.06
N HIS C 85 2.26 -4.57 -13.82
CA HIS C 85 2.08 -4.80 -15.26
C HIS C 85 3.42 -4.72 -16.01
N THR C 86 4.31 -3.85 -15.52
CA THR C 86 5.64 -3.70 -16.09
C THR C 86 6.37 -5.05 -16.15
N ARG C 87 6.22 -5.88 -15.09
CA ARG C 87 6.89 -7.20 -15.03
C ARG C 87 6.40 -8.13 -16.16
N THR C 88 5.19 -7.87 -16.68
CA THR C 88 4.64 -8.66 -17.82
C THR C 88 5.47 -8.44 -19.10
N HIS C 89 6.08 -7.24 -19.23
CA HIS C 89 6.99 -6.95 -20.35
C HIS C 89 8.46 -7.21 -19.95
N THR C 90 8.73 -7.17 -18.64
CA THR C 90 10.11 -7.20 -18.13
C THR C 90 10.57 -8.64 -17.83
N GLY C 91 9.66 -9.61 -17.93
CA GLY C 91 9.99 -11.02 -17.63
C GLY C 91 10.37 -11.23 -16.15
N GLU C 92 10.07 -10.23 -15.31
CA GLU C 92 10.47 -10.24 -13.91
C GLU C 92 9.54 -11.12 -13.07
N LYS C 93 9.90 -12.41 -12.93
CA LYS C 93 9.14 -13.37 -12.12
C LYS C 93 9.99 -13.89 -10.95
N PRO C 94 10.12 -13.09 -9.86
CA PRO C 94 10.95 -13.45 -8.72
C PRO C 94 10.25 -14.43 -7.75
N PHE C 95 8.91 -14.43 -7.76
CA PHE C 95 8.14 -15.27 -6.82
C PHE C 95 8.13 -16.74 -7.27
N SER C 96 9.23 -17.44 -7.03
CA SER C 96 9.35 -18.86 -7.36
C SER C 96 8.72 -19.73 -6.26
N CYS C 97 8.11 -20.84 -6.67
CA CYS C 97 7.47 -21.76 -5.72
C CYS C 97 8.52 -22.48 -4.87
N ARG C 98 8.08 -23.01 -3.72
CA ARG C 98 8.96 -23.66 -2.76
C ARG C 98 8.44 -25.06 -2.40
N TRP C 99 7.50 -25.57 -3.19
CA TRP C 99 6.95 -26.91 -2.99
C TRP C 99 8.03 -27.99 -3.20
N PRO C 100 7.81 -29.22 -2.67
CA PRO C 100 8.83 -30.29 -2.66
C PRO C 100 9.49 -30.53 -4.02
N SER C 101 8.73 -30.32 -5.11
CA SER C 101 9.25 -30.48 -6.47
C SER C 101 8.59 -29.48 -7.43
N CYS C 102 9.09 -28.23 -7.43
CA CYS C 102 8.55 -27.19 -8.28
C CYS C 102 9.65 -26.19 -8.70
N GLN C 103 9.42 -25.52 -9.84
CA GLN C 103 10.29 -24.44 -10.31
C GLN C 103 9.45 -23.35 -11.03
N LYS C 104 8.15 -23.30 -10.72
CA LYS C 104 7.24 -22.31 -11.33
C LYS C 104 7.44 -20.95 -10.67
N LYS C 105 7.46 -19.90 -11.48
CA LYS C 105 7.79 -18.55 -11.01
C LYS C 105 6.72 -17.55 -11.43
N PHE C 106 6.45 -16.59 -10.55
CA PHE C 106 5.41 -15.59 -10.79
C PHE C 106 5.95 -14.18 -10.57
N ALA C 107 5.24 -13.20 -11.09
CA ALA C 107 5.64 -11.80 -10.98
C ALA C 107 4.86 -11.08 -9.87
N ARG C 108 3.97 -11.82 -9.19
CA ARG C 108 3.18 -11.28 -8.10
C ARG C 108 3.15 -12.26 -6.93
N SER C 109 3.29 -11.73 -5.71
CA SER C 109 3.27 -12.54 -4.51
C SER C 109 1.97 -13.33 -4.40
N ASP C 110 0.84 -12.66 -4.68
CA ASP C 110 -0.48 -13.31 -4.65
C ASP C 110 -0.63 -14.36 -5.78
N GLU C 111 0.00 -14.11 -6.96
CA GLU C 111 0.00 -15.12 -8.05
C GLU C 111 0.68 -16.40 -7.57
N LEU C 112 1.77 -16.26 -6.80
CA LEU C 112 2.44 -17.42 -6.20
C LEU C 112 1.54 -18.08 -5.12
N VAL C 113 0.89 -17.26 -4.28
CA VAL C 113 -0.08 -17.79 -3.27
C VAL C 113 -1.19 -18.58 -3.97
N ARG C 114 -1.67 -18.06 -5.10
CA ARG C 114 -2.66 -18.77 -5.91
C ARG C 114 -2.08 -20.08 -6.46
N HIS C 115 -0.86 -20.02 -7.00
CA HIS C 115 -0.18 -21.22 -7.52
C HIS C 115 -0.11 -22.31 -6.45
N HIS C 116 0.34 -21.95 -5.25
CA HIS C 116 0.38 -22.88 -4.12
C HIS C 116 -1.03 -23.45 -3.84
N ASN C 117 -2.07 -22.60 -3.94
CA ASN C 117 -3.45 -23.01 -3.68
C ASN C 117 -3.97 -23.99 -4.76
N MET C 118 -3.26 -24.04 -5.90
CA MET C 118 -3.62 -24.94 -7.01
C MET C 118 -2.58 -26.08 -7.15
N HIS C 119 -1.59 -26.11 -6.24
CA HIS C 119 -0.46 -27.03 -6.37
C HIS C 119 -0.90 -28.48 -6.11
N ALA C 1 24.89 7.88 16.82
CA ALA C 1 25.14 9.19 17.44
C ALA C 1 24.39 10.31 16.67
N SER C 2 23.72 9.94 15.57
CA SER C 2 22.96 10.90 14.76
C SER C 2 21.77 11.48 15.55
N GLU C 3 21.13 10.62 16.37
CA GLU C 3 19.98 11.02 17.18
C GLU C 3 20.44 11.62 18.53
N LYS C 4 21.44 12.50 18.49
CA LYS C 4 22.02 13.13 19.70
C LYS C 4 21.09 14.26 20.24
N ARG C 5 19.79 13.94 20.40
CA ARG C 5 18.80 14.90 20.92
C ARG C 5 17.55 14.16 21.43
N PRO C 6 16.81 14.77 22.38
CA PRO C 6 15.53 14.25 22.84
C PRO C 6 14.39 14.56 21.84
N PHE C 7 13.21 14.00 22.09
CA PHE C 7 12.03 14.28 21.26
C PHE C 7 10.77 14.41 22.13
N MET C 8 9.83 15.25 21.71
CA MET C 8 8.48 15.29 22.34
C MET C 8 7.40 15.40 21.30
N CYS C 9 6.22 14.87 21.63
CA CYS C 9 5.04 15.08 20.82
C CYS C 9 4.65 16.57 20.82
N ALA C 10 4.11 17.03 19.69
CA ALA C 10 3.63 18.41 19.56
C ALA C 10 2.21 18.45 18.96
N TYR C 11 1.53 17.30 18.96
CA TYR C 11 0.11 17.27 18.63
C TYR C 11 -0.71 17.88 19.78
N PRO C 12 -1.40 19.02 19.54
CA PRO C 12 -2.16 19.71 20.58
C PRO C 12 -3.26 18.82 21.17
N GLY C 13 -2.94 18.15 22.29
CA GLY C 13 -3.79 17.10 22.83
C GLY C 13 -2.91 16.04 23.54
N CYS C 14 -1.61 15.99 23.13
CA CYS C 14 -0.56 15.23 23.79
C CYS C 14 0.73 16.12 23.92
N ASN C 15 1.79 15.58 24.52
CA ASN C 15 3.10 16.27 24.58
C ASN C 15 4.20 15.35 25.19
N LYS C 16 4.08 14.03 24.98
CA LYS C 16 4.94 13.07 25.65
C LYS C 16 6.32 13.10 25.10
N ARG C 17 7.30 12.78 25.94
CA ARG C 17 8.70 12.88 25.56
C ARG C 17 9.25 11.52 25.17
N TYR C 18 9.84 11.46 23.98
CA TYR C 18 10.43 10.27 23.42
C TYR C 18 11.96 10.41 23.34
N PHE C 19 12.64 9.30 23.03
CA PHE C 19 14.10 9.27 22.97
C PHE C 19 14.60 8.95 21.56
N LYS C 20 13.80 8.19 20.78
CA LYS C 20 14.15 7.83 19.40
C LYS C 20 13.28 8.61 18.41
N LEU C 21 13.91 9.16 17.38
CA LEU C 21 13.19 9.90 16.34
C LEU C 21 12.11 9.01 15.71
N SER C 22 12.50 7.81 15.29
CA SER C 22 11.60 6.88 14.60
C SER C 22 10.51 6.33 15.54
N HIS C 23 10.87 6.11 16.81
CA HIS C 23 9.90 5.60 17.78
C HIS C 23 8.89 6.71 18.16
N LEU C 24 9.34 7.96 18.11
CA LEU C 24 8.45 9.11 18.21
C LEU C 24 7.60 9.28 16.92
N GLN C 25 8.24 9.07 15.76
CA GLN C 25 7.53 9.13 14.47
C GLN C 25 6.41 8.06 14.42
N MET C 26 6.69 6.87 14.98
CA MET C 26 5.66 5.84 15.16
C MET C 26 4.54 6.36 16.06
N HIS C 27 4.90 7.00 17.20
CA HIS C 27 3.90 7.59 18.10
C HIS C 27 3.01 8.61 17.35
N SER C 28 3.65 9.42 16.48
CA SER C 28 2.92 10.44 15.73
C SER C 28 1.81 9.83 14.88
N ARG C 29 2.04 8.60 14.36
CA ARG C 29 1.05 7.93 13.53
C ARG C 29 -0.30 7.82 14.26
N LYS C 30 -0.24 7.55 15.59
CA LYS C 30 -1.45 7.47 16.42
C LYS C 30 -2.26 8.78 16.39
N HIS C 31 -1.56 9.90 16.17
CA HIS C 31 -2.20 11.23 16.12
C HIS C 31 -2.66 11.60 14.71
N THR C 32 -2.11 10.95 13.67
CA THR C 32 -2.51 11.28 12.27
C THR C 32 -4.00 11.00 12.05
N GLY C 33 -4.57 10.10 12.88
CA GLY C 33 -6.02 9.82 12.83
C GLY C 33 -6.84 10.84 13.65
N GLU C 34 -6.19 11.93 14.09
CA GLU C 34 -6.88 12.99 14.87
C GLU C 34 -8.06 13.60 14.07
N LYS C 35 -7.92 13.62 12.72
CA LYS C 35 -9.01 14.06 11.83
C LYS C 35 -9.01 13.24 10.52
N PRO C 36 -9.74 12.10 10.50
CA PRO C 36 -9.82 11.25 9.32
C PRO C 36 -10.69 11.89 8.21
N TYR C 37 -10.32 11.64 6.96
CA TYR C 37 -11.07 12.17 5.82
C TYR C 37 -12.30 11.29 5.52
N GLN C 38 -13.24 11.82 4.75
CA GLN C 38 -14.36 11.04 4.21
C GLN C 38 -14.54 11.30 2.72
N CYS C 39 -15.13 10.33 2.01
CA CYS C 39 -15.51 10.52 0.60
C CYS C 39 -16.59 11.62 0.47
N ASP C 40 -16.76 12.13 -0.75
CA ASP C 40 -17.74 13.18 -1.03
C ASP C 40 -18.69 12.75 -2.17
N PHE C 41 -18.57 11.50 -2.63
CA PHE C 41 -19.40 10.98 -3.72
C PHE C 41 -20.89 10.94 -3.30
N LYS C 42 -21.78 11.07 -4.30
CA LYS C 42 -23.22 11.26 -4.05
C LYS C 42 -23.87 10.02 -3.36
N ASP C 43 -23.14 8.89 -3.37
CA ASP C 43 -23.66 7.64 -2.78
C ASP C 43 -22.57 6.91 -1.96
N CYS C 44 -21.69 7.71 -1.30
CA CYS C 44 -20.62 7.15 -0.46
C CYS C 44 -20.53 7.91 0.87
N GLU C 45 -19.92 7.26 1.86
CA GLU C 45 -19.65 7.87 3.16
C GLU C 45 -18.45 7.16 3.86
N ARG C 46 -17.53 6.61 3.05
CA ARG C 46 -16.35 5.91 3.57
C ARG C 46 -15.32 6.90 4.07
N ARG C 47 -14.56 6.49 5.10
CA ARG C 47 -13.52 7.34 5.68
C ARG C 47 -12.14 6.72 5.51
N PHE C 48 -11.12 7.58 5.46
CA PHE C 48 -9.73 7.14 5.31
C PHE C 48 -8.82 7.96 6.22
N SER C 49 -7.84 7.28 6.84
CA SER C 49 -6.91 7.95 7.76
C SER C 49 -5.68 8.50 7.02
N ARG C 50 -5.67 8.38 5.68
CA ARG C 50 -4.59 8.92 4.85
C ARG C 50 -5.15 9.52 3.56
N SER C 51 -4.62 10.68 3.18
CA SER C 51 -5.10 11.41 2.02
C SER C 51 -4.97 10.58 0.74
N ASP C 52 -3.82 9.91 0.56
CA ASP C 52 -3.57 9.13 -0.65
C ASP C 52 -4.54 7.94 -0.75
N GLN C 53 -4.92 7.37 0.41
CA GLN C 53 -5.94 6.30 0.45
C GLN C 53 -7.30 6.83 0.00
N LEU C 54 -7.69 8.01 0.51
CA LEU C 54 -8.93 8.68 0.07
C LEU C 54 -8.87 9.01 -1.44
N LYS C 55 -7.74 9.61 -1.87
CA LYS C 55 -7.55 9.96 -3.29
C LYS C 55 -7.68 8.72 -4.19
N ARG C 56 -7.08 7.60 -3.76
CA ARG C 56 -7.22 6.32 -4.46
C ARG C 56 -8.69 5.87 -4.49
N HIS C 57 -9.35 5.94 -3.33
CA HIS C 57 -10.75 5.53 -3.21
C HIS C 57 -11.65 6.40 -4.12
N GLN C 58 -11.45 7.71 -4.07
CA GLN C 58 -12.11 8.65 -4.99
C GLN C 58 -11.86 8.25 -6.45
N ARG C 59 -10.65 7.76 -6.75
CA ARG C 59 -10.28 7.38 -8.13
C ARG C 59 -11.29 6.36 -8.70
N ARG C 60 -11.83 5.48 -7.83
CA ARG C 60 -12.87 4.51 -8.24
C ARG C 60 -14.16 5.23 -8.69
N HIS C 61 -14.52 6.32 -7.99
CA HIS C 61 -15.75 7.06 -8.27
C HIS C 61 -15.58 8.03 -9.46
N THR C 62 -14.31 8.25 -9.87
CA THR C 62 -13.99 9.29 -10.86
C THR C 62 -13.35 8.70 -12.13
N GLY C 63 -13.05 7.39 -12.10
CA GLY C 63 -12.58 6.67 -13.32
C GLY C 63 -11.22 7.17 -13.86
N VAL C 64 -10.52 8.01 -13.07
CA VAL C 64 -9.27 8.62 -13.52
C VAL C 64 -8.10 7.61 -13.47
N LYS C 65 -7.42 7.44 -14.61
CA LYS C 65 -6.21 6.61 -14.69
C LYS C 65 -4.99 7.47 -15.10
N PRO C 66 -4.30 8.09 -14.11
CA PRO C 66 -3.27 9.08 -14.39
C PRO C 66 -1.89 8.48 -14.68
N PHE C 67 -1.71 7.17 -14.38
CA PHE C 67 -0.45 6.49 -14.69
C PHE C 67 -0.50 5.87 -16.09
N GLN C 68 0.56 6.06 -16.88
CA GLN C 68 0.63 5.46 -18.23
C GLN C 68 1.89 4.61 -18.41
N CYS C 69 1.74 3.45 -19.07
CA CYS C 69 2.88 2.60 -19.43
C CYS C 69 3.79 3.32 -20.43
N LYS C 70 5.09 3.02 -20.35
CA LYS C 70 6.07 3.59 -21.30
C LYS C 70 6.30 2.64 -22.49
N THR C 71 5.66 1.46 -22.43
CA THR C 71 5.86 0.41 -23.45
C THR C 71 4.61 0.29 -24.35
N CYS C 72 3.51 -0.24 -23.80
CA CYS C 72 2.25 -0.39 -24.55
C CYS C 72 1.37 0.88 -24.45
N GLN C 73 1.84 1.86 -23.64
CA GLN C 73 1.14 3.14 -23.46
C GLN C 73 -0.28 2.92 -22.86
N ARG C 74 -0.46 1.81 -22.11
CA ARG C 74 -1.73 1.53 -21.42
C ARG C 74 -1.81 2.32 -20.12
N LYS C 75 -3.01 2.83 -19.81
CA LYS C 75 -3.21 3.65 -18.62
C LYS C 75 -3.69 2.79 -17.43
N PHE C 76 -3.26 3.18 -16.23
CA PHE C 76 -3.67 2.55 -14.98
C PHE C 76 -3.94 3.62 -13.90
N SER C 77 -4.64 3.22 -12.84
CA SER C 77 -5.07 4.15 -11.80
C SER C 77 -4.11 4.16 -10.60
N ARG C 78 -3.17 3.19 -10.57
CA ARG C 78 -2.22 3.05 -9.44
C ARG C 78 -0.83 2.70 -9.96
N SER C 79 0.19 3.37 -9.40
CA SER C 79 1.59 3.10 -9.74
C SER C 79 1.96 1.64 -9.41
N ASP C 80 1.38 1.10 -8.33
CA ASP C 80 1.65 -0.31 -7.93
C ASP C 80 1.12 -1.30 -9.01
N HIS C 81 -0.08 -1.02 -9.58
CA HIS C 81 -0.60 -1.78 -10.74
C HIS C 81 0.30 -1.59 -11.96
N LEU C 82 0.71 -0.34 -12.22
CA LEU C 82 1.53 -0.02 -13.40
C LEU C 82 2.88 -0.75 -13.32
N LYS C 83 3.55 -0.65 -12.15
CA LYS C 83 4.82 -1.34 -11.92
C LYS C 83 4.63 -2.87 -11.98
N THR C 84 3.46 -3.35 -11.55
CA THR C 84 3.13 -4.77 -11.64
C THR C 84 2.94 -5.19 -13.11
N HIS C 85 2.13 -4.41 -13.86
CA HIS C 85 1.91 -4.64 -15.29
C HIS C 85 3.22 -4.49 -16.07
N THR C 86 4.10 -3.61 -15.60
CA THR C 86 5.41 -3.39 -16.21
C THR C 86 6.17 -4.69 -16.33
N ARG C 87 6.09 -5.55 -15.30
CA ARG C 87 6.85 -6.80 -15.26
C ARG C 87 6.45 -7.73 -16.42
N THR C 88 5.23 -7.56 -16.96
CA THR C 88 4.79 -8.34 -18.14
C THR C 88 5.71 -8.09 -19.35
N HIS C 89 6.29 -6.87 -19.41
CA HIS C 89 7.22 -6.51 -20.49
C HIS C 89 8.68 -6.88 -20.12
N THR C 90 8.97 -6.97 -18.81
CA THR C 90 10.35 -7.24 -18.33
C THR C 90 10.57 -8.73 -18.03
N GLY C 91 9.50 -9.54 -18.17
CA GLY C 91 9.57 -10.98 -17.83
C GLY C 91 10.02 -11.23 -16.37
N GLU C 92 9.91 -10.21 -15.51
CA GLU C 92 10.45 -10.25 -14.15
C GLU C 92 9.58 -11.12 -13.24
N LYS C 93 9.80 -12.44 -13.32
CA LYS C 93 9.05 -13.41 -12.49
C LYS C 93 9.95 -14.03 -11.41
N PRO C 94 10.13 -13.34 -10.25
CA PRO C 94 10.98 -13.83 -9.17
C PRO C 94 10.25 -14.80 -8.22
N PHE C 95 8.91 -14.69 -8.12
CA PHE C 95 8.13 -15.47 -7.14
C PHE C 95 8.00 -16.94 -7.58
N SER C 96 9.04 -17.72 -7.30
CA SER C 96 9.08 -19.14 -7.71
C SER C 96 8.42 -20.03 -6.65
N CYS C 97 7.75 -21.10 -7.11
CA CYS C 97 7.09 -22.05 -6.22
C CYS C 97 8.12 -22.89 -5.46
N ARG C 98 7.67 -23.50 -4.36
CA ARG C 98 8.54 -24.25 -3.45
C ARG C 98 8.00 -25.67 -3.21
N TRP C 99 6.97 -26.04 -3.97
CA TRP C 99 6.32 -27.34 -3.81
C TRP C 99 7.26 -28.48 -4.27
N PRO C 100 7.17 -29.67 -3.63
CA PRO C 100 8.08 -30.80 -3.90
C PRO C 100 7.76 -31.51 -5.24
N SER C 101 7.18 -30.77 -6.19
CA SER C 101 6.88 -31.29 -7.53
C SER C 101 6.62 -30.14 -8.52
N CYS C 102 7.22 -28.97 -8.24
CA CYS C 102 7.01 -27.77 -9.06
C CYS C 102 8.34 -27.02 -9.29
N GLN C 103 8.26 -25.94 -10.07
CA GLN C 103 9.41 -25.07 -10.38
C GLN C 103 8.95 -23.84 -11.21
N LYS C 104 7.67 -23.45 -11.03
CA LYS C 104 7.07 -22.36 -11.80
C LYS C 104 7.30 -21.03 -11.09
N LYS C 105 7.34 -19.94 -11.86
CA LYS C 105 7.62 -18.61 -11.32
C LYS C 105 6.58 -17.59 -11.74
N PHE C 106 6.34 -16.62 -10.86
CA PHE C 106 5.34 -15.57 -11.08
C PHE C 106 5.93 -14.19 -10.85
N ALA C 107 5.24 -13.16 -11.33
CA ALA C 107 5.70 -11.78 -11.19
C ALA C 107 4.95 -11.04 -10.07
N ARG C 108 4.02 -11.74 -9.41
CA ARG C 108 3.27 -11.19 -8.28
C ARG C 108 3.24 -12.18 -7.12
N SER C 109 3.40 -11.65 -5.91
CA SER C 109 3.38 -12.47 -4.71
C SER C 109 2.04 -13.21 -4.57
N ASP C 110 0.93 -12.50 -4.86
CA ASP C 110 -0.40 -13.11 -4.79
C ASP C 110 -0.58 -14.19 -5.90
N GLU C 111 0.04 -13.98 -7.08
CA GLU C 111 -0.01 -14.99 -8.16
C GLU C 111 0.63 -16.29 -7.67
N LEU C 112 1.76 -16.18 -6.97
CA LEU C 112 2.40 -17.35 -6.35
C LEU C 112 1.48 -17.98 -5.27
N VAL C 113 0.85 -17.13 -4.43
CA VAL C 113 -0.14 -17.61 -3.43
C VAL C 113 -1.29 -18.36 -4.12
N ARG C 114 -1.78 -17.80 -5.23
CA ARG C 114 -2.85 -18.40 -6.01
C ARG C 114 -2.38 -19.68 -6.72
N HIS C 115 -1.10 -19.68 -7.13
CA HIS C 115 -0.54 -20.86 -7.80
C HIS C 115 -0.45 -22.03 -6.84
N HIS C 116 -0.01 -21.76 -5.60
CA HIS C 116 -0.02 -22.75 -4.54
C HIS C 116 -1.46 -23.32 -4.34
N ASN C 117 -2.49 -22.48 -4.54
CA ASN C 117 -3.88 -22.92 -4.41
C ASN C 117 -4.26 -23.93 -5.52
N MET C 118 -3.45 -24.00 -6.60
CA MET C 118 -3.65 -24.98 -7.67
C MET C 118 -3.06 -26.35 -7.27
N HIS C 119 -2.15 -26.36 -6.28
CA HIS C 119 -1.56 -27.59 -5.76
C HIS C 119 -2.43 -28.17 -4.64
N ALA C 1 1.61 20.75 29.69
CA ALA C 1 2.44 21.03 28.53
C ALA C 1 3.42 22.20 28.81
N SER C 2 3.13 22.97 29.87
CA SER C 2 4.00 24.10 30.28
C SER C 2 5.26 23.60 31.03
N GLU C 3 5.44 22.28 31.10
CA GLU C 3 6.55 21.67 31.84
C GLU C 3 6.91 20.29 31.23
N LYS C 4 7.99 19.69 31.74
CA LYS C 4 8.50 18.40 31.23
C LYS C 4 7.66 17.21 31.74
N ARG C 5 6.32 17.32 31.63
CA ARG C 5 5.40 16.22 31.96
C ARG C 5 5.44 15.14 30.84
N PRO C 6 4.90 13.93 31.12
CA PRO C 6 4.87 12.84 30.13
C PRO C 6 4.11 13.22 28.85
N PHE C 7 4.44 12.55 27.75
CA PHE C 7 3.76 12.78 26.47
C PHE C 7 2.56 11.85 26.34
N MET C 8 1.60 12.21 25.49
CA MET C 8 0.52 11.29 25.12
C MET C 8 0.27 11.35 23.62
N CYS C 9 -0.26 10.26 23.07
CA CYS C 9 -0.64 10.21 21.67
C CYS C 9 -1.90 11.08 21.39
N ALA C 10 -2.08 11.47 20.12
CA ALA C 10 -3.23 12.28 19.70
C ALA C 10 -4.07 11.53 18.63
N TYR C 11 -4.01 10.18 18.64
CA TYR C 11 -4.81 9.35 17.74
C TYR C 11 -6.00 8.71 18.51
N PRO C 12 -7.23 8.78 17.93
CA PRO C 12 -8.45 8.34 18.62
C PRO C 12 -8.56 6.79 18.77
N GLY C 13 -7.53 6.06 18.30
CA GLY C 13 -7.44 4.61 18.58
C GLY C 13 -6.21 4.30 19.47
N CYS C 14 -5.79 5.30 20.26
CA CYS C 14 -4.62 5.19 21.11
C CYS C 14 -4.71 6.14 22.31
N ASN C 15 -4.25 7.39 22.12
CA ASN C 15 -4.12 8.36 23.21
C ASN C 15 -3.44 7.71 24.45
N LYS C 16 -2.39 6.92 24.20
CA LYS C 16 -1.56 6.36 25.28
C LYS C 16 -0.49 7.35 25.69
N ARG C 17 0.32 6.98 26.68
CA ARG C 17 1.33 7.89 27.25
C ARG C 17 2.75 7.42 26.94
N TYR C 18 3.57 8.35 26.43
CA TYR C 18 4.95 8.08 26.06
C TYR C 18 5.93 8.85 26.97
N PHE C 19 7.20 8.43 26.96
CA PHE C 19 8.22 9.03 27.82
C PHE C 19 9.31 9.70 26.98
N LYS C 20 9.77 9.02 25.93
CA LYS C 20 10.74 9.60 24.99
C LYS C 20 10.02 10.41 23.93
N LEU C 21 10.33 11.69 23.84
CA LEU C 21 9.77 12.56 22.80
C LEU C 21 9.95 11.91 21.39
N SER C 22 11.15 11.38 21.14
CA SER C 22 11.49 10.75 19.85
C SER C 22 10.72 9.43 19.62
N HIS C 23 10.59 8.61 20.68
CA HIS C 23 9.87 7.32 20.55
C HIS C 23 8.37 7.57 20.36
N LEU C 24 7.89 8.69 20.91
CA LEU C 24 6.54 9.18 20.64
C LEU C 24 6.45 9.78 19.21
N GLN C 25 7.47 10.54 18.80
CA GLN C 25 7.53 11.11 17.46
C GLN C 25 7.48 10.01 16.39
N MET C 26 8.25 8.93 16.60
CA MET C 26 8.20 7.76 15.71
C MET C 26 6.84 7.05 15.83
N HIS C 27 6.29 6.97 17.06
CA HIS C 27 4.98 6.36 17.28
C HIS C 27 3.91 7.07 16.43
N SER C 28 4.03 8.40 16.32
CA SER C 28 3.07 9.20 15.56
C SER C 28 3.02 8.74 14.09
N ARG C 29 4.19 8.33 13.54
CA ARG C 29 4.27 7.86 12.14
C ARG C 29 3.29 6.71 11.89
N LYS C 30 3.14 5.81 12.88
CA LYS C 30 2.26 4.65 12.75
C LYS C 30 0.81 5.08 12.53
N HIS C 31 0.41 6.20 13.16
CA HIS C 31 -0.97 6.66 13.09
C HIS C 31 -1.23 7.48 11.81
N THR C 32 -0.16 8.10 11.26
CA THR C 32 -0.27 8.77 9.92
C THR C 32 -0.83 7.79 8.85
N GLY C 33 -0.59 6.48 9.06
CA GLY C 33 -1.13 5.45 8.15
C GLY C 33 -2.49 4.90 8.62
N GLU C 34 -3.07 5.53 9.64
CA GLU C 34 -4.34 5.09 10.23
C GLU C 34 -5.31 6.29 10.40
N LYS C 35 -5.04 7.39 9.66
CA LYS C 35 -5.88 8.59 9.75
C LYS C 35 -7.26 8.34 9.08
N PRO C 36 -8.36 8.39 9.86
CA PRO C 36 -9.70 8.11 9.35
C PRO C 36 -10.19 9.16 8.34
N TYR C 37 -10.30 8.75 7.08
CA TYR C 37 -10.91 9.59 6.02
C TYR C 37 -12.17 8.91 5.44
N GLN C 38 -12.96 9.67 4.67
CA GLN C 38 -14.08 9.11 3.87
C GLN C 38 -14.03 9.67 2.45
N CYS C 39 -14.54 8.88 1.50
CA CYS C 39 -14.57 9.27 0.08
C CYS C 39 -15.11 10.72 -0.09
N ASP C 40 -14.37 11.55 -0.84
CA ASP C 40 -14.75 12.94 -1.09
C ASP C 40 -15.96 13.02 -2.05
N PHE C 41 -16.29 11.90 -2.70
CA PHE C 41 -17.45 11.82 -3.60
C PHE C 41 -18.76 12.13 -2.83
N LYS C 42 -18.74 11.91 -1.49
CA LYS C 42 -19.86 12.31 -0.58
C LYS C 42 -21.09 11.40 -0.74
N ASP C 43 -21.45 11.08 -1.99
CA ASP C 43 -22.47 10.06 -2.28
C ASP C 43 -21.93 8.65 -1.93
N CYS C 44 -20.60 8.54 -1.83
CA CYS C 44 -19.94 7.31 -1.41
C CYS C 44 -19.86 7.23 0.14
N GLU C 45 -19.58 6.03 0.65
CA GLU C 45 -19.50 5.79 2.10
C GLU C 45 -18.27 4.92 2.46
N ARG C 46 -17.28 4.90 1.56
CA ARG C 46 -16.05 4.14 1.79
C ARG C 46 -15.05 4.98 2.56
N ARG C 47 -14.47 4.39 3.60
CA ARG C 47 -13.52 5.09 4.46
C ARG C 47 -12.10 4.56 4.21
N PHE C 48 -11.12 5.42 4.46
CA PHE C 48 -9.71 5.11 4.21
C PHE C 48 -8.87 5.49 5.42
N SER C 49 -7.63 4.99 5.47
CA SER C 49 -6.76 5.19 6.63
C SER C 49 -5.62 6.18 6.32
N ARG C 50 -5.67 6.83 5.14
CA ARG C 50 -4.69 7.85 4.75
C ARG C 50 -5.21 8.70 3.59
N SER C 51 -4.70 9.94 3.48
CA SER C 51 -5.07 10.84 2.39
C SER C 51 -4.69 10.25 1.04
N ASP C 52 -3.60 9.47 1.00
CA ASP C 52 -3.15 8.84 -0.24
C ASP C 52 -4.16 7.78 -0.73
N GLN C 53 -4.68 6.99 0.21
CA GLN C 53 -5.69 5.98 -0.11
C GLN C 53 -6.98 6.64 -0.58
N LEU C 54 -7.39 7.70 0.12
CA LEU C 54 -8.60 8.46 -0.23
C LEU C 54 -8.44 9.12 -1.63
N LYS C 55 -7.31 9.80 -1.86
CA LYS C 55 -7.03 10.44 -3.17
C LYS C 55 -6.92 9.39 -4.28
N ARG C 56 -6.28 8.25 -3.98
CA ARG C 56 -6.27 7.10 -4.88
C ARG C 56 -7.72 6.66 -5.18
N HIS C 57 -8.53 6.54 -4.13
CA HIS C 57 -9.91 6.07 -4.27
C HIS C 57 -10.73 7.00 -5.18
N GLN C 58 -10.48 8.32 -5.07
CA GLN C 58 -11.15 9.30 -5.94
C GLN C 58 -10.95 8.95 -7.44
N ARG C 59 -9.75 8.44 -7.80
CA ARG C 59 -9.47 8.06 -9.19
C ARG C 59 -10.51 7.02 -9.72
N ARG C 60 -11.01 6.15 -8.81
CA ARG C 60 -12.07 5.18 -9.16
C ARG C 60 -13.39 5.89 -9.53
N HIS C 61 -13.70 6.99 -8.80
CA HIS C 61 -14.97 7.71 -9.00
C HIS C 61 -14.86 8.69 -10.17
N THR C 62 -13.65 9.23 -10.38
CA THR C 62 -13.42 10.22 -11.44
C THR C 62 -13.20 9.54 -12.80
N GLY C 63 -12.50 8.39 -12.80
CA GLY C 63 -12.29 7.62 -14.03
C GLY C 63 -10.86 7.79 -14.61
N VAL C 64 -10.04 8.61 -13.96
CA VAL C 64 -8.70 8.95 -14.46
C VAL C 64 -7.72 7.77 -14.27
N LYS C 65 -6.81 7.61 -15.24
CA LYS C 65 -5.73 6.61 -15.17
C LYS C 65 -4.39 7.25 -15.57
N PRO C 66 -3.70 7.93 -14.62
CA PRO C 66 -2.54 8.76 -14.94
C PRO C 66 -1.24 7.95 -15.20
N PHE C 67 -1.24 6.67 -14.82
CA PHE C 67 -0.03 5.82 -15.00
C PHE C 67 -0.08 5.08 -16.34
N GLN C 68 0.64 5.58 -17.35
CA GLN C 68 0.61 4.99 -18.71
C GLN C 68 1.89 4.22 -18.99
N CYS C 69 1.74 3.01 -19.57
CA CYS C 69 2.87 2.18 -19.95
C CYS C 69 3.68 2.88 -21.06
N LYS C 70 5.00 2.64 -21.06
CA LYS C 70 5.89 3.18 -22.10
C LYS C 70 6.09 2.16 -23.23
N THR C 71 5.49 0.97 -23.07
CA THR C 71 5.64 -0.13 -24.04
C THR C 71 4.34 -0.31 -24.84
N CYS C 72 3.28 -0.82 -24.18
CA CYS C 72 1.98 -1.03 -24.83
C CYS C 72 1.15 0.27 -24.86
N GLN C 73 1.55 1.27 -24.03
CA GLN C 73 0.87 2.59 -23.96
C GLN C 73 -0.46 2.50 -23.17
N ARG C 74 -0.68 1.39 -22.45
CA ARG C 74 -1.92 1.18 -21.70
C ARG C 74 -1.90 1.95 -20.39
N LYS C 75 -3.06 2.50 -20.01
CA LYS C 75 -3.15 3.35 -18.82
C LYS C 75 -3.68 2.55 -17.61
N PHE C 76 -3.19 2.93 -16.43
CA PHE C 76 -3.57 2.34 -15.16
C PHE C 76 -3.78 3.44 -14.11
N SER C 77 -4.47 3.10 -13.03
CA SER C 77 -4.84 4.09 -12.01
C SER C 77 -3.93 3.99 -10.77
N ARG C 78 -3.01 3.02 -10.74
CA ARG C 78 -2.11 2.84 -9.59
C ARG C 78 -0.68 2.53 -10.03
N SER C 79 0.27 3.28 -9.47
CA SER C 79 1.72 3.08 -9.73
C SER C 79 2.11 1.60 -9.50
N ASP C 80 1.62 1.01 -8.41
CA ASP C 80 1.92 -0.39 -8.05
C ASP C 80 1.40 -1.39 -9.15
N HIS C 81 0.27 -1.07 -9.77
CA HIS C 81 -0.31 -1.89 -10.85
C HIS C 81 0.43 -1.67 -12.16
N LEU C 82 0.89 -0.43 -12.41
CA LEU C 82 1.72 -0.14 -13.59
C LEU C 82 3.10 -0.81 -13.46
N LYS C 83 3.70 -0.71 -12.26
CA LYS C 83 4.97 -1.40 -11.96
C LYS C 83 4.81 -2.92 -12.03
N THR C 84 3.62 -3.41 -11.65
CA THR C 84 3.29 -4.83 -11.76
C THR C 84 3.13 -5.23 -13.24
N HIS C 85 2.33 -4.45 -13.98
CA HIS C 85 2.12 -4.68 -15.42
C HIS C 85 3.43 -4.54 -16.20
N THR C 86 4.33 -3.68 -15.71
CA THR C 86 5.65 -3.47 -16.30
C THR C 86 6.40 -4.81 -16.41
N ARG C 87 6.28 -5.66 -15.38
CA ARG C 87 6.97 -6.96 -15.35
C ARG C 87 6.51 -7.87 -16.51
N THR C 88 5.29 -7.60 -17.04
CA THR C 88 4.80 -8.29 -18.26
C THR C 88 5.76 -8.09 -19.43
N HIS C 89 6.27 -6.86 -19.58
CA HIS C 89 7.18 -6.52 -20.68
C HIS C 89 8.64 -6.74 -20.26
N THR C 90 8.89 -6.80 -18.95
CA THR C 90 10.26 -6.81 -18.40
C THR C 90 10.72 -8.24 -18.06
N GLY C 91 9.83 -9.23 -18.23
CA GLY C 91 10.16 -10.64 -17.89
C GLY C 91 10.52 -10.82 -16.39
N GLU C 92 10.19 -9.82 -15.57
CA GLU C 92 10.61 -9.78 -14.16
C GLU C 92 9.69 -10.66 -13.30
N LYS C 93 10.04 -11.95 -13.19
CA LYS C 93 9.27 -12.90 -12.36
C LYS C 93 10.14 -13.43 -11.20
N PRO C 94 10.22 -12.68 -10.08
CA PRO C 94 11.07 -13.03 -8.94
C PRO C 94 10.41 -14.05 -7.99
N PHE C 95 9.05 -14.08 -7.97
CA PHE C 95 8.32 -14.94 -7.01
C PHE C 95 8.38 -16.41 -7.42
N SER C 96 9.52 -17.05 -7.15
CA SER C 96 9.73 -18.46 -7.50
C SER C 96 9.08 -19.39 -6.48
N CYS C 97 8.57 -20.54 -6.94
CA CYS C 97 7.97 -21.55 -6.06
C CYS C 97 9.04 -22.23 -5.20
N ARG C 98 8.60 -22.87 -4.11
CA ARG C 98 9.50 -23.52 -3.16
C ARG C 98 9.11 -25.00 -2.95
N TRP C 99 8.16 -25.49 -3.76
CA TRP C 99 7.73 -26.88 -3.69
C TRP C 99 8.89 -27.82 -4.10
N PRO C 100 8.93 -29.05 -3.53
CA PRO C 100 10.06 -29.98 -3.72
C PRO C 100 10.13 -30.59 -5.14
N SER C 101 9.36 -30.03 -6.06
CA SER C 101 9.36 -30.49 -7.46
C SER C 101 9.03 -29.33 -8.43
N CYS C 102 9.30 -28.09 -8.01
CA CYS C 102 8.95 -26.90 -8.81
C CYS C 102 10.07 -25.85 -8.76
N GLN C 103 10.18 -25.07 -9.85
CA GLN C 103 11.04 -23.89 -9.90
C GLN C 103 10.36 -22.77 -10.75
N LYS C 104 9.01 -22.82 -10.83
CA LYS C 104 8.25 -21.86 -11.62
C LYS C 104 8.20 -20.52 -10.91
N LYS C 105 8.16 -19.44 -11.70
CA LYS C 105 8.29 -18.09 -11.15
C LYS C 105 7.15 -17.20 -11.60
N PHE C 106 6.75 -16.30 -10.71
CA PHE C 106 5.66 -15.35 -10.99
C PHE C 106 6.12 -13.91 -10.77
N ALA C 107 5.36 -12.97 -11.31
CA ALA C 107 5.69 -11.55 -11.20
C ALA C 107 4.88 -10.89 -10.06
N ARG C 108 4.02 -11.67 -9.39
CA ARG C 108 3.24 -11.18 -8.27
C ARG C 108 3.25 -12.19 -7.11
N SER C 109 3.32 -11.67 -5.88
CA SER C 109 3.33 -12.49 -4.69
C SER C 109 2.05 -13.36 -4.61
N ASP C 110 0.89 -12.75 -4.87
CA ASP C 110 -0.39 -13.46 -4.85
C ASP C 110 -0.48 -14.51 -5.98
N GLU C 111 0.13 -14.22 -7.16
CA GLU C 111 0.20 -15.20 -8.26
C GLU C 111 0.94 -16.46 -7.81
N LEU C 112 2.04 -16.27 -7.05
CA LEU C 112 2.77 -17.40 -6.46
C LEU C 112 1.87 -18.14 -5.44
N VAL C 113 1.15 -17.40 -4.58
CA VAL C 113 0.21 -18.02 -3.62
C VAL C 113 -0.84 -18.85 -4.36
N ARG C 114 -1.41 -18.26 -5.40
CA ARG C 114 -2.39 -18.95 -6.25
C ARG C 114 -1.79 -20.22 -6.86
N HIS C 115 -0.56 -20.11 -7.40
CA HIS C 115 0.15 -21.26 -7.97
C HIS C 115 0.26 -22.39 -6.95
N HIS C 116 0.72 -22.06 -5.72
CA HIS C 116 0.80 -23.04 -4.64
C HIS C 116 -0.60 -23.67 -4.37
N ASN C 117 -1.66 -22.85 -4.46
CA ASN C 117 -3.04 -23.31 -4.20
C ASN C 117 -3.51 -24.30 -5.30
N MET C 118 -2.80 -24.32 -6.43
CA MET C 118 -3.11 -25.21 -7.55
C MET C 118 -2.00 -26.27 -7.75
N HIS C 119 -1.03 -26.31 -6.82
CA HIS C 119 0.15 -27.16 -6.97
C HIS C 119 -0.22 -28.64 -6.79
N ALA C 1 15.37 12.01 34.21
CA ALA C 1 16.04 11.60 32.98
C ALA C 1 15.18 11.92 31.74
N SER C 2 13.91 12.30 31.97
CA SER C 2 12.97 12.64 30.88
C SER C 2 13.49 13.84 30.04
N GLU C 3 14.39 14.64 30.63
CA GLU C 3 15.00 15.78 29.94
C GLU C 3 15.84 15.32 28.72
N LYS C 4 16.35 14.08 28.79
CA LYS C 4 17.17 13.53 27.70
C LYS C 4 16.26 12.98 26.59
N ARG C 5 15.67 13.90 25.81
CA ARG C 5 14.69 13.54 24.78
C ARG C 5 15.07 14.16 23.41
N PRO C 6 15.90 13.43 22.61
CA PRO C 6 16.26 13.86 21.25
C PRO C 6 15.02 14.15 20.38
N PHE C 7 13.94 13.38 20.62
CA PHE C 7 12.65 13.66 20.02
C PHE C 7 11.52 13.44 21.04
N MET C 8 10.44 14.22 20.94
CA MET C 8 9.22 13.95 21.72
C MET C 8 7.99 14.11 20.85
N CYS C 9 6.95 13.37 21.20
CA CYS C 9 5.64 13.54 20.58
C CYS C 9 5.00 14.88 21.01
N ALA C 10 3.95 15.28 20.30
CA ALA C 10 3.28 16.56 20.55
C ALA C 10 1.78 16.48 20.14
N TYR C 11 1.26 15.26 19.93
CA TYR C 11 -0.18 15.07 19.69
C TYR C 11 -0.98 15.49 20.96
N PRO C 12 -2.23 16.02 20.78
CA PRO C 12 -3.03 16.56 21.91
C PRO C 12 -3.23 15.56 23.08
N GLY C 13 -2.86 14.28 22.87
CA GLY C 13 -3.01 13.24 23.91
C GLY C 13 -1.68 12.53 24.24
N CYS C 14 -0.55 13.06 23.73
CA CYS C 14 0.78 12.42 23.92
C CYS C 14 1.89 13.47 24.11
N ASN C 15 3.06 12.99 24.53
CA ASN C 15 4.25 13.86 24.74
C ASN C 15 5.51 12.98 25.01
N LYS C 16 5.47 11.73 24.53
CA LYS C 16 6.49 10.73 24.88
C LYS C 16 7.76 10.96 24.13
N ARG C 17 8.89 10.58 24.74
CA ARG C 17 10.20 10.91 24.20
C ARG C 17 10.79 9.73 23.41
N TYR C 18 11.18 10.03 22.18
CA TYR C 18 11.85 9.10 21.30
C TYR C 18 13.32 9.51 21.12
N PHE C 19 14.09 8.62 20.49
CA PHE C 19 15.53 8.86 20.30
C PHE C 19 15.88 8.98 18.80
N LYS C 20 14.91 8.67 17.92
CA LYS C 20 15.15 8.69 16.46
C LYS C 20 14.05 9.45 15.73
N LEU C 21 14.46 10.17 14.69
CA LEU C 21 13.54 10.93 13.88
C LEU C 21 12.50 10.01 13.22
N SER C 22 12.97 9.04 12.46
CA SER C 22 12.09 8.13 11.72
C SER C 22 11.30 7.22 12.65
N HIS C 23 11.92 6.76 13.73
CA HIS C 23 11.25 5.87 14.69
C HIS C 23 10.17 6.66 15.48
N LEU C 24 10.42 7.97 15.67
CA LEU C 24 9.39 8.86 16.20
C LEU C 24 8.31 9.16 15.13
N GLN C 25 8.73 9.34 13.86
CA GLN C 25 7.78 9.52 12.74
C GLN C 25 6.87 8.28 12.60
N MET C 26 7.44 7.09 12.81
CA MET C 26 6.65 5.85 12.82
C MET C 26 5.63 5.88 13.96
N HIS C 27 6.08 6.31 15.17
CA HIS C 27 5.15 6.52 16.30
C HIS C 27 4.06 7.52 15.92
N SER C 28 4.46 8.58 15.21
CA SER C 28 3.55 9.63 14.80
C SER C 28 2.42 9.08 13.92
N ARG C 29 2.73 8.06 13.11
CA ARG C 29 1.72 7.45 12.22
C ARG C 29 0.50 6.98 13.03
N LYS C 30 0.75 6.43 14.23
CA LYS C 30 -0.34 6.02 15.15
C LYS C 30 -1.27 7.22 15.45
N HIS C 31 -0.67 8.40 15.56
CA HIS C 31 -1.41 9.64 15.83
C HIS C 31 -2.05 10.21 14.53
N THR C 32 -1.53 9.81 13.35
CA THR C 32 -2.18 10.24 12.08
C THR C 32 -3.49 9.46 11.87
N GLY C 33 -3.51 8.19 12.33
CA GLY C 33 -4.74 7.41 12.32
C GLY C 33 -5.78 7.94 13.32
N GLU C 34 -5.30 8.73 14.30
CA GLU C 34 -6.19 9.45 15.23
C GLU C 34 -6.71 10.77 14.59
N LYS C 35 -6.51 10.90 13.26
CA LYS C 35 -7.12 11.98 12.48
C LYS C 35 -7.43 11.47 11.02
N PRO C 36 -8.42 10.55 10.89
CA PRO C 36 -8.70 9.87 9.61
C PRO C 36 -9.66 10.68 8.70
N TYR C 37 -9.96 10.12 7.52
CA TYR C 37 -10.80 10.82 6.51
C TYR C 37 -11.84 9.86 5.88
N GLN C 38 -13.12 10.14 6.14
CA GLN C 38 -14.23 9.40 5.50
C GLN C 38 -14.64 10.06 4.18
N CYS C 39 -14.85 9.24 3.14
CA CYS C 39 -15.30 9.73 1.84
C CYS C 39 -16.66 10.43 1.96
N ASP C 40 -16.77 11.62 1.34
CA ASP C 40 -18.01 12.42 1.38
C ASP C 40 -18.97 12.01 0.25
N PHE C 41 -18.52 11.09 -0.62
CA PHE C 41 -19.40 10.53 -1.66
C PHE C 41 -20.53 9.72 -1.01
N LYS C 42 -21.78 10.19 -1.21
CA LYS C 42 -22.95 9.65 -0.47
C LYS C 42 -23.19 8.15 -0.79
N ASP C 43 -22.54 7.64 -1.84
CA ASP C 43 -22.66 6.22 -2.21
C ASP C 43 -21.38 5.43 -1.79
N CYS C 44 -20.53 6.06 -0.97
CA CYS C 44 -19.30 5.44 -0.48
C CYS C 44 -19.30 5.39 1.06
N GLU C 45 -18.86 6.49 1.70
CA GLU C 45 -18.82 6.60 3.18
C GLU C 45 -17.81 5.60 3.81
N ARG C 46 -16.78 5.20 3.03
CA ARG C 46 -15.66 4.41 3.56
C ARG C 46 -14.62 5.34 4.20
N ARG C 47 -13.82 4.79 5.12
CA ARG C 47 -12.84 5.57 5.87
C ARG C 47 -11.41 5.21 5.46
N PHE C 48 -10.54 6.23 5.45
CA PHE C 48 -9.13 6.05 5.13
C PHE C 48 -8.27 6.70 6.20
N SER C 49 -7.18 6.04 6.58
CA SER C 49 -6.34 6.52 7.68
C SER C 49 -5.21 7.44 7.17
N ARG C 50 -5.29 7.83 5.88
CA ARG C 50 -4.39 8.83 5.30
C ARG C 50 -5.09 9.63 4.20
N SER C 51 -4.76 10.91 4.10
CA SER C 51 -5.35 11.79 3.09
C SER C 51 -5.07 11.26 1.67
N ASP C 52 -3.81 10.84 1.43
CA ASP C 52 -3.40 10.31 0.12
C ASP C 52 -4.21 9.06 -0.24
N GLN C 53 -4.56 8.24 0.78
CA GLN C 53 -5.30 7.01 0.56
C GLN C 53 -6.75 7.31 0.19
N LEU C 54 -7.36 8.29 0.88
CA LEU C 54 -8.67 8.79 0.49
C LEU C 54 -8.63 9.38 -0.93
N LYS C 55 -7.58 10.20 -1.22
CA LYS C 55 -7.40 10.82 -2.56
C LYS C 55 -7.23 9.73 -3.65
N ARG C 56 -6.42 8.71 -3.36
CA ARG C 56 -6.27 7.56 -4.25
C ARG C 56 -7.62 6.87 -4.48
N HIS C 57 -8.35 6.65 -3.39
CA HIS C 57 -9.66 6.01 -3.44
C HIS C 57 -10.67 6.86 -4.29
N GLN C 58 -10.59 8.20 -4.19
CA GLN C 58 -11.45 9.11 -5.00
C GLN C 58 -11.35 8.79 -6.51
N ARG C 59 -10.20 8.23 -6.94
CA ARG C 59 -9.99 7.90 -8.36
C ARG C 59 -11.13 7.01 -8.92
N ARG C 60 -11.68 6.13 -8.06
CA ARG C 60 -12.81 5.25 -8.47
C ARG C 60 -14.08 6.06 -8.73
N HIS C 61 -14.26 7.17 -7.98
CA HIS C 61 -15.45 8.04 -8.12
C HIS C 61 -15.24 9.10 -9.21
N THR C 62 -14.04 9.13 -9.81
CA THR C 62 -13.67 10.18 -10.78
C THR C 62 -13.15 9.57 -12.10
N GLY C 63 -13.07 8.22 -12.15
CA GLY C 63 -12.76 7.51 -13.42
C GLY C 63 -11.37 7.85 -14.00
N VAL C 64 -10.49 8.42 -13.17
CA VAL C 64 -9.17 8.90 -13.64
C VAL C 64 -8.10 7.80 -13.48
N LYS C 65 -7.20 7.71 -14.48
CA LYS C 65 -6.04 6.81 -14.44
C LYS C 65 -4.76 7.58 -14.82
N PRO C 66 -4.08 8.19 -13.80
CA PRO C 66 -2.98 9.12 -14.06
C PRO C 66 -1.65 8.43 -14.46
N PHE C 67 -1.52 7.13 -14.15
CA PHE C 67 -0.29 6.39 -14.51
C PHE C 67 -0.38 5.85 -15.94
N GLN C 68 0.71 5.99 -16.71
CA GLN C 68 0.78 5.46 -18.10
C GLN C 68 1.98 4.52 -18.26
N CYS C 69 1.77 3.41 -18.99
CA CYS C 69 2.86 2.48 -19.32
C CYS C 69 3.91 3.18 -20.21
N LYS C 70 5.17 2.77 -20.05
CA LYS C 70 6.26 3.30 -20.87
C LYS C 70 6.37 2.54 -22.21
N THR C 71 5.53 1.51 -22.37
CA THR C 71 5.62 0.60 -23.51
C THR C 71 4.35 0.65 -24.37
N CYS C 72 3.27 0.03 -23.90
CA CYS C 72 2.00 -0.02 -24.63
C CYS C 72 1.13 1.23 -24.34
N GLN C 73 1.66 2.14 -23.50
CA GLN C 73 0.96 3.40 -23.15
C GLN C 73 -0.41 3.11 -22.48
N ARG C 74 -0.56 1.90 -21.90
CA ARG C 74 -1.77 1.55 -21.15
C ARG C 74 -1.82 2.29 -19.84
N LYS C 75 -2.98 2.86 -19.51
CA LYS C 75 -3.11 3.71 -18.33
C LYS C 75 -3.63 2.90 -17.12
N PHE C 76 -3.14 3.27 -15.94
CA PHE C 76 -3.54 2.64 -14.69
C PHE C 76 -3.82 3.70 -13.61
N SER C 77 -4.56 3.30 -12.56
CA SER C 77 -5.00 4.24 -11.52
C SER C 77 -4.09 4.18 -10.28
N ARG C 78 -3.18 3.19 -10.24
CA ARG C 78 -2.23 3.03 -9.13
C ARG C 78 -0.84 2.68 -9.66
N SER C 79 0.20 3.29 -9.06
CA SER C 79 1.59 2.97 -9.39
C SER C 79 1.87 1.49 -9.16
N ASP C 80 1.29 0.92 -8.09
CA ASP C 80 1.47 -0.48 -7.76
C ASP C 80 1.01 -1.40 -8.93
N HIS C 81 -0.15 -1.07 -9.54
CA HIS C 81 -0.64 -1.80 -10.73
C HIS C 81 0.28 -1.57 -11.93
N LEU C 82 0.73 -0.32 -12.11
CA LEU C 82 1.60 0.02 -13.24
C LEU C 82 2.94 -0.73 -13.14
N LYS C 83 3.55 -0.71 -11.95
CA LYS C 83 4.82 -1.44 -11.71
C LYS C 83 4.59 -2.95 -11.82
N THR C 84 3.41 -3.42 -11.42
CA THR C 84 3.05 -4.83 -11.58
C THR C 84 2.92 -5.20 -13.06
N HIS C 85 2.16 -4.38 -13.81
CA HIS C 85 2.01 -4.55 -15.25
C HIS C 85 3.37 -4.41 -15.97
N THR C 86 4.23 -3.53 -15.44
CA THR C 86 5.58 -3.32 -15.98
C THR C 86 6.35 -4.65 -16.04
N ARG C 87 6.20 -5.49 -15.00
CA ARG C 87 6.93 -6.77 -14.94
C ARG C 87 6.53 -7.69 -16.12
N THR C 88 5.33 -7.45 -16.68
CA THR C 88 4.89 -8.15 -17.92
C THR C 88 5.85 -7.86 -19.07
N HIS C 89 6.24 -6.59 -19.24
CA HIS C 89 7.16 -6.18 -20.31
C HIS C 89 8.61 -6.46 -19.91
N THR C 90 8.85 -6.63 -18.60
CA THR C 90 10.20 -6.86 -18.08
C THR C 90 10.52 -8.37 -17.99
N GLY C 91 9.51 -9.22 -18.26
CA GLY C 91 9.67 -10.68 -18.14
C GLY C 91 10.11 -11.11 -16.74
N GLU C 92 9.80 -10.28 -15.73
CA GLU C 92 10.31 -10.49 -14.37
C GLU C 92 9.31 -11.33 -13.55
N LYS C 93 9.75 -12.53 -13.13
CA LYS C 93 8.96 -13.40 -12.25
C LYS C 93 9.77 -13.78 -10.99
N PRO C 94 9.80 -12.90 -9.97
CA PRO C 94 10.63 -13.09 -8.78
C PRO C 94 9.98 -14.02 -7.74
N PHE C 95 8.65 -14.23 -7.85
CA PHE C 95 7.93 -15.06 -6.86
C PHE C 95 8.00 -16.55 -7.24
N SER C 96 9.15 -17.18 -6.96
CA SER C 96 9.35 -18.61 -7.24
C SER C 96 8.83 -19.46 -6.07
N CYS C 97 8.25 -20.62 -6.41
CA CYS C 97 7.64 -21.49 -5.40
C CYS C 97 8.71 -22.14 -4.54
N ARG C 98 8.40 -22.28 -3.24
CA ARG C 98 9.36 -22.78 -2.24
C ARG C 98 9.03 -24.22 -1.82
N TRP C 99 8.06 -24.85 -2.48
CA TRP C 99 7.65 -26.21 -2.16
C TRP C 99 8.81 -27.21 -2.41
N PRO C 100 8.85 -28.32 -1.65
CA PRO C 100 9.97 -29.28 -1.69
C PRO C 100 9.98 -30.14 -2.97
N SER C 101 9.36 -29.66 -4.03
CA SER C 101 9.35 -30.35 -5.33
C SER C 101 8.95 -29.39 -6.47
N CYS C 102 9.13 -28.07 -6.25
CA CYS C 102 8.73 -27.05 -7.23
C CYS C 102 9.69 -25.86 -7.19
N GLN C 103 9.71 -25.10 -8.30
CA GLN C 103 10.40 -23.80 -8.37
C GLN C 103 9.67 -22.86 -9.38
N LYS C 104 8.37 -23.12 -9.61
CA LYS C 104 7.57 -22.35 -10.58
C LYS C 104 7.53 -20.88 -10.19
N LYS C 105 7.75 -20.00 -11.18
CA LYS C 105 7.94 -18.58 -10.90
C LYS C 105 6.77 -17.73 -11.40
N PHE C 106 6.37 -16.77 -10.57
CA PHE C 106 5.28 -15.86 -10.90
C PHE C 106 5.74 -14.41 -10.75
N ALA C 107 5.03 -13.49 -11.41
CA ALA C 107 5.38 -12.08 -11.35
C ALA C 107 4.48 -11.33 -10.34
N ARG C 108 3.62 -12.08 -9.63
CA ARG C 108 2.76 -11.49 -8.61
C ARG C 108 2.73 -12.36 -7.36
N SER C 109 2.83 -11.72 -6.20
CA SER C 109 2.84 -12.43 -4.93
C SER C 109 1.54 -13.25 -4.76
N ASP C 110 0.41 -12.66 -5.16
CA ASP C 110 -0.89 -13.34 -5.09
C ASP C 110 -0.96 -14.53 -6.09
N GLU C 111 -0.31 -14.41 -7.26
CA GLU C 111 -0.22 -15.53 -8.21
C GLU C 111 0.50 -16.71 -7.58
N LEU C 112 1.60 -16.43 -6.86
CA LEU C 112 2.32 -17.48 -6.13
C LEU C 112 1.45 -18.03 -4.96
N VAL C 113 0.72 -17.14 -4.27
CA VAL C 113 -0.23 -17.58 -3.21
C VAL C 113 -1.27 -18.54 -3.80
N ARG C 114 -1.83 -18.17 -4.97
CA ARG C 114 -2.80 -19.02 -5.67
C ARG C 114 -2.16 -20.35 -6.05
N HIS C 115 -0.95 -20.30 -6.64
CA HIS C 115 -0.22 -21.52 -7.01
C HIS C 115 -0.07 -22.45 -5.80
N HIS C 116 0.40 -21.90 -4.68
CA HIS C 116 0.52 -22.66 -3.44
C HIS C 116 -0.85 -23.26 -3.01
N ASN C 117 -1.93 -22.49 -3.21
CA ASN C 117 -3.28 -22.92 -2.82
C ASN C 117 -3.77 -24.10 -3.71
N MET C 118 -3.08 -24.32 -4.85
CA MET C 118 -3.42 -25.40 -5.77
C MET C 118 -2.31 -26.47 -5.80
N HIS C 119 -1.28 -26.31 -4.95
CA HIS C 119 -0.10 -27.16 -4.99
C HIS C 119 -0.43 -28.57 -4.47
N ALA C 1 15.08 23.79 20.24
CA ALA C 1 14.86 24.68 21.38
C ALA C 1 13.73 24.16 22.30
N SER C 2 12.90 23.25 21.76
CA SER C 2 11.78 22.65 22.52
C SER C 2 12.27 21.60 23.53
N GLU C 3 13.59 21.35 23.55
CA GLU C 3 14.19 20.34 24.44
C GLU C 3 14.27 20.87 25.89
N LYS C 4 13.09 21.09 26.51
CA LYS C 4 13.00 21.66 27.87
C LYS C 4 12.05 20.84 28.77
N ARG C 5 11.29 19.91 28.14
CA ARG C 5 10.34 19.06 28.87
C ARG C 5 10.08 17.75 28.08
N PRO C 6 9.53 16.70 28.75
CA PRO C 6 9.22 15.42 28.10
C PRO C 6 8.36 15.60 26.85
N PHE C 7 8.70 14.89 25.79
CA PHE C 7 7.96 14.96 24.53
C PHE C 7 6.61 14.26 24.70
N MET C 8 5.62 14.62 23.87
CA MET C 8 4.37 13.86 23.82
C MET C 8 3.92 13.65 22.38
N CYS C 9 3.11 12.61 22.19
CA CYS C 9 2.41 12.40 20.92
C CYS C 9 1.32 13.49 20.71
N ALA C 10 0.90 13.67 19.46
CA ALA C 10 -0.06 14.72 19.10
C ALA C 10 -1.47 14.14 18.81
N TYR C 11 -1.54 12.86 18.44
CA TYR C 11 -2.82 12.23 18.09
C TYR C 11 -3.81 12.31 19.28
N PRO C 12 -5.06 12.79 19.02
CA PRO C 12 -6.03 13.10 20.09
C PRO C 12 -6.65 11.84 20.72
N GLY C 13 -5.81 10.95 21.22
CA GLY C 13 -6.25 9.73 21.89
C GLY C 13 -5.08 8.97 22.51
N CYS C 14 -3.89 9.12 21.91
CA CYS C 14 -2.65 8.60 22.46
C CYS C 14 -2.06 9.60 23.48
N ASN C 15 -1.56 10.74 22.96
CA ASN C 15 -0.90 11.79 23.78
C ASN C 15 0.04 11.16 24.85
N LYS C 16 0.77 10.10 24.46
CA LYS C 16 1.77 9.47 25.33
C LYS C 16 3.04 10.29 25.36
N ARG C 17 3.81 10.16 26.44
CA ARG C 17 5.00 11.00 26.63
C ARG C 17 6.29 10.22 26.30
N TYR C 18 7.15 10.85 25.50
CA TYR C 18 8.35 10.23 25.00
C TYR C 18 9.62 10.97 25.49
N PHE C 19 10.79 10.35 25.26
CA PHE C 19 12.06 10.91 25.74
C PHE C 19 12.99 11.27 24.55
N LYS C 20 13.20 10.31 23.64
CA LYS C 20 14.03 10.54 22.44
C LYS C 20 13.22 11.30 21.39
N LEU C 21 13.62 12.54 21.12
CA LEU C 21 12.89 13.42 20.19
C LEU C 21 12.55 12.69 18.85
N SER C 22 13.55 12.02 18.27
CA SER C 22 13.39 11.26 17.03
C SER C 22 12.48 10.03 17.20
N HIS C 23 12.58 9.37 18.38
CA HIS C 23 11.76 8.17 18.64
C HIS C 23 10.28 8.56 18.75
N LEU C 24 10.04 9.77 19.28
CA LEU C 24 8.69 10.36 19.27
C LEU C 24 8.28 10.79 17.84
N GLN C 25 9.19 11.44 17.12
CA GLN C 25 8.92 11.83 15.73
C GLN C 25 8.58 10.59 14.87
N MET C 26 9.27 9.47 15.13
CA MET C 26 8.96 8.20 14.49
C MET C 26 7.58 7.68 14.96
N HIS C 27 7.29 7.82 16.27
CA HIS C 27 6.02 7.32 16.84
C HIS C 27 4.82 7.99 16.13
N SER C 28 4.96 9.27 15.81
CA SER C 28 3.89 10.03 15.15
C SER C 28 3.51 9.39 13.80
N ARG C 29 4.52 8.82 13.09
CA ARG C 29 4.28 8.17 11.79
C ARG C 29 3.21 7.09 11.91
N LYS C 30 3.24 6.35 13.03
CA LYS C 30 2.23 5.31 13.30
C LYS C 30 0.80 5.91 13.25
N HIS C 31 0.65 7.12 13.79
CA HIS C 31 -0.66 7.79 13.84
C HIS C 31 -1.01 8.43 12.49
N THR C 32 0.01 8.91 11.74
CA THR C 32 -0.25 9.50 10.40
C THR C 32 -0.96 8.49 9.47
N GLY C 33 -0.88 7.19 9.80
CA GLY C 33 -1.63 6.16 9.07
C GLY C 33 -3.05 5.95 9.62
N GLU C 34 -3.44 6.76 10.61
CA GLU C 34 -4.75 6.65 11.29
C GLU C 34 -5.59 7.93 11.04
N LYS C 35 -5.69 8.34 9.77
CA LYS C 35 -6.45 9.55 9.40
C LYS C 35 -7.76 9.17 8.68
N PRO C 36 -8.88 9.06 9.43
CA PRO C 36 -10.15 8.57 8.89
C PRO C 36 -10.84 9.61 7.98
N TYR C 37 -10.68 9.44 6.67
CA TYR C 37 -11.44 10.22 5.66
C TYR C 37 -12.58 9.36 5.07
N GLN C 38 -13.45 9.99 4.27
CA GLN C 38 -14.50 9.27 3.52
C GLN C 38 -14.53 9.75 2.06
N CYS C 39 -14.96 8.86 1.16
CA CYS C 39 -15.08 9.19 -0.27
C CYS C 39 -15.81 10.54 -0.46
N ASP C 40 -15.29 11.37 -1.39
CA ASP C 40 -15.87 12.69 -1.66
C ASP C 40 -17.00 12.61 -2.71
N PHE C 41 -17.27 11.39 -3.22
CA PHE C 41 -18.28 11.19 -4.26
C PHE C 41 -19.70 11.40 -3.69
N LYS C 42 -20.63 11.80 -4.58
CA LYS C 42 -22.00 12.18 -4.16
C LYS C 42 -22.85 10.92 -3.79
N ASP C 43 -22.35 9.72 -4.12
CA ASP C 43 -23.08 8.48 -3.89
C ASP C 43 -22.16 7.36 -3.35
N CYS C 44 -21.23 7.74 -2.46
CA CYS C 44 -20.32 6.79 -1.82
C CYS C 44 -20.16 7.10 -0.32
N GLU C 45 -19.62 6.14 0.44
CA GLU C 45 -19.36 6.32 1.86
C GLU C 45 -18.13 5.48 2.29
N ARG C 46 -17.27 5.11 1.33
CA ARG C 46 -16.08 4.31 1.61
C ARG C 46 -15.06 5.14 2.37
N ARG C 47 -14.63 4.64 3.53
CA ARG C 47 -13.69 5.35 4.38
C ARG C 47 -12.25 4.87 4.13
N PHE C 48 -11.30 5.78 4.34
CA PHE C 48 -9.87 5.49 4.17
C PHE C 48 -9.08 6.04 5.35
N SER C 49 -7.83 5.59 5.50
CA SER C 49 -7.02 5.94 6.67
C SER C 49 -5.87 6.91 6.31
N ARG C 50 -5.85 7.37 5.03
CA ARG C 50 -4.91 8.42 4.60
C ARG C 50 -5.50 9.24 3.44
N SER C 51 -4.99 10.47 3.28
CA SER C 51 -5.39 11.34 2.17
C SER C 51 -5.10 10.67 0.81
N ASP C 52 -3.94 10.03 0.71
CA ASP C 52 -3.52 9.37 -0.54
C ASP C 52 -4.41 8.15 -0.85
N GLN C 53 -4.83 7.41 0.19
CA GLN C 53 -5.74 6.28 0.02
C GLN C 53 -7.10 6.75 -0.52
N LEU C 54 -7.61 7.85 0.06
CA LEU C 54 -8.85 8.46 -0.42
C LEU C 54 -8.68 9.05 -1.84
N LYS C 55 -7.57 9.77 -2.07
CA LYS C 55 -7.28 10.36 -3.40
C LYS C 55 -7.14 9.26 -4.46
N ARG C 56 -6.52 8.14 -4.09
CA ARG C 56 -6.47 6.96 -4.95
C ARG C 56 -7.89 6.45 -5.23
N HIS C 57 -8.71 6.33 -4.17
CA HIS C 57 -10.07 5.82 -4.30
C HIS C 57 -10.91 6.71 -5.23
N GLN C 58 -10.71 8.03 -5.16
CA GLN C 58 -11.40 8.98 -6.04
C GLN C 58 -11.22 8.59 -7.53
N ARG C 59 -10.02 8.09 -7.89
CA ARG C 59 -9.73 7.68 -9.28
C ARG C 59 -10.76 6.64 -9.78
N ARG C 60 -11.25 5.78 -8.86
CA ARG C 60 -12.30 4.78 -9.20
C ARG C 60 -13.59 5.48 -9.68
N HIS C 61 -13.92 6.62 -9.08
CA HIS C 61 -15.17 7.34 -9.40
C HIS C 61 -14.97 8.33 -10.56
N THR C 62 -13.75 8.87 -10.68
CA THR C 62 -13.43 9.88 -11.70
C THR C 62 -12.93 9.23 -13.01
N GLY C 63 -12.48 7.96 -12.92
CA GLY C 63 -12.10 7.19 -14.11
C GLY C 63 -10.69 7.54 -14.63
N VAL C 64 -9.99 8.44 -13.92
CA VAL C 64 -8.66 8.91 -14.36
C VAL C 64 -7.60 7.81 -14.20
N LYS C 65 -6.64 7.78 -15.13
CA LYS C 65 -5.53 6.82 -15.09
C LYS C 65 -4.18 7.55 -15.31
N PRO C 66 -3.60 8.13 -14.24
CA PRO C 66 -2.42 9.00 -14.35
C PRO C 66 -1.14 8.25 -14.83
N PHE C 67 -1.13 6.92 -14.70
CA PHE C 67 0.06 6.12 -15.04
C PHE C 67 -0.12 5.44 -16.41
N GLN C 68 0.88 5.56 -17.29
CA GLN C 68 0.86 4.89 -18.61
C GLN C 68 2.10 4.01 -18.79
N CYS C 69 1.90 2.84 -19.42
CA CYS C 69 3.01 1.95 -19.75
C CYS C 69 3.96 2.62 -20.76
N LYS C 70 5.25 2.28 -20.67
CA LYS C 70 6.27 2.79 -21.59
C LYS C 70 6.40 1.87 -22.83
N THR C 71 5.55 0.83 -22.89
CA THR C 71 5.65 -0.21 -23.92
C THR C 71 4.34 -0.26 -24.74
N CYS C 72 3.28 -0.85 -24.15
CA CYS C 72 2.00 -1.02 -24.85
C CYS C 72 1.08 0.20 -24.61
N GLN C 73 1.59 1.22 -23.90
CA GLN C 73 0.84 2.46 -23.64
C GLN C 73 -0.43 2.21 -22.80
N ARG C 74 -0.48 1.05 -22.10
CA ARG C 74 -1.62 0.70 -21.23
C ARG C 74 -1.70 1.64 -20.04
N LYS C 75 -2.85 2.27 -19.86
CA LYS C 75 -3.05 3.21 -18.76
C LYS C 75 -3.53 2.48 -17.48
N PHE C 76 -3.13 3.01 -16.32
CA PHE C 76 -3.56 2.50 -15.02
C PHE C 76 -3.76 3.68 -14.03
N SER C 77 -4.58 3.46 -12.99
CA SER C 77 -4.88 4.51 -12.00
C SER C 77 -3.98 4.37 -10.75
N ARG C 78 -3.12 3.35 -10.73
CA ARG C 78 -2.27 3.06 -9.57
C ARG C 78 -0.83 2.75 -10.02
N SER C 79 0.13 3.35 -9.30
CA SER C 79 1.56 3.10 -9.56
C SER C 79 1.89 1.62 -9.34
N ASP C 80 1.36 1.03 -8.26
CA ASP C 80 1.63 -0.37 -7.92
C ASP C 80 1.09 -1.34 -9.02
N HIS C 81 -0.07 -0.99 -9.62
CA HIS C 81 -0.60 -1.76 -10.77
C HIS C 81 0.31 -1.60 -11.99
N LEU C 82 0.75 -0.36 -12.26
CA LEU C 82 1.62 -0.08 -13.42
C LEU C 82 2.97 -0.79 -13.26
N LYS C 83 3.58 -0.66 -12.07
CA LYS C 83 4.85 -1.34 -11.76
C LYS C 83 4.69 -2.86 -11.84
N THR C 84 3.50 -3.35 -11.46
CA THR C 84 3.18 -4.77 -11.56
C THR C 84 3.04 -5.21 -13.02
N HIS C 85 2.24 -4.45 -13.79
CA HIS C 85 2.05 -4.71 -15.23
C HIS C 85 3.38 -4.58 -15.99
N THR C 86 4.23 -3.68 -15.51
CA THR C 86 5.54 -3.45 -16.12
C THR C 86 6.33 -4.77 -16.20
N ARG C 87 6.25 -5.59 -15.13
CA ARG C 87 7.02 -6.84 -15.06
C ARG C 87 6.61 -7.83 -16.18
N THR C 88 5.38 -7.67 -16.72
CA THR C 88 4.93 -8.49 -17.85
C THR C 88 5.82 -8.27 -19.09
N HIS C 89 6.43 -7.07 -19.17
CA HIS C 89 7.34 -6.74 -20.27
C HIS C 89 8.81 -7.01 -19.88
N THR C 90 9.12 -6.93 -18.56
CA THR C 90 10.52 -7.05 -18.09
C THR C 90 10.87 -8.50 -17.74
N GLY C 91 9.87 -9.40 -17.78
CA GLY C 91 10.10 -10.82 -17.45
C GLY C 91 10.49 -11.04 -15.96
N GLU C 92 10.39 -9.98 -15.14
CA GLU C 92 10.76 -10.04 -13.72
C GLU C 92 9.78 -10.91 -12.94
N LYS C 93 10.11 -12.21 -12.79
CA LYS C 93 9.28 -13.14 -12.02
C LYS C 93 10.08 -13.71 -10.82
N PRO C 94 10.23 -12.90 -9.75
CA PRO C 94 11.02 -13.27 -8.58
C PRO C 94 10.28 -14.25 -7.65
N PHE C 95 8.94 -14.32 -7.76
CA PHE C 95 8.14 -15.20 -6.90
C PHE C 95 8.16 -16.64 -7.43
N SER C 96 9.29 -17.32 -7.23
CA SER C 96 9.43 -18.74 -7.62
C SER C 96 8.78 -19.64 -6.57
N CYS C 97 8.21 -20.76 -7.03
CA CYS C 97 7.60 -21.74 -6.13
C CYS C 97 8.69 -22.50 -5.35
N ARG C 98 8.62 -22.39 -4.02
CA ARG C 98 9.65 -22.97 -3.13
C ARG C 98 9.32 -24.44 -2.76
N TRP C 99 8.27 -25.00 -3.39
CA TRP C 99 7.87 -26.38 -3.12
C TRP C 99 8.99 -27.37 -3.53
N PRO C 100 9.16 -28.48 -2.77
CA PRO C 100 10.21 -29.48 -3.03
C PRO C 100 9.90 -30.37 -4.26
N SER C 101 9.17 -29.81 -5.24
CA SER C 101 8.82 -30.54 -6.46
C SER C 101 8.33 -29.56 -7.56
N CYS C 102 8.73 -28.28 -7.44
CA CYS C 102 8.32 -27.25 -8.40
C CYS C 102 9.48 -26.28 -8.68
N GLN C 103 9.26 -25.39 -9.66
CA GLN C 103 10.21 -24.34 -10.00
C GLN C 103 9.54 -23.27 -10.92
N LYS C 104 8.19 -23.16 -10.83
CA LYS C 104 7.45 -22.15 -11.60
C LYS C 104 7.63 -20.78 -10.95
N LYS C 105 7.58 -19.73 -11.77
CA LYS C 105 7.90 -18.37 -11.31
C LYS C 105 6.80 -17.40 -11.67
N PHE C 106 6.53 -16.46 -10.76
CA PHE C 106 5.49 -15.45 -10.95
C PHE C 106 6.05 -14.05 -10.67
N ALA C 107 5.36 -13.04 -11.21
CA ALA C 107 5.77 -11.65 -11.03
C ALA C 107 4.95 -10.96 -9.94
N ARG C 108 4.03 -11.71 -9.31
CA ARG C 108 3.22 -11.20 -8.21
C ARG C 108 3.19 -12.21 -7.06
N SER C 109 3.25 -11.68 -5.84
CA SER C 109 3.24 -12.50 -4.63
C SER C 109 1.94 -13.33 -4.55
N ASP C 110 0.80 -12.69 -4.83
CA ASP C 110 -0.51 -13.37 -4.80
C ASP C 110 -0.62 -14.43 -5.92
N GLU C 111 0.00 -14.17 -7.08
CA GLU C 111 0.05 -15.16 -8.18
C GLU C 111 0.76 -16.42 -7.71
N LEU C 112 1.87 -16.25 -6.96
CA LEU C 112 2.57 -17.38 -6.37
C LEU C 112 1.70 -18.08 -5.30
N VAL C 113 1.00 -17.28 -4.47
CA VAL C 113 0.08 -17.86 -3.45
C VAL C 113 -0.99 -18.72 -4.13
N ARG C 114 -1.58 -18.18 -5.21
CA ARG C 114 -2.56 -18.92 -6.01
C ARG C 114 -1.95 -20.22 -6.57
N HIS C 115 -0.74 -20.11 -7.14
CA HIS C 115 -0.04 -21.28 -7.68
C HIS C 115 0.21 -22.33 -6.59
N HIS C 116 0.67 -21.88 -5.41
CA HIS C 116 0.86 -22.78 -4.27
C HIS C 116 -0.45 -23.52 -3.93
N ASN C 117 -1.60 -22.86 -4.13
CA ASN C 117 -2.90 -23.48 -3.86
C ASN C 117 -3.17 -24.67 -4.83
N MET C 118 -2.40 -24.74 -5.93
CA MET C 118 -2.50 -25.87 -6.88
C MET C 118 -1.68 -27.10 -6.37
N HIS C 119 -0.84 -26.87 -5.35
CA HIS C 119 -0.06 -27.94 -4.73
C HIS C 119 -0.74 -28.42 -3.45
N ALA C 1 17.69 19.09 21.22
CA ALA C 1 16.87 18.87 20.03
C ALA C 1 15.60 18.03 20.35
N SER C 2 15.45 17.64 21.62
CA SER C 2 14.28 16.88 22.09
C SER C 2 14.18 16.89 23.61
N GLU C 3 12.96 16.86 24.13
CA GLU C 3 12.73 16.75 25.58
C GLU C 3 12.69 15.28 26.02
N LYS C 4 12.75 15.06 27.36
CA LYS C 4 12.75 13.70 27.93
C LYS C 4 11.64 13.53 29.00
N ARG C 5 10.64 14.42 28.96
CA ARG C 5 9.46 14.31 29.84
C ARG C 5 8.65 13.02 29.52
N PRO C 6 7.81 12.55 30.46
CA PRO C 6 6.98 11.36 30.24
C PRO C 6 5.90 11.59 29.15
N PHE C 7 6.21 11.18 27.93
CA PHE C 7 5.27 11.32 26.79
C PHE C 7 4.38 10.09 26.69
N MET C 8 3.17 10.28 26.15
CA MET C 8 2.31 9.15 25.76
C MET C 8 1.69 9.41 24.40
N CYS C 9 1.49 8.36 23.63
CA CYS C 9 0.80 8.46 22.37
C CYS C 9 -0.69 8.87 22.58
N ALA C 10 -1.31 9.43 21.54
CA ALA C 10 -2.70 9.86 21.59
C ALA C 10 -3.62 8.90 20.81
N TYR C 11 -3.01 7.98 20.03
CA TYR C 11 -3.75 7.07 19.17
C TYR C 11 -4.34 5.89 19.99
N PRO C 12 -5.63 5.55 19.75
CA PRO C 12 -6.27 4.41 20.42
C PRO C 12 -5.63 3.08 20.01
N GLY C 13 -5.69 2.09 20.91
CA GLY C 13 -5.00 0.81 20.68
C GLY C 13 -3.50 0.90 21.00
N CYS C 14 -3.01 2.13 21.29
CA CYS C 14 -1.61 2.35 21.65
C CYS C 14 -1.53 3.18 22.95
N ASN C 15 -1.55 4.52 22.81
CA ASN C 15 -1.40 5.45 23.94
C ASN C 15 -0.14 5.10 24.81
N LYS C 16 0.86 4.47 24.18
CA LYS C 16 2.04 4.00 24.89
C LYS C 16 2.94 5.14 25.26
N ARG C 17 3.81 4.91 26.26
CA ARG C 17 4.60 5.98 26.84
C ARG C 17 6.02 5.99 26.25
N TYR C 18 6.47 7.20 25.90
CA TYR C 18 7.80 7.42 25.33
C TYR C 18 8.63 8.37 26.22
N PHE C 19 9.95 8.41 25.97
CA PHE C 19 10.88 9.17 26.82
C PHE C 19 11.85 10.04 25.99
N LYS C 20 11.63 10.09 24.67
CA LYS C 20 12.46 10.91 23.75
C LYS C 20 11.59 11.49 22.62
N LEU C 21 11.20 12.76 22.78
CA LEU C 21 10.20 13.39 21.88
C LEU C 21 10.42 12.98 20.39
N SER C 22 11.68 12.95 19.96
CA SER C 22 12.06 12.53 18.57
C SER C 22 11.80 11.01 18.34
N HIS C 23 12.19 10.20 19.30
CA HIS C 23 11.88 8.76 19.26
C HIS C 23 10.35 8.55 19.20
N LEU C 24 9.62 9.29 20.03
CA LEU C 24 8.16 9.33 19.96
C LEU C 24 7.68 9.90 18.59
N GLN C 25 8.43 10.86 18.02
CA GLN C 25 8.09 11.39 16.67
C GLN C 25 8.08 10.27 15.65
N MET C 26 9.12 9.42 15.67
CA MET C 26 9.19 8.25 14.80
C MET C 26 7.96 7.35 15.04
N HIS C 27 7.65 7.08 16.32
CA HIS C 27 6.46 6.28 16.67
C HIS C 27 5.17 6.93 16.08
N SER C 28 5.09 8.25 16.18
CA SER C 28 3.93 9.01 15.70
C SER C 28 3.71 8.75 14.20
N ARG C 29 4.82 8.59 13.44
CA ARG C 29 4.75 8.32 12.00
C ARG C 29 3.91 7.07 11.73
N LYS C 30 4.06 6.05 12.59
CA LYS C 30 3.28 4.80 12.46
C LYS C 30 1.77 5.07 12.45
N HIS C 31 1.33 6.06 13.24
CA HIS C 31 -0.10 6.36 13.38
C HIS C 31 -0.58 7.38 12.33
N THR C 32 0.33 8.28 11.87
CA THR C 32 -0.08 9.35 10.89
C THR C 32 -0.98 8.81 9.76
N GLY C 33 -0.80 7.53 9.41
CA GLY C 33 -1.65 6.89 8.40
C GLY C 33 -3.05 6.50 8.95
N GLU C 34 -3.59 7.31 9.88
CA GLU C 34 -4.85 6.99 10.57
C GLU C 34 -5.99 7.95 10.14
N LYS C 35 -5.65 9.22 9.82
CA LYS C 35 -6.64 10.30 9.60
C LYS C 35 -7.84 9.81 8.75
N PRO C 36 -9.03 9.64 9.38
CA PRO C 36 -10.21 9.06 8.71
C PRO C 36 -10.96 10.09 7.83
N TYR C 37 -10.50 10.22 6.58
CA TYR C 37 -11.24 10.99 5.58
C TYR C 37 -12.47 10.19 5.11
N GLN C 38 -13.33 10.82 4.32
CA GLN C 38 -14.50 10.14 3.73
C GLN C 38 -14.54 10.40 2.22
N CYS C 39 -15.24 9.53 1.49
CA CYS C 39 -15.27 9.60 0.03
C CYS C 39 -15.72 11.00 -0.45
N ASP C 40 -14.96 11.58 -1.38
CA ASP C 40 -15.25 12.90 -1.93
C ASP C 40 -16.41 12.85 -2.96
N PHE C 41 -16.88 11.63 -3.26
CA PHE C 41 -18.01 11.46 -4.19
C PHE C 41 -19.34 11.92 -3.55
N LYS C 42 -19.35 12.01 -2.19
CA LYS C 42 -20.52 12.54 -1.41
C LYS C 42 -21.70 11.54 -1.40
N ASP C 43 -22.02 10.96 -2.56
CA ASP C 43 -23.04 9.92 -2.66
C ASP C 43 -22.50 8.57 -2.13
N CYS C 44 -21.17 8.43 -2.09
CA CYS C 44 -20.52 7.28 -1.46
C CYS C 44 -20.50 7.43 0.08
N GLU C 45 -20.17 6.34 0.77
CA GLU C 45 -20.17 6.32 2.24
C GLU C 45 -18.90 5.61 2.78
N ARG C 46 -17.80 5.68 2.02
CA ARG C 46 -16.55 5.02 2.39
C ARG C 46 -15.63 6.01 3.11
N ARG C 47 -14.60 5.45 3.77
CA ARG C 47 -13.62 6.26 4.50
C ARG C 47 -12.23 5.70 4.33
N PHE C 48 -11.23 6.57 4.41
CA PHE C 48 -9.84 6.20 4.17
C PHE C 48 -8.94 6.85 5.20
N SER C 49 -7.96 6.10 5.68
CA SER C 49 -7.09 6.57 6.78
C SER C 49 -5.92 7.45 6.24
N ARG C 50 -5.89 7.67 4.91
CA ARG C 50 -4.88 8.55 4.29
C ARG C 50 -5.47 9.29 3.09
N SER C 51 -4.97 10.52 2.88
CA SER C 51 -5.41 11.35 1.75
C SER C 51 -5.13 10.66 0.42
N ASP C 52 -3.95 10.03 0.31
CA ASP C 52 -3.54 9.34 -0.91
C ASP C 52 -4.47 8.14 -1.22
N GLN C 53 -4.90 7.43 -0.17
CA GLN C 53 -5.83 6.30 -0.33
C GLN C 53 -7.23 6.80 -0.76
N LEU C 54 -7.65 7.95 -0.23
CA LEU C 54 -8.88 8.61 -0.66
C LEU C 54 -8.76 9.13 -2.12
N LYS C 55 -7.58 9.70 -2.46
CA LYS C 55 -7.31 10.17 -3.83
C LYS C 55 -7.29 8.99 -4.81
N ARG C 56 -6.78 7.84 -4.37
CA ARG C 56 -6.88 6.60 -5.14
C ARG C 56 -8.36 6.21 -5.31
N HIS C 57 -9.11 6.24 -4.21
CA HIS C 57 -10.53 5.86 -4.24
C HIS C 57 -11.34 6.78 -5.19
N GLN C 58 -11.00 8.07 -5.20
CA GLN C 58 -11.67 9.04 -6.08
C GLN C 58 -11.64 8.56 -7.55
N ARG C 59 -10.52 7.96 -7.98
CA ARG C 59 -10.39 7.48 -9.38
C ARG C 59 -11.47 6.44 -9.71
N ARG C 60 -11.85 5.63 -8.71
CA ARG C 60 -12.96 4.66 -8.88
C ARG C 60 -14.26 5.38 -9.31
N HIS C 61 -14.44 6.63 -8.87
CA HIS C 61 -15.67 7.40 -9.12
C HIS C 61 -15.47 8.45 -10.25
N THR C 62 -14.24 8.56 -10.78
CA THR C 62 -13.89 9.65 -11.73
C THR C 62 -13.14 9.11 -12.97
N GLY C 63 -12.75 7.83 -12.93
CA GLY C 63 -11.96 7.24 -14.01
C GLY C 63 -10.52 7.78 -13.99
N VAL C 64 -10.20 8.64 -14.98
CA VAL C 64 -8.86 9.28 -15.10
C VAL C 64 -7.74 8.25 -15.41
N LYS C 65 -7.44 7.39 -14.41
CA LYS C 65 -6.29 6.44 -14.50
C LYS C 65 -5.02 7.16 -15.02
N PRO C 66 -4.40 8.01 -14.16
CA PRO C 66 -3.33 8.92 -14.58
C PRO C 66 -2.01 8.20 -14.91
N PHE C 67 -1.85 6.95 -14.45
CA PHE C 67 -0.66 6.15 -14.81
C PHE C 67 -0.90 5.48 -16.17
N GLN C 68 0.01 5.71 -17.13
CA GLN C 68 -0.12 5.11 -18.48
C GLN C 68 1.14 4.32 -18.82
N CYS C 69 0.96 3.11 -19.35
CA CYS C 69 2.10 2.28 -19.76
C CYS C 69 2.84 2.95 -20.93
N LYS C 70 4.15 3.16 -20.73
CA LYS C 70 5.01 3.77 -21.76
C LYS C 70 5.34 2.76 -22.90
N THR C 71 4.90 1.51 -22.74
CA THR C 71 5.13 0.47 -23.75
C THR C 71 3.97 0.42 -24.75
N CYS C 72 2.72 0.40 -24.21
CA CYS C 72 1.52 0.37 -25.05
C CYS C 72 0.70 1.66 -24.86
N GLN C 73 -0.05 1.70 -23.75
CA GLN C 73 -0.95 2.81 -23.37
C GLN C 73 -1.90 2.38 -22.23
N ARG C 74 -1.68 1.16 -21.70
CA ARG C 74 -2.54 0.57 -20.68
C ARG C 74 -2.61 1.48 -19.46
N LYS C 75 -3.77 2.09 -19.24
CA LYS C 75 -3.92 3.06 -18.18
C LYS C 75 -4.30 2.38 -16.86
N PHE C 76 -3.68 2.85 -15.78
CA PHE C 76 -3.96 2.37 -14.44
C PHE C 76 -4.15 3.55 -13.47
N SER C 77 -4.81 3.29 -12.35
CA SER C 77 -5.07 4.33 -11.34
C SER C 77 -4.01 4.29 -10.23
N ARG C 78 -3.09 3.31 -10.30
CA ARG C 78 -2.09 3.12 -9.24
C ARG C 78 -0.72 2.81 -9.85
N SER C 79 0.33 3.36 -9.24
CA SER C 79 1.70 3.06 -9.64
C SER C 79 2.01 1.58 -9.42
N ASP C 80 1.52 1.00 -8.32
CA ASP C 80 1.79 -0.41 -7.98
C ASP C 80 1.21 -1.37 -9.10
N HIS C 81 0.03 -1.02 -9.65
CA HIS C 81 -0.54 -1.75 -10.81
C HIS C 81 0.31 -1.50 -12.08
N LEU C 82 0.69 -0.23 -12.31
CA LEU C 82 1.44 0.13 -13.52
C LEU C 82 2.83 -0.53 -13.51
N LYS C 83 3.52 -0.49 -12.36
CA LYS C 83 4.83 -1.15 -12.21
C LYS C 83 4.68 -2.67 -12.31
N THR C 84 3.56 -3.20 -11.80
CA THR C 84 3.24 -4.62 -11.97
C THR C 84 3.06 -4.99 -13.45
N HIS C 85 2.25 -4.19 -14.16
CA HIS C 85 2.07 -4.34 -15.59
C HIS C 85 3.40 -4.12 -16.34
N THR C 86 4.22 -3.19 -15.85
CA THR C 86 5.55 -2.95 -16.40
C THR C 86 6.39 -4.23 -16.35
N ARG C 87 6.31 -4.98 -15.23
CA ARG C 87 7.02 -6.27 -15.10
C ARG C 87 6.44 -7.31 -16.06
N THR C 88 5.17 -7.12 -16.46
CA THR C 88 4.53 -7.99 -17.46
C THR C 88 5.10 -7.72 -18.86
N HIS C 89 5.52 -6.47 -19.11
CA HIS C 89 6.21 -6.13 -20.36
C HIS C 89 7.71 -6.44 -20.27
N THR C 90 8.24 -6.46 -19.03
CA THR C 90 9.67 -6.63 -18.78
C THR C 90 10.03 -8.12 -18.60
N GLY C 91 9.01 -8.99 -18.55
CA GLY C 91 9.22 -10.42 -18.27
C GLY C 91 9.85 -10.64 -16.87
N GLU C 92 9.75 -9.62 -16.00
CA GLU C 92 10.37 -9.67 -14.68
C GLU C 92 9.52 -10.49 -13.71
N LYS C 93 9.82 -11.78 -13.60
CA LYS C 93 9.06 -12.71 -12.76
C LYS C 93 9.97 -13.30 -11.64
N PRO C 94 10.20 -12.53 -10.56
CA PRO C 94 11.12 -12.92 -9.50
C PRO C 94 10.50 -13.91 -8.49
N PHE C 95 9.16 -13.97 -8.43
CA PHE C 95 8.46 -14.86 -7.49
C PHE C 95 8.47 -16.31 -8.00
N SER C 96 9.62 -16.97 -7.84
CA SER C 96 9.76 -18.38 -8.22
C SER C 96 9.14 -19.30 -7.18
N CYS C 97 8.57 -20.41 -7.66
CA CYS C 97 8.08 -21.46 -6.78
C CYS C 97 9.25 -22.19 -6.12
N ARG C 98 8.94 -22.90 -5.03
CA ARG C 98 9.95 -23.64 -4.25
C ARG C 98 9.65 -25.15 -4.26
N TRP C 99 8.52 -25.54 -4.89
CA TRP C 99 8.19 -26.94 -5.07
C TRP C 99 9.18 -27.59 -6.09
N PRO C 100 9.83 -28.71 -5.71
CA PRO C 100 10.93 -29.29 -6.50
C PRO C 100 10.46 -29.90 -7.83
N SER C 101 9.14 -30.09 -7.97
CA SER C 101 8.56 -30.64 -9.20
C SER C 101 7.93 -29.52 -10.06
N CYS C 102 8.32 -28.26 -9.81
CA CYS C 102 7.72 -27.10 -10.46
C CYS C 102 8.78 -26.04 -10.84
N GLN C 103 9.09 -25.14 -9.87
CA GLN C 103 10.02 -24.02 -10.11
C GLN C 103 9.48 -23.05 -11.21
N LYS C 104 8.16 -22.81 -11.21
CA LYS C 104 7.55 -21.77 -12.08
C LYS C 104 7.82 -20.38 -11.50
N LYS C 105 7.71 -19.35 -12.33
CA LYS C 105 8.03 -17.97 -11.91
C LYS C 105 6.83 -17.04 -12.15
N PHE C 106 6.60 -16.12 -11.19
CA PHE C 106 5.50 -15.13 -11.31
C PHE C 106 6.03 -13.72 -11.06
N ALA C 107 5.29 -12.71 -11.50
CA ALA C 107 5.68 -11.30 -11.31
C ALA C 107 4.93 -10.67 -10.13
N ARG C 108 4.07 -11.47 -9.46
CA ARG C 108 3.33 -11.00 -8.30
C ARG C 108 3.35 -12.05 -7.18
N SER C 109 3.50 -11.57 -5.95
CA SER C 109 3.55 -12.45 -4.78
C SER C 109 2.25 -13.26 -4.65
N ASP C 110 1.11 -12.61 -4.87
CA ASP C 110 -0.20 -13.29 -4.78
C ASP C 110 -0.38 -14.33 -5.92
N GLU C 111 0.19 -14.05 -7.11
CA GLU C 111 0.18 -15.02 -8.21
C GLU C 111 0.92 -16.29 -7.80
N LEU C 112 2.07 -16.13 -7.14
CA LEU C 112 2.81 -17.27 -6.60
C LEU C 112 1.98 -17.99 -5.49
N VAL C 113 1.33 -17.20 -4.60
CA VAL C 113 0.47 -17.78 -3.55
C VAL C 113 -0.64 -18.64 -4.16
N ARG C 114 -1.32 -18.10 -5.18
CA ARG C 114 -2.36 -18.84 -5.90
C ARG C 114 -1.77 -20.08 -6.57
N HIS C 115 -0.64 -19.90 -7.26
CA HIS C 115 0.02 -21.00 -7.96
C HIS C 115 0.33 -22.16 -6.99
N HIS C 116 0.85 -21.84 -5.80
CA HIS C 116 1.13 -22.87 -4.77
C HIS C 116 -0.16 -23.63 -4.38
N ASN C 117 -1.30 -22.92 -4.40
CA ASN C 117 -2.59 -23.55 -4.06
C ASN C 117 -3.05 -24.51 -5.20
N MET C 118 -2.44 -24.39 -6.39
CA MET C 118 -2.69 -25.34 -7.49
C MET C 118 -1.87 -26.64 -7.30
N HIS C 119 -0.98 -26.66 -6.30
CA HIS C 119 -0.19 -27.86 -5.97
C HIS C 119 -0.85 -28.63 -4.82
N ALA C 1 9.31 4.11 43.34
CA ALA C 1 9.84 5.06 42.36
C ALA C 1 9.28 4.78 40.95
N SER C 2 8.49 3.71 40.82
CA SER C 2 7.86 3.33 39.54
C SER C 2 6.77 2.27 39.77
N GLU C 3 5.96 2.03 38.73
CA GLU C 3 4.88 1.03 38.79
C GLU C 3 4.81 0.23 37.48
N LYS C 4 4.11 -0.92 37.53
CA LYS C 4 3.91 -1.76 36.33
C LYS C 4 2.83 -1.16 35.41
N ARG C 5 3.12 0.02 34.85
CA ARG C 5 2.17 0.74 33.98
C ARG C 5 2.83 1.09 32.63
N PRO C 6 2.77 0.16 31.66
CA PRO C 6 3.33 0.38 30.31
C PRO C 6 2.48 1.36 29.48
N PHE C 7 2.95 1.65 28.26
CA PHE C 7 2.18 2.44 27.29
C PHE C 7 1.41 1.50 26.36
N MET C 8 0.25 1.94 25.85
CA MET C 8 -0.44 1.21 24.76
C MET C 8 -0.94 2.19 23.71
N CYS C 9 -1.01 1.74 22.47
CA CYS C 9 -1.52 2.56 21.38
C CYS C 9 -3.06 2.76 21.50
N ALA C 10 -3.58 3.82 20.87
CA ALA C 10 -5.03 4.08 20.84
C ALA C 10 -5.63 3.72 19.46
N TYR C 11 -4.81 3.81 18.40
CA TYR C 11 -5.26 3.60 17.03
C TYR C 11 -5.94 2.20 16.87
N PRO C 12 -7.06 2.13 16.11
CA PRO C 12 -7.78 0.87 15.89
C PRO C 12 -6.93 -0.14 15.11
N GLY C 13 -7.20 -1.43 15.34
CA GLY C 13 -6.43 -2.51 14.69
C GLY C 13 -5.04 -2.73 15.35
N CYS C 14 -4.50 -1.67 15.97
CA CYS C 14 -3.24 -1.75 16.70
C CYS C 14 -3.49 -1.97 18.20
N ASN C 15 -3.64 -0.85 18.95
CA ASN C 15 -3.79 -0.89 20.41
C ASN C 15 -2.75 -1.83 21.07
N LYS C 16 -1.51 -1.82 20.53
CA LYS C 16 -0.44 -2.67 21.04
C LYS C 16 0.29 -1.99 22.18
N ARG C 17 1.07 -2.77 22.93
CA ARG C 17 1.69 -2.27 24.14
C ARG C 17 3.19 -1.99 23.93
N TYR C 18 3.69 -0.99 24.66
CA TYR C 18 5.05 -0.52 24.55
C TYR C 18 5.65 -0.30 25.94
N PHE C 19 6.98 -0.27 26.00
CA PHE C 19 7.68 -0.03 27.26
C PHE C 19 8.48 1.27 27.19
N LYS C 20 9.28 1.43 26.14
CA LYS C 20 10.05 2.66 25.92
C LYS C 20 9.14 3.77 25.38
N LEU C 21 9.12 4.90 26.07
CA LEU C 21 8.37 6.08 25.61
C LEU C 21 8.76 6.43 24.16
N SER C 22 10.07 6.47 23.89
CA SER C 22 10.61 6.83 22.56
C SER C 22 10.28 5.78 21.49
N HIS C 23 10.29 4.49 21.88
CA HIS C 23 9.98 3.42 20.93
C HIS C 23 8.47 3.44 20.61
N LEU C 24 7.67 3.78 21.62
CA LEU C 24 6.25 4.05 21.42
C LEU C 24 6.04 5.37 20.61
N GLN C 25 6.95 6.34 20.79
CA GLN C 25 6.89 7.59 20.02
C GLN C 25 7.14 7.32 18.52
N MET C 26 8.11 6.43 18.22
CA MET C 26 8.32 5.97 16.83
C MET C 26 7.10 5.19 16.34
N HIS C 27 6.55 4.32 17.21
CA HIS C 27 5.35 3.55 16.86
C HIS C 27 4.21 4.50 16.50
N SER C 28 4.02 5.54 17.30
CA SER C 28 2.98 6.53 17.06
C SER C 28 3.15 7.20 15.70
N ARG C 29 4.42 7.39 15.29
CA ARG C 29 4.72 8.00 13.97
C ARG C 29 4.05 7.18 12.84
N LYS C 30 4.04 5.85 13.00
CA LYS C 30 3.38 4.96 12.02
C LYS C 30 1.90 5.34 11.83
N HIS C 31 1.23 5.72 12.93
CA HIS C 31 -0.19 6.11 12.89
C HIS C 31 -0.34 7.61 12.57
N THR C 32 0.62 8.42 13.05
CA THR C 32 0.71 9.84 12.67
C THR C 32 0.64 9.99 11.13
N GLY C 33 1.18 9.00 10.41
CA GLY C 33 1.02 8.94 8.95
C GLY C 33 -0.38 8.45 8.53
N GLU C 34 -0.92 7.47 9.27
CA GLU C 34 -2.27 6.95 9.03
C GLU C 34 -3.36 7.91 9.59
N LYS C 35 -3.52 9.08 8.96
CA LYS C 35 -4.63 9.99 9.27
C LYS C 35 -5.92 9.51 8.56
N PRO C 36 -6.97 9.14 9.33
CA PRO C 36 -8.18 8.51 8.78
C PRO C 36 -9.10 9.51 8.08
N TYR C 37 -9.80 9.02 7.05
CA TYR C 37 -10.81 9.82 6.31
C TYR C 37 -11.95 8.92 5.78
N GLN C 38 -12.93 9.54 5.12
CA GLN C 38 -13.96 8.81 4.36
C GLN C 38 -14.13 9.43 2.98
N CYS C 39 -14.62 8.63 2.03
CA CYS C 39 -14.79 9.09 0.65
C CYS C 39 -15.54 10.44 0.60
N ASP C 40 -15.00 11.38 -0.19
CA ASP C 40 -15.59 12.71 -0.33
C ASP C 40 -16.55 12.77 -1.55
N PHE C 41 -16.75 11.62 -2.20
CA PHE C 41 -17.68 11.53 -3.33
C PHE C 41 -19.14 11.78 -2.86
N LYS C 42 -19.99 12.24 -3.79
CA LYS C 42 -21.36 12.68 -3.45
C LYS C 42 -22.27 11.48 -3.08
N ASP C 43 -21.81 10.25 -3.36
CA ASP C 43 -22.62 9.03 -3.11
C ASP C 43 -21.73 7.86 -2.60
N CYS C 44 -20.80 8.17 -1.68
CA CYS C 44 -19.96 7.13 -1.06
C CYS C 44 -19.66 7.48 0.42
N GLU C 45 -19.14 6.48 1.15
CA GLU C 45 -18.76 6.66 2.56
C GLU C 45 -17.63 5.67 2.94
N ARG C 46 -16.89 5.19 1.92
CA ARG C 46 -15.80 4.23 2.14
C ARG C 46 -14.68 4.88 2.92
N ARG C 47 -14.26 4.23 4.00
CA ARG C 47 -13.27 4.80 4.90
C ARG C 47 -11.86 4.44 4.45
N PHE C 48 -10.93 5.34 4.72
CA PHE C 48 -9.51 5.12 4.46
C PHE C 48 -8.69 5.53 5.67
N SER C 49 -7.44 5.07 5.74
CA SER C 49 -6.59 5.36 6.91
C SER C 49 -5.48 6.35 6.54
N ARG C 50 -5.52 6.91 5.32
CA ARG C 50 -4.54 7.93 4.90
C ARG C 50 -5.07 8.80 3.75
N SER C 51 -4.50 10.00 3.62
CA SER C 51 -4.90 10.95 2.59
C SER C 51 -4.71 10.36 1.19
N ASP C 52 -3.56 9.69 0.97
CA ASP C 52 -3.25 9.14 -0.35
C ASP C 52 -4.19 7.97 -0.70
N GLN C 53 -4.60 7.20 0.31
CA GLN C 53 -5.57 6.12 0.10
C GLN C 53 -6.91 6.71 -0.35
N LEU C 54 -7.37 7.78 0.31
CA LEU C 54 -8.60 8.46 -0.05
C LEU C 54 -8.48 9.12 -1.45
N LYS C 55 -7.36 9.80 -1.70
CA LYS C 55 -7.10 10.46 -3.01
C LYS C 55 -6.99 9.41 -4.12
N ARG C 56 -6.36 8.27 -3.81
CA ARG C 56 -6.34 7.11 -4.72
C ARG C 56 -7.76 6.62 -5.00
N HIS C 57 -8.56 6.49 -3.93
CA HIS C 57 -9.93 6.00 -4.05
C HIS C 57 -10.77 6.91 -4.95
N GLN C 58 -10.56 8.24 -4.83
CA GLN C 58 -11.22 9.22 -5.70
C GLN C 58 -10.99 8.88 -7.20
N ARG C 59 -9.78 8.40 -7.55
CA ARG C 59 -9.47 8.06 -8.95
C ARG C 59 -10.49 7.04 -9.52
N ARG C 60 -11.00 6.14 -8.66
CA ARG C 60 -12.06 5.18 -9.03
C ARG C 60 -13.39 5.90 -9.35
N HIS C 61 -13.69 6.95 -8.57
CA HIS C 61 -14.97 7.68 -8.72
C HIS C 61 -14.89 8.71 -9.84
N THR C 62 -13.69 9.26 -10.05
CA THR C 62 -13.48 10.26 -11.10
C THR C 62 -13.35 9.60 -12.47
N GLY C 63 -12.49 8.56 -12.58
CA GLY C 63 -12.28 7.88 -13.86
C GLY C 63 -10.84 8.10 -14.41
N VAL C 64 -10.04 8.90 -13.68
CA VAL C 64 -8.70 9.32 -14.15
C VAL C 64 -7.69 8.14 -14.06
N LYS C 65 -6.85 8.01 -15.10
CA LYS C 65 -5.81 6.96 -15.16
C LYS C 65 -4.49 7.55 -15.73
N PRO C 66 -3.69 8.24 -14.87
CA PRO C 66 -2.50 8.98 -15.31
C PRO C 66 -1.27 8.08 -15.56
N PHE C 67 -1.27 6.86 -14.99
CA PHE C 67 -0.15 5.93 -15.15
C PHE C 67 -0.30 5.13 -16.47
N GLN C 68 0.31 5.64 -17.54
CA GLN C 68 0.21 4.99 -18.87
C GLN C 68 1.44 4.15 -19.16
N CYS C 69 1.23 2.94 -19.67
CA CYS C 69 2.32 2.09 -20.16
C CYS C 69 3.00 2.75 -21.37
N LYS C 70 4.31 2.51 -21.51
CA LYS C 70 5.09 3.03 -22.65
C LYS C 70 5.26 1.95 -23.75
N THR C 71 4.56 0.82 -23.57
CA THR C 71 4.65 -0.33 -24.49
C THR C 71 3.33 -0.54 -25.23
N CYS C 72 2.24 -0.78 -24.47
CA CYS C 72 0.92 -1.03 -25.06
C CYS C 72 0.05 0.25 -25.01
N GLN C 73 0.39 1.19 -24.07
CA GLN C 73 -0.35 2.48 -23.87
C GLN C 73 -1.47 2.33 -22.80
N ARG C 74 -1.52 1.14 -22.14
CA ARG C 74 -2.55 0.85 -21.14
C ARG C 74 -2.46 1.82 -19.98
N LYS C 75 -3.58 2.46 -19.64
CA LYS C 75 -3.62 3.47 -18.59
C LYS C 75 -4.14 2.87 -17.28
N PHE C 76 -3.50 3.25 -16.18
CA PHE C 76 -3.85 2.78 -14.85
C PHE C 76 -3.98 3.98 -13.88
N SER C 77 -4.63 3.75 -12.74
CA SER C 77 -4.79 4.79 -11.71
C SER C 77 -3.86 4.53 -10.51
N ARG C 78 -3.03 3.49 -10.60
CA ARG C 78 -2.17 3.07 -9.48
C ARG C 78 -0.78 2.68 -9.97
N SER C 79 0.24 3.37 -9.44
CA SER C 79 1.65 3.04 -9.74
C SER C 79 1.94 1.55 -9.49
N ASP C 80 1.39 1.01 -8.39
CA ASP C 80 1.58 -0.42 -8.03
C ASP C 80 1.00 -1.37 -9.14
N HIS C 81 -0.10 -0.94 -9.78
CA HIS C 81 -0.68 -1.70 -10.92
C HIS C 81 0.19 -1.54 -12.17
N LEU C 82 0.71 -0.34 -12.41
CA LEU C 82 1.55 -0.06 -13.57
C LEU C 82 2.90 -0.81 -13.46
N LYS C 83 3.50 -0.79 -12.26
CA LYS C 83 4.74 -1.56 -11.99
C LYS C 83 4.47 -3.06 -12.13
N THR C 84 3.30 -3.50 -11.64
CA THR C 84 2.89 -4.90 -11.80
C THR C 84 2.72 -5.26 -13.28
N HIS C 85 1.99 -4.40 -14.00
CA HIS C 85 1.77 -4.58 -15.45
C HIS C 85 3.11 -4.50 -16.22
N THR C 86 4.02 -3.65 -15.74
CA THR C 86 5.35 -3.52 -16.34
C THR C 86 6.05 -4.89 -16.42
N ARG C 87 5.91 -5.70 -15.36
CA ARG C 87 6.54 -7.05 -15.32
C ARG C 87 5.92 -7.98 -16.39
N THR C 88 4.69 -7.68 -16.83
CA THR C 88 4.03 -8.44 -17.93
C THR C 88 4.76 -8.20 -19.27
N HIS C 89 5.35 -7.01 -19.44
CA HIS C 89 6.15 -6.69 -20.64
C HIS C 89 7.64 -6.99 -20.40
N THR C 90 8.03 -7.05 -19.12
CA THR C 90 9.44 -7.22 -18.73
C THR C 90 9.76 -8.69 -18.42
N GLY C 91 8.78 -9.60 -18.64
CA GLY C 91 8.94 -11.03 -18.31
C GLY C 91 9.50 -11.26 -16.89
N GLU C 92 9.25 -10.29 -15.99
CA GLU C 92 9.90 -10.27 -14.67
C GLU C 92 9.09 -11.08 -13.66
N LYS C 93 9.44 -12.37 -13.52
CA LYS C 93 8.75 -13.28 -12.60
C LYS C 93 9.70 -13.72 -11.45
N PRO C 94 9.77 -12.94 -10.34
CA PRO C 94 10.67 -13.20 -9.24
C PRO C 94 10.08 -14.16 -8.19
N PHE C 95 8.74 -14.27 -8.14
CA PHE C 95 8.06 -15.08 -7.11
C PHE C 95 8.10 -16.57 -7.48
N SER C 96 9.24 -17.22 -7.23
CA SER C 96 9.43 -18.65 -7.54
C SER C 96 8.82 -19.54 -6.45
N CYS C 97 8.24 -20.67 -6.86
CA CYS C 97 7.66 -21.65 -5.92
C CYS C 97 8.76 -22.38 -5.13
N ARG C 98 8.37 -22.97 -4.01
CA ARG C 98 9.30 -23.65 -3.11
C ARG C 98 8.78 -25.04 -2.72
N TRP C 99 7.76 -25.53 -3.47
CA TRP C 99 7.22 -26.86 -3.27
C TRP C 99 8.25 -27.94 -3.69
N PRO C 100 8.05 -29.20 -3.27
CA PRO C 100 8.99 -30.30 -3.54
C PRO C 100 9.41 -30.37 -5.02
N SER C 101 10.68 -29.98 -5.28
CA SER C 101 11.28 -30.06 -6.64
C SER C 101 10.58 -29.11 -7.64
N CYS C 102 9.81 -28.12 -7.14
CA CYS C 102 9.20 -27.10 -7.99
C CYS C 102 10.16 -25.91 -8.18
N GLN C 103 9.84 -25.08 -9.18
CA GLN C 103 10.56 -23.82 -9.40
C GLN C 103 9.76 -22.93 -10.38
N LYS C 104 8.42 -23.07 -10.36
CA LYS C 104 7.55 -22.26 -11.21
C LYS C 104 7.51 -20.83 -10.71
N LYS C 105 7.76 -19.87 -11.62
CA LYS C 105 7.94 -18.47 -11.25
C LYS C 105 6.72 -17.64 -11.63
N PHE C 106 6.38 -16.68 -10.77
CA PHE C 106 5.25 -15.77 -11.01
C PHE C 106 5.70 -14.32 -10.87
N ALA C 107 4.93 -13.41 -11.45
CA ALA C 107 5.25 -11.98 -11.42
C ALA C 107 4.41 -11.24 -10.36
N ARG C 108 3.61 -12.00 -9.60
CA ARG C 108 2.78 -11.43 -8.54
C ARG C 108 2.79 -12.32 -7.30
N SER C 109 2.94 -11.71 -6.13
CA SER C 109 3.02 -12.44 -4.87
C SER C 109 1.79 -13.33 -4.66
N ASP C 110 0.60 -12.77 -4.96
CA ASP C 110 -0.65 -13.52 -4.86
C ASP C 110 -0.72 -14.66 -5.91
N GLU C 111 -0.14 -14.43 -7.11
CA GLU C 111 -0.08 -15.50 -8.14
C GLU C 111 0.69 -16.71 -7.62
N LEU C 112 1.79 -16.44 -6.91
CA LEU C 112 2.54 -17.50 -6.24
C LEU C 112 1.67 -18.18 -5.16
N VAL C 113 0.96 -17.38 -4.34
CA VAL C 113 0.04 -17.93 -3.31
C VAL C 113 -1.02 -18.82 -3.97
N ARG C 114 -1.57 -18.34 -5.10
CA ARG C 114 -2.57 -19.11 -5.87
C ARG C 114 -1.96 -20.40 -6.39
N HIS C 115 -0.74 -20.32 -6.97
CA HIS C 115 -0.04 -21.51 -7.47
C HIS C 115 0.08 -22.57 -6.39
N HIS C 116 0.56 -22.16 -5.20
CA HIS C 116 0.66 -23.06 -4.06
C HIS C 116 -0.72 -23.67 -3.72
N ASN C 117 -1.79 -22.86 -3.83
CA ASN C 117 -3.16 -23.32 -3.53
C ASN C 117 -3.66 -24.33 -4.59
N MET C 118 -2.99 -24.34 -5.76
CA MET C 118 -3.34 -25.28 -6.83
C MET C 118 -2.27 -26.38 -6.98
N HIS C 119 -1.30 -26.41 -6.05
CA HIS C 119 -0.15 -27.31 -6.16
C HIS C 119 -0.54 -28.75 -5.85
N ALA C 1 5.16 12.18 41.03
CA ALA C 1 4.44 10.98 40.62
C ALA C 1 3.73 11.20 39.25
N SER C 2 3.58 12.47 38.87
CA SER C 2 2.99 12.84 37.57
C SER C 2 3.92 12.42 36.41
N GLU C 3 5.20 12.18 36.72
CA GLU C 3 6.23 11.93 35.69
C GLU C 3 6.20 10.46 35.20
N LYS C 4 5.31 9.63 35.80
CA LYS C 4 5.24 8.19 35.46
C LYS C 4 4.68 7.98 34.03
N ARG C 5 4.20 9.07 33.38
CA ARG C 5 3.84 9.05 31.95
C ARG C 5 4.13 10.42 31.30
N PRO C 6 5.39 10.66 30.86
CA PRO C 6 5.80 11.94 30.27
C PRO C 6 4.97 12.30 29.02
N PHE C 7 4.93 11.37 28.04
CA PHE C 7 4.24 11.61 26.78
C PHE C 7 3.10 10.58 26.58
N MET C 8 2.07 10.98 25.84
CA MET C 8 1.05 10.02 25.38
C MET C 8 0.70 10.28 23.93
N CYS C 9 0.23 9.26 23.25
CA CYS C 9 -0.35 9.40 21.92
C CYS C 9 -1.72 10.11 22.02
N ALA C 10 -2.24 10.57 20.87
CA ALA C 10 -3.55 11.24 20.81
C ALA C 10 -4.54 10.46 19.93
N TYR C 11 -4.02 9.52 19.13
CA TYR C 11 -4.85 8.73 18.22
C TYR C 11 -5.84 7.84 19.01
N PRO C 12 -7.15 7.90 18.67
CA PRO C 12 -8.20 7.16 19.41
C PRO C 12 -7.88 5.67 19.61
N GLY C 13 -7.28 5.04 18.59
CA GLY C 13 -6.96 3.61 18.65
C GLY C 13 -5.67 3.30 19.44
N CYS C 14 -5.13 4.32 20.12
CA CYS C 14 -3.88 4.19 20.88
C CYS C 14 -3.96 4.93 22.22
N ASN C 15 -3.64 6.25 22.20
CA ASN C 15 -3.60 7.08 23.42
C ASN C 15 -2.58 6.52 24.45
N LYS C 16 -1.61 5.72 23.97
CA LYS C 16 -0.67 5.02 24.85
C LYS C 16 0.42 5.94 25.33
N ARG C 17 1.11 5.54 26.39
CA ARG C 17 2.07 6.39 27.05
C ARG C 17 3.51 6.09 26.60
N TYR C 18 4.23 7.15 26.24
CA TYR C 18 5.60 7.06 25.79
C TYR C 18 6.54 7.82 26.76
N PHE C 19 7.83 7.47 26.72
CA PHE C 19 8.80 8.00 27.69
C PHE C 19 9.91 8.81 27.00
N LYS C 20 9.97 8.75 25.67
CA LYS C 20 10.94 9.51 24.88
C LYS C 20 10.23 10.36 23.83
N LEU C 21 10.63 11.62 23.72
CA LEU C 21 9.99 12.55 22.79
C LEU C 21 10.13 12.04 21.33
N SER C 22 11.35 11.70 20.92
CA SER C 22 11.65 11.20 19.56
C SER C 22 11.02 9.83 19.30
N HIS C 23 11.00 8.98 20.33
CA HIS C 23 10.43 7.65 20.20
C HIS C 23 8.90 7.75 20.02
N LEU C 24 8.27 8.67 20.77
CA LEU C 24 6.86 9.00 20.55
C LEU C 24 6.65 9.73 19.20
N GLN C 25 7.58 10.62 18.84
CA GLN C 25 7.48 11.36 17.57
C GLN C 25 7.45 10.38 16.39
N MET C 26 8.34 9.37 16.42
CA MET C 26 8.33 8.31 15.41
C MET C 26 7.03 7.51 15.48
N HIS C 27 6.55 7.21 16.71
CA HIS C 27 5.29 6.47 16.88
C HIS C 27 4.13 7.22 16.22
N SER C 28 4.14 8.56 16.32
CA SER C 28 3.09 9.39 15.75
C SER C 28 3.00 9.17 14.23
N ARG C 29 4.16 8.94 13.57
CA ARG C 29 4.21 8.71 12.13
C ARG C 29 3.30 7.54 11.73
N LYS C 30 3.27 6.49 12.58
CA LYS C 30 2.42 5.32 12.32
C LYS C 30 0.95 5.72 12.21
N HIS C 31 0.51 6.67 13.04
CA HIS C 31 -0.89 7.08 13.08
C HIS C 31 -1.21 8.06 11.94
N THR C 32 -0.21 8.82 11.46
CA THR C 32 -0.39 9.61 10.22
C THR C 32 -0.82 8.69 9.06
N GLY C 33 -0.32 7.44 9.08
CA GLY C 33 -0.73 6.44 8.08
C GLY C 33 -2.06 5.76 8.45
N GLU C 34 -2.71 6.25 9.51
CA GLU C 34 -3.96 5.67 10.01
C GLU C 34 -5.06 6.77 10.13
N LYS C 35 -4.79 7.96 9.57
CA LYS C 35 -5.73 9.09 9.63
C LYS C 35 -7.08 8.73 8.97
N PRO C 36 -8.19 8.69 9.75
CA PRO C 36 -9.49 8.25 9.26
C PRO C 36 -10.19 9.33 8.40
N TYR C 37 -10.03 9.23 7.09
CA TYR C 37 -10.81 10.05 6.14
C TYR C 37 -12.07 9.29 5.68
N GLN C 38 -13.03 10.02 5.10
CA GLN C 38 -14.17 9.40 4.41
C GLN C 38 -14.38 10.04 3.05
N CYS C 39 -15.02 9.29 2.14
CA CYS C 39 -15.30 9.81 0.80
C CYS C 39 -16.09 11.12 0.87
N ASP C 40 -15.89 11.97 -0.14
CA ASP C 40 -16.44 13.34 -0.13
C ASP C 40 -17.68 13.46 -1.03
N PHE C 41 -18.08 12.38 -1.69
CA PHE C 41 -19.20 12.40 -2.62
C PHE C 41 -20.54 12.44 -1.87
N LYS C 42 -21.57 12.96 -2.54
CA LYS C 42 -22.96 12.91 -2.04
C LYS C 42 -23.53 11.48 -2.12
N ASP C 43 -22.72 10.54 -2.62
CA ASP C 43 -23.19 9.17 -2.89
C ASP C 43 -22.12 8.12 -2.49
N CYS C 44 -21.13 8.54 -1.68
CA CYS C 44 -20.14 7.60 -1.11
C CYS C 44 -19.91 7.87 0.38
N GLU C 45 -19.48 6.83 1.10
CA GLU C 45 -19.20 6.92 2.52
C GLU C 45 -18.03 5.97 2.91
N ARG C 46 -17.20 5.62 1.91
CA ARG C 46 -16.07 4.72 2.14
C ARG C 46 -14.96 5.45 2.88
N ARG C 47 -14.42 4.80 3.92
CA ARG C 47 -13.37 5.40 4.74
C ARG C 47 -11.98 4.97 4.25
N PHE C 48 -10.99 5.83 4.48
CA PHE C 48 -9.60 5.56 4.12
C PHE C 48 -8.68 5.96 5.26
N SER C 49 -7.45 5.45 5.25
CA SER C 49 -6.51 5.64 6.37
C SER C 49 -5.45 6.71 6.05
N ARG C 50 -5.53 7.30 4.84
CA ARG C 50 -4.63 8.41 4.46
C ARG C 50 -5.27 9.27 3.36
N SER C 51 -4.75 10.50 3.23
CA SER C 51 -5.22 11.43 2.20
C SER C 51 -5.00 10.85 0.81
N ASP C 52 -3.80 10.27 0.58
CA ASP C 52 -3.46 9.69 -0.72
C ASP C 52 -4.36 8.48 -1.05
N GLN C 53 -4.76 7.72 -0.02
CA GLN C 53 -5.64 6.56 -0.21
C GLN C 53 -7.06 7.00 -0.58
N LEU C 54 -7.54 8.07 0.07
CA LEU C 54 -8.81 8.69 -0.30
C LEU C 54 -8.72 9.31 -1.73
N LYS C 55 -7.58 9.97 -2.04
CA LYS C 55 -7.33 10.53 -3.39
C LYS C 55 -7.24 9.41 -4.44
N ARG C 56 -6.66 8.27 -4.08
CA ARG C 56 -6.67 7.07 -4.92
C ARG C 56 -8.12 6.61 -5.15
N HIS C 57 -8.89 6.52 -4.07
CA HIS C 57 -10.28 6.07 -4.14
C HIS C 57 -11.12 7.01 -5.04
N GLN C 58 -10.85 8.31 -4.98
CA GLN C 58 -11.50 9.30 -5.87
C GLN C 58 -11.36 8.88 -7.35
N ARG C 59 -10.19 8.33 -7.73
CA ARG C 59 -9.96 7.88 -9.11
C ARG C 59 -11.04 6.87 -9.56
N ARG C 60 -11.54 6.06 -8.61
CA ARG C 60 -12.62 5.08 -8.89
C ARG C 60 -13.93 5.79 -9.26
N HIS C 61 -14.18 6.98 -8.66
CA HIS C 61 -15.39 7.76 -8.93
C HIS C 61 -15.23 8.61 -10.20
N THR C 62 -14.03 9.16 -10.39
CA THR C 62 -13.75 10.11 -11.49
C THR C 62 -13.36 9.37 -12.79
N GLY C 63 -12.93 8.10 -12.65
CA GLY C 63 -12.46 7.33 -13.80
C GLY C 63 -11.04 7.74 -14.25
N VAL C 64 -10.43 8.69 -13.52
CA VAL C 64 -9.12 9.24 -13.90
C VAL C 64 -8.01 8.21 -13.64
N LYS C 65 -7.46 7.67 -14.74
CA LYS C 65 -6.33 6.71 -14.67
C LYS C 65 -5.06 7.36 -15.28
N PRO C 66 -4.24 8.03 -14.44
CA PRO C 66 -3.13 8.86 -14.92
C PRO C 66 -1.86 8.05 -15.23
N PHE C 67 -1.74 6.84 -14.65
CA PHE C 67 -0.53 6.03 -14.82
C PHE C 67 -0.56 5.27 -16.16
N GLN C 68 -0.22 5.96 -17.24
CA GLN C 68 -0.33 5.38 -18.59
C GLN C 68 0.98 4.68 -19.00
N CYS C 69 0.83 3.46 -19.54
CA CYS C 69 1.98 2.63 -19.91
C CYS C 69 2.80 3.29 -21.04
N LYS C 70 4.09 3.47 -20.78
CA LYS C 70 5.04 3.99 -21.79
C LYS C 70 5.15 3.04 -23.02
N THR C 71 4.56 1.84 -22.92
CA THR C 71 4.69 0.80 -23.95
C THR C 71 3.40 0.67 -24.78
N CYS C 72 2.30 0.24 -24.13
CA CYS C 72 1.03 -0.03 -24.82
C CYS C 72 -0.02 1.07 -24.54
N GLN C 73 0.38 2.11 -23.78
CA GLN C 73 -0.48 3.28 -23.50
C GLN C 73 -1.73 2.88 -22.65
N ARG C 74 -1.68 1.69 -22.03
CA ARG C 74 -2.74 1.27 -21.10
C ARG C 74 -2.74 2.16 -19.86
N LYS C 75 -3.88 2.80 -19.59
CA LYS C 75 -4.00 3.72 -18.48
C LYS C 75 -4.40 2.99 -17.19
N PHE C 76 -3.58 3.14 -16.15
CA PHE C 76 -3.84 2.55 -14.83
C PHE C 76 -4.09 3.65 -13.79
N SER C 77 -4.70 3.27 -12.66
CA SER C 77 -5.04 4.24 -11.61
C SER C 77 -4.01 4.24 -10.48
N ARG C 78 -3.08 3.26 -10.50
CA ARG C 78 -2.10 3.09 -9.40
C ARG C 78 -0.70 2.85 -9.95
N SER C 79 0.30 3.34 -9.22
CA SER C 79 1.71 3.13 -9.57
C SER C 79 2.10 1.66 -9.39
N ASP C 80 1.60 1.04 -8.31
CA ASP C 80 1.90 -0.38 -8.01
C ASP C 80 1.36 -1.32 -9.14
N HIS C 81 0.21 -0.96 -9.73
CA HIS C 81 -0.37 -1.72 -10.85
C HIS C 81 0.39 -1.44 -12.15
N LEU C 82 0.80 -0.17 -12.35
CA LEU C 82 1.62 0.19 -13.52
C LEU C 82 3.00 -0.47 -13.45
N LYS C 83 3.60 -0.48 -12.25
CA LYS C 83 4.89 -1.16 -12.01
C LYS C 83 4.73 -2.68 -12.18
N THR C 84 3.57 -3.21 -11.75
CA THR C 84 3.25 -4.62 -11.93
C THR C 84 3.09 -4.96 -13.42
N HIS C 85 2.30 -4.16 -14.12
CA HIS C 85 2.13 -4.29 -15.56
C HIS C 85 3.48 -4.07 -16.30
N THR C 86 4.30 -3.16 -15.76
CA THR C 86 5.65 -2.94 -16.28
C THR C 86 6.46 -4.24 -16.26
N ARG C 87 6.33 -5.03 -15.17
CA ARG C 87 7.01 -6.34 -15.07
C ARG C 87 6.44 -7.33 -16.12
N THR C 88 5.20 -7.09 -16.56
CA THR C 88 4.58 -7.88 -17.64
C THR C 88 5.23 -7.57 -19.01
N HIS C 89 5.75 -6.34 -19.15
CA HIS C 89 6.52 -5.96 -20.36
C HIS C 89 8.04 -6.23 -20.16
N THR C 90 8.45 -6.37 -18.89
CA THR C 90 9.88 -6.49 -18.55
C THR C 90 10.28 -7.97 -18.33
N GLY C 91 9.29 -8.88 -18.35
CA GLY C 91 9.56 -10.32 -18.11
C GLY C 91 10.08 -10.58 -16.68
N GLU C 92 9.96 -9.58 -15.80
CA GLU C 92 10.50 -9.66 -14.44
C GLU C 92 9.59 -10.51 -13.54
N LYS C 93 9.96 -11.79 -13.39
CA LYS C 93 9.17 -12.75 -12.59
C LYS C 93 10.04 -13.36 -11.47
N PRO C 94 10.17 -12.67 -10.31
CA PRO C 94 11.05 -13.08 -9.23
C PRO C 94 10.40 -14.11 -8.27
N PHE C 95 9.06 -14.18 -8.27
CA PHE C 95 8.32 -15.05 -7.33
C PHE C 95 8.30 -16.51 -7.82
N SER C 96 9.40 -17.24 -7.60
CA SER C 96 9.53 -18.64 -8.03
C SER C 96 8.88 -19.60 -7.01
N CYS C 97 8.25 -20.66 -7.53
CA CYS C 97 7.72 -21.74 -6.69
C CYS C 97 8.87 -22.54 -6.08
N ARG C 98 8.56 -23.26 -5.01
CA ARG C 98 9.55 -24.00 -4.23
C ARG C 98 9.06 -25.41 -3.91
N TRP C 99 7.98 -25.83 -4.59
CA TRP C 99 7.41 -27.15 -4.42
C TRP C 99 8.43 -28.24 -4.85
N PRO C 100 8.30 -29.47 -4.30
CA PRO C 100 9.30 -30.55 -4.50
C PRO C 100 9.29 -31.12 -5.94
N SER C 101 8.75 -30.36 -6.89
CA SER C 101 8.77 -30.75 -8.32
C SER C 101 8.45 -29.54 -9.22
N CYS C 102 8.74 -28.32 -8.73
CA CYS C 102 8.44 -27.10 -9.47
C CYS C 102 9.47 -25.99 -9.18
N GLN C 103 9.51 -25.00 -10.08
CA GLN C 103 10.26 -23.77 -9.87
C GLN C 103 9.67 -22.62 -10.72
N LYS C 104 8.35 -22.74 -11.05
CA LYS C 104 7.67 -21.79 -11.94
C LYS C 104 7.65 -20.40 -11.32
N LYS C 105 7.89 -19.38 -12.15
CA LYS C 105 8.09 -18.03 -11.66
C LYS C 105 6.92 -17.12 -12.00
N PHE C 106 6.58 -16.23 -11.07
CA PHE C 106 5.52 -15.25 -11.26
C PHE C 106 6.03 -13.83 -11.00
N ALA C 107 5.30 -12.83 -11.48
CA ALA C 107 5.67 -11.44 -11.28
C ALA C 107 4.87 -10.80 -10.13
N ARG C 108 4.04 -11.62 -9.46
CA ARG C 108 3.24 -11.16 -8.33
C ARG C 108 3.28 -12.18 -7.19
N SER C 109 3.43 -11.69 -5.97
CA SER C 109 3.47 -12.53 -4.77
C SER C 109 2.19 -13.35 -4.66
N ASP C 110 1.03 -12.70 -4.87
CA ASP C 110 -0.27 -13.37 -4.80
C ASP C 110 -0.44 -14.40 -5.95
N GLU C 111 0.14 -14.11 -7.14
CA GLU C 111 0.14 -15.11 -8.25
C GLU C 111 0.88 -16.38 -7.83
N LEU C 112 2.01 -16.22 -7.12
CA LEU C 112 2.74 -17.36 -6.56
C LEU C 112 1.90 -18.09 -5.47
N VAL C 113 1.26 -17.30 -4.58
CA VAL C 113 0.36 -17.87 -3.55
C VAL C 113 -0.77 -18.68 -4.22
N ARG C 114 -1.33 -18.11 -5.28
CA ARG C 114 -2.38 -18.78 -6.05
C ARG C 114 -1.85 -20.08 -6.67
N HIS C 115 -0.66 -20.00 -7.29
CA HIS C 115 -0.02 -21.17 -7.91
C HIS C 115 0.12 -22.31 -6.90
N HIS C 116 0.67 -21.99 -5.72
CA HIS C 116 0.83 -22.97 -4.66
C HIS C 116 -0.55 -23.60 -4.27
N ASN C 117 -1.60 -22.78 -4.25
CA ASN C 117 -2.96 -23.25 -3.88
C ASN C 117 -3.57 -24.12 -5.01
N MET C 118 -2.98 -24.04 -6.21
CA MET C 118 -3.40 -24.86 -7.35
C MET C 118 -2.39 -25.99 -7.62
N HIS C 119 -1.36 -26.11 -6.76
CA HIS C 119 -0.26 -27.03 -7.00
C HIS C 119 -0.70 -28.48 -6.76
N ALA C 1 17.04 12.40 30.73
CA ALA C 1 16.34 13.31 31.62
C ALA C 1 14.93 13.64 31.09
N SER C 2 14.72 13.44 29.77
CA SER C 2 13.41 13.64 29.14
C SER C 2 12.36 12.67 29.72
N GLU C 3 12.83 11.60 30.38
CA GLU C 3 11.95 10.62 31.03
C GLU C 3 11.05 11.29 32.09
N LYS C 4 11.48 12.47 32.58
CA LYS C 4 10.68 13.25 33.55
C LYS C 4 9.36 13.74 32.92
N ARG C 5 9.30 13.79 31.58
CA ARG C 5 8.09 14.22 30.86
C ARG C 5 7.39 13.01 30.21
N PRO C 6 6.22 12.60 30.76
CA PRO C 6 5.41 11.54 30.17
C PRO C 6 4.73 12.00 28.87
N PHE C 7 5.46 11.86 27.75
CA PHE C 7 4.98 12.32 26.44
C PHE C 7 3.87 11.40 25.90
N MET C 8 2.68 11.44 26.50
CA MET C 8 1.65 10.48 26.12
C MET C 8 0.94 10.89 24.85
N CYS C 9 0.63 9.89 24.04
CA CYS C 9 -0.14 10.08 22.81
C CYS C 9 -1.58 10.59 23.14
N ALA C 10 -2.29 11.05 22.11
CA ALA C 10 -3.68 11.50 22.27
C ALA C 10 -4.65 10.66 21.40
N TYR C 11 -4.08 9.79 20.54
CA TYR C 11 -4.88 8.97 19.63
C TYR C 11 -5.68 7.89 20.43
N PRO C 12 -6.95 7.63 20.02
CA PRO C 12 -7.79 6.62 20.67
C PRO C 12 -7.18 5.22 20.56
N GLY C 13 -7.45 4.37 21.57
CA GLY C 13 -6.87 3.02 21.61
C GLY C 13 -5.41 3.03 22.13
N CYS C 14 -4.68 4.12 21.85
CA CYS C 14 -3.29 4.27 22.27
C CYS C 14 -3.20 5.08 23.59
N ASN C 15 -3.00 6.41 23.47
CA ASN C 15 -2.82 7.31 24.63
C ASN C 15 -1.62 6.85 25.52
N LYS C 16 -0.72 6.02 24.98
CA LYS C 16 0.41 5.46 25.74
C LYS C 16 1.44 6.53 26.02
N ARG C 17 2.19 6.37 27.11
CA ARG C 17 3.11 7.43 27.57
C ARG C 17 4.54 7.15 27.13
N TYR C 18 5.16 8.14 26.48
CA TYR C 18 6.53 8.02 25.99
C TYR C 18 7.50 8.82 26.90
N PHE C 19 8.80 8.61 26.69
CA PHE C 19 9.83 9.24 27.53
C PHE C 19 10.76 10.14 26.70
N LYS C 20 10.57 10.12 25.38
CA LYS C 20 11.34 10.97 24.46
C LYS C 20 10.42 11.55 23.39
N LEU C 21 10.73 12.76 22.94
CA LEU C 21 9.87 13.46 21.98
C LEU C 21 10.02 12.84 20.55
N SER C 22 11.27 12.67 20.10
CA SER C 22 11.57 12.05 18.78
C SER C 22 11.19 10.54 18.75
N HIS C 23 11.38 9.87 19.87
CA HIS C 23 10.96 8.47 20.00
C HIS C 23 9.41 8.38 19.93
N LEU C 24 8.75 9.30 20.63
CA LEU C 24 7.30 9.47 20.50
C LEU C 24 6.90 9.93 19.05
N GLN C 25 7.77 10.71 18.39
CA GLN C 25 7.53 11.13 16.99
C GLN C 25 7.52 9.89 16.06
N MET C 26 8.42 8.93 16.32
CA MET C 26 8.41 7.66 15.59
C MET C 26 7.11 6.88 15.88
N HIS C 27 6.68 6.87 17.16
CA HIS C 27 5.38 6.27 17.53
C HIS C 27 4.24 6.95 16.76
N SER C 28 4.34 8.27 16.63
CA SER C 28 3.31 9.08 15.98
C SER C 28 3.09 8.63 14.53
N ARG C 29 4.14 8.04 13.91
CA ARG C 29 4.06 7.56 12.51
C ARG C 29 2.88 6.58 12.34
N LYS C 30 2.66 5.72 13.34
CA LYS C 30 1.49 4.81 13.34
C LYS C 30 0.18 5.60 13.21
N HIS C 31 0.11 6.73 13.90
CA HIS C 31 -1.10 7.56 13.93
C HIS C 31 -1.10 8.62 12.78
N THR C 32 0.00 8.68 12.03
CA THR C 32 0.07 9.61 10.87
C THR C 32 -0.56 8.95 9.63
N GLY C 33 -0.66 7.62 9.65
CA GLY C 33 -1.38 6.88 8.59
C GLY C 33 -2.77 6.40 9.06
N GLU C 34 -3.20 6.89 10.23
CA GLU C 34 -4.53 6.57 10.79
C GLU C 34 -5.39 7.83 10.85
N LYS C 35 -5.62 8.44 9.68
CA LYS C 35 -6.37 9.69 9.57
C LYS C 35 -7.73 9.44 8.87
N PRO C 36 -8.85 9.51 9.62
CA PRO C 36 -10.17 9.13 9.11
C PRO C 36 -10.72 10.14 8.09
N TYR C 37 -10.44 9.91 6.80
CA TYR C 37 -11.03 10.70 5.71
C TYR C 37 -12.38 10.10 5.26
N GLN C 38 -13.12 10.84 4.43
CA GLN C 38 -14.32 10.32 3.75
C GLN C 38 -14.27 10.71 2.26
N CYS C 39 -14.93 9.92 1.41
CA CYS C 39 -15.00 10.23 -0.02
C CYS C 39 -15.85 11.49 -0.26
N ASP C 40 -15.35 12.38 -1.13
CA ASP C 40 -16.08 13.59 -1.51
C ASP C 40 -17.28 13.26 -2.43
N PHE C 41 -17.38 11.98 -2.86
CA PHE C 41 -18.56 11.49 -3.59
C PHE C 41 -19.79 11.50 -2.67
N LYS C 42 -19.55 11.51 -1.34
CA LYS C 42 -20.62 11.69 -0.31
C LYS C 42 -21.57 10.47 -0.25
N ASP C 43 -22.35 10.28 -1.32
CA ASP C 43 -23.38 9.24 -1.36
C ASP C 43 -22.77 7.83 -1.40
N CYS C 44 -21.46 7.74 -1.72
CA CYS C 44 -20.74 6.48 -1.66
C CYS C 44 -20.51 6.04 -0.19
N GLU C 45 -20.36 7.04 0.71
CA GLU C 45 -20.21 6.81 2.15
C GLU C 45 -18.99 5.89 2.45
N ARG C 46 -17.91 6.06 1.68
CA ARG C 46 -16.65 5.36 1.95
C ARG C 46 -15.73 6.23 2.78
N ARG C 47 -14.89 5.59 3.61
CA ARG C 47 -13.92 6.30 4.43
C ARG C 47 -12.53 5.69 4.27
N PHE C 48 -11.50 6.48 4.52
CA PHE C 48 -10.11 6.08 4.27
C PHE C 48 -9.21 6.48 5.43
N SER C 49 -8.01 5.90 5.47
CA SER C 49 -7.08 6.11 6.58
C SER C 49 -5.95 7.09 6.20
N ARG C 50 -5.88 7.47 4.91
CA ARG C 50 -4.90 8.46 4.44
C ARG C 50 -5.45 9.25 3.26
N SER C 51 -4.88 10.44 3.04
CA SER C 51 -5.28 11.30 1.93
C SER C 51 -5.03 10.59 0.59
N ASP C 52 -3.87 9.94 0.48
CA ASP C 52 -3.50 9.23 -0.75
C ASP C 52 -4.43 8.04 -1.04
N GLN C 53 -4.89 7.35 0.02
CA GLN C 53 -5.84 6.23 -0.12
C GLN C 53 -7.22 6.75 -0.58
N LEU C 54 -7.64 7.87 0.00
CA LEU C 54 -8.87 8.56 -0.43
C LEU C 54 -8.73 9.05 -1.89
N LYS C 55 -7.58 9.65 -2.23
CA LYS C 55 -7.29 10.10 -3.60
C LYS C 55 -7.31 8.90 -4.57
N ARG C 56 -6.70 7.77 -4.16
CA ARG C 56 -6.78 6.53 -4.93
C ARG C 56 -8.23 6.10 -5.13
N HIS C 57 -9.01 6.12 -4.05
CA HIS C 57 -10.41 5.70 -4.09
C HIS C 57 -11.22 6.60 -5.04
N GLN C 58 -10.95 7.90 -5.01
CA GLN C 58 -11.60 8.86 -5.90
C GLN C 58 -11.45 8.45 -7.39
N ARG C 59 -10.27 7.90 -7.77
CA ARG C 59 -10.04 7.46 -9.18
C ARG C 59 -11.13 6.46 -9.62
N ARG C 60 -11.62 5.63 -8.67
CA ARG C 60 -12.72 4.68 -8.96
C ARG C 60 -13.99 5.42 -9.42
N HIS C 61 -14.25 6.60 -8.84
CA HIS C 61 -15.45 7.39 -9.17
C HIS C 61 -15.21 8.28 -10.40
N THR C 62 -13.97 8.73 -10.57
CA THR C 62 -13.64 9.76 -11.59
C THR C 62 -13.10 9.12 -12.89
N GLY C 63 -12.77 7.81 -12.83
CA GLY C 63 -12.27 7.09 -14.03
C GLY C 63 -10.86 7.55 -14.45
N VAL C 64 -10.23 8.39 -13.63
CA VAL C 64 -8.93 8.99 -13.97
C VAL C 64 -7.81 7.94 -13.92
N LYS C 65 -6.93 7.98 -14.94
CA LYS C 65 -5.76 7.09 -15.00
C LYS C 65 -4.50 7.91 -15.35
N PRO C 66 -3.77 8.41 -14.32
CA PRO C 66 -2.65 9.31 -14.53
C PRO C 66 -1.33 8.57 -14.79
N PHE C 67 -1.30 7.25 -14.54
CA PHE C 67 -0.11 6.44 -14.83
C PHE C 67 -0.23 5.79 -16.22
N GLN C 68 0.74 6.02 -17.10
CA GLN C 68 0.73 5.43 -18.44
C GLN C 68 2.00 4.64 -18.71
N CYS C 69 1.87 3.49 -19.36
CA CYS C 69 3.01 2.64 -19.69
C CYS C 69 3.95 3.36 -20.68
N LYS C 70 5.26 3.07 -20.56
CA LYS C 70 6.27 3.63 -21.46
C LYS C 70 6.61 2.66 -22.61
N THR C 71 5.80 1.60 -22.76
CA THR C 71 6.04 0.54 -23.76
C THR C 71 4.80 0.32 -24.62
N CYS C 72 3.68 -0.04 -23.98
CA CYS C 72 2.42 -0.29 -24.70
C CYS C 72 1.41 0.88 -24.48
N GLN C 73 1.84 1.91 -23.72
CA GLN C 73 1.06 3.14 -23.52
C GLN C 73 -0.33 2.85 -22.87
N ARG C 74 -0.43 1.70 -22.18
CA ARG C 74 -1.64 1.36 -21.43
C ARG C 74 -1.72 2.18 -20.13
N LYS C 75 -2.89 2.74 -19.85
CA LYS C 75 -3.08 3.63 -18.71
C LYS C 75 -3.65 2.88 -17.50
N PHE C 76 -3.25 3.32 -16.30
CA PHE C 76 -3.73 2.78 -15.03
C PHE C 76 -3.90 3.90 -13.99
N SER C 77 -4.68 3.62 -12.94
CA SER C 77 -4.96 4.61 -11.89
C SER C 77 -4.02 4.42 -10.67
N ARG C 78 -3.15 3.41 -10.73
CA ARG C 78 -2.27 3.07 -9.59
C ARG C 78 -0.84 2.75 -10.09
N SER C 79 0.15 3.32 -9.40
CA SER C 79 1.57 3.08 -9.71
C SER C 79 1.93 1.59 -9.50
N ASP C 80 1.44 1.02 -8.39
CA ASP C 80 1.71 -0.39 -8.07
C ASP C 80 1.18 -1.33 -9.19
N HIS C 81 -0.03 -1.04 -9.72
CA HIS C 81 -0.57 -1.78 -10.89
C HIS C 81 0.31 -1.57 -12.13
N LEU C 82 0.73 -0.31 -12.36
CA LEU C 82 1.54 0.01 -13.54
C LEU C 82 2.89 -0.71 -13.50
N LYS C 83 3.56 -0.67 -12.33
CA LYS C 83 4.83 -1.40 -12.12
C LYS C 83 4.62 -2.92 -12.26
N THR C 84 3.46 -3.40 -11.82
CA THR C 84 3.11 -4.82 -11.96
C THR C 84 2.92 -5.18 -13.44
N HIS C 85 2.11 -4.37 -14.15
CA HIS C 85 1.88 -4.54 -15.59
C HIS C 85 3.18 -4.38 -16.37
N THR C 86 4.08 -3.51 -15.87
CA THR C 86 5.37 -3.25 -16.51
C THR C 86 6.15 -4.56 -16.71
N ARG C 87 6.08 -5.46 -15.71
CA ARG C 87 6.85 -6.71 -15.73
C ARG C 87 6.43 -7.58 -16.94
N THR C 88 5.21 -7.35 -17.46
CA THR C 88 4.69 -8.07 -18.64
C THR C 88 5.66 -7.98 -19.81
N HIS C 89 6.27 -6.79 -20.00
CA HIS C 89 7.25 -6.59 -21.08
C HIS C 89 8.61 -7.21 -20.71
N THR C 90 8.85 -7.37 -19.40
CA THR C 90 10.14 -7.86 -18.89
C THR C 90 10.13 -9.40 -18.73
N GLY C 91 8.96 -10.03 -18.96
CA GLY C 91 8.85 -11.50 -18.82
C GLY C 91 9.25 -11.99 -17.40
N GLU C 92 9.22 -11.08 -16.42
CA GLU C 92 9.73 -11.38 -15.08
C GLU C 92 8.77 -12.32 -14.32
N LYS C 93 9.35 -13.13 -13.42
CA LYS C 93 8.55 -13.97 -12.49
C LYS C 93 9.37 -14.30 -11.23
N PRO C 94 9.49 -13.34 -10.29
CA PRO C 94 10.35 -13.48 -9.12
C PRO C 94 9.76 -14.37 -8.02
N PHE C 95 8.43 -14.55 -8.03
CA PHE C 95 7.74 -15.31 -6.96
C PHE C 95 7.81 -16.82 -7.22
N SER C 96 8.98 -17.42 -6.96
CA SER C 96 9.15 -18.88 -7.07
C SER C 96 8.58 -19.58 -5.83
N CYS C 97 8.01 -20.77 -6.03
CA CYS C 97 7.43 -21.55 -4.93
C CYS C 97 8.53 -22.08 -4.01
N ARG C 98 8.18 -22.27 -2.73
CA ARG C 98 9.14 -22.65 -1.69
C ARG C 98 8.77 -24.01 -1.08
N TRP C 99 7.76 -24.68 -1.66
CA TRP C 99 7.32 -25.98 -1.18
C TRP C 99 8.43 -27.04 -1.37
N PRO C 100 8.48 -28.07 -0.50
CA PRO C 100 9.55 -29.08 -0.50
C PRO C 100 9.44 -30.08 -1.69
N SER C 101 8.80 -29.64 -2.77
CA SER C 101 8.67 -30.45 -3.99
C SER C 101 8.25 -29.59 -5.20
N CYS C 102 8.50 -28.26 -5.10
CA CYS C 102 8.12 -27.33 -6.16
C CYS C 102 9.11 -26.15 -6.25
N GLN C 103 8.91 -25.31 -7.28
CA GLN C 103 9.68 -24.08 -7.45
C GLN C 103 8.97 -23.14 -8.46
N LYS C 104 7.69 -23.43 -8.78
CA LYS C 104 6.96 -22.74 -9.86
C LYS C 104 7.01 -21.23 -9.67
N LYS C 105 7.37 -20.52 -10.74
CA LYS C 105 7.63 -19.08 -10.66
C LYS C 105 6.40 -18.28 -11.11
N PHE C 106 6.10 -17.21 -10.37
CA PHE C 106 4.98 -16.31 -10.71
C PHE C 106 5.44 -14.86 -10.72
N ALA C 107 4.59 -13.99 -11.26
CA ALA C 107 4.93 -12.58 -11.42
C ALA C 107 4.28 -11.73 -10.32
N ARG C 108 3.34 -12.32 -9.57
CA ARG C 108 2.65 -11.63 -8.49
C ARG C 108 2.66 -12.47 -7.22
N SER C 109 2.78 -11.80 -6.08
CA SER C 109 2.80 -12.48 -4.79
C SER C 109 1.49 -13.26 -4.57
N ASP C 110 0.36 -12.66 -4.95
CA ASP C 110 -0.95 -13.34 -4.85
C ASP C 110 -1.06 -14.54 -5.83
N GLU C 111 -0.42 -14.42 -7.01
CA GLU C 111 -0.38 -15.56 -7.96
C GLU C 111 0.31 -16.75 -7.32
N LEU C 112 1.42 -16.49 -6.61
CA LEU C 112 2.12 -17.54 -5.88
C LEU C 112 1.25 -18.08 -4.73
N VAL C 113 0.54 -17.20 -4.02
CA VAL C 113 -0.40 -17.61 -2.95
C VAL C 113 -1.47 -18.55 -3.54
N ARG C 114 -2.06 -18.15 -4.67
CA ARG C 114 -3.07 -18.97 -5.36
C ARG C 114 -2.48 -20.33 -5.74
N HIS C 115 -1.27 -20.32 -6.32
CA HIS C 115 -0.57 -21.55 -6.70
C HIS C 115 -0.36 -22.45 -5.47
N HIS C 116 0.13 -21.87 -4.37
CA HIS C 116 0.31 -22.59 -3.11
C HIS C 116 -1.01 -23.21 -2.64
N ASN C 117 -2.14 -22.53 -2.91
CA ASN C 117 -3.47 -23.02 -2.49
C ASN C 117 -3.82 -24.35 -3.18
N MET C 118 -3.14 -24.65 -4.30
CA MET C 118 -3.30 -25.95 -4.99
C MET C 118 -2.53 -27.06 -4.25
N HIS C 119 -1.39 -26.68 -3.60
CA HIS C 119 -0.61 -27.63 -2.81
C HIS C 119 -1.32 -27.94 -1.48
N ALA C 1 26.02 14.42 16.72
CA ALA C 1 25.46 14.95 17.97
C ALA C 1 23.94 15.16 17.86
N SER C 2 23.40 14.99 16.64
CA SER C 2 21.96 15.18 16.38
C SER C 2 21.11 14.32 17.33
N GLU C 3 21.44 13.02 17.39
CA GLU C 3 20.68 12.06 18.21
C GLU C 3 21.18 12.06 19.69
N LYS C 4 21.78 13.18 20.12
CA LYS C 4 22.10 13.41 21.54
C LYS C 4 21.21 14.53 22.13
N ARG C 5 20.42 15.19 21.26
CA ARG C 5 19.48 16.21 21.68
C ARG C 5 18.22 15.57 22.33
N PRO C 6 17.50 16.33 23.17
CA PRO C 6 16.21 15.91 23.69
C PRO C 6 15.10 16.04 22.64
N PHE C 7 14.11 15.14 22.68
CA PHE C 7 12.98 15.18 21.76
C PHE C 7 11.67 14.85 22.50
N MET C 8 10.57 15.48 22.10
CA MET C 8 9.24 15.07 22.58
C MET C 8 8.23 15.04 21.45
N CYS C 9 7.24 14.17 21.60
CA CYS C 9 6.07 14.16 20.72
C CYS C 9 5.20 15.42 20.98
N ALA C 10 4.19 15.63 20.15
CA ALA C 10 3.27 16.75 20.30
C ALA C 10 1.82 16.36 19.93
N TYR C 11 1.59 15.06 19.66
CA TYR C 11 0.24 14.55 19.42
C TYR C 11 -0.59 14.63 20.73
N PRO C 12 -1.87 15.07 20.65
CA PRO C 12 -2.68 15.40 21.83
C PRO C 12 -3.03 14.17 22.71
N GLY C 13 -2.56 12.98 22.30
CA GLY C 13 -2.75 11.77 23.11
C GLY C 13 -1.43 11.20 23.65
N CYS C 14 -0.31 11.91 23.39
CA CYS C 14 1.03 11.41 23.70
C CYS C 14 1.90 12.49 24.38
N ASN C 15 2.62 13.29 23.56
CA ASN C 15 3.59 14.28 24.07
C ASN C 15 4.65 13.60 24.99
N LYS C 16 5.08 12.39 24.62
CA LYS C 16 6.12 11.66 25.38
C LYS C 16 7.51 12.08 24.92
N ARG C 17 8.51 11.85 25.78
CA ARG C 17 9.86 12.33 25.53
C ARG C 17 10.77 11.21 24.99
N TYR C 18 11.41 11.50 23.86
CA TYR C 18 12.34 10.60 23.21
C TYR C 18 13.78 11.16 23.29
N PHE C 19 14.76 10.32 22.90
CA PHE C 19 16.18 10.69 23.00
C PHE C 19 16.88 10.58 21.63
N LYS C 20 16.35 9.73 20.73
CA LYS C 20 16.91 9.57 19.38
C LYS C 20 15.97 10.18 18.34
N LEU C 21 16.52 11.02 17.46
CA LEU C 21 15.71 11.65 16.40
C LEU C 21 14.95 10.58 15.59
N SER C 22 15.67 9.55 15.14
CA SER C 22 15.09 8.48 14.32
C SER C 22 14.10 7.61 15.11
N HIS C 23 14.40 7.35 16.38
CA HIS C 23 13.53 6.51 17.22
C HIS C 23 12.24 7.29 17.58
N LEU C 24 12.36 8.62 17.65
CA LEU C 24 11.21 9.49 17.76
C LEU C 24 10.45 9.57 16.42
N GLN C 25 11.20 9.66 15.31
CA GLN C 25 10.60 9.66 13.96
C GLN C 25 9.78 8.38 13.74
N MET C 26 10.34 7.23 14.17
CA MET C 26 9.61 5.96 14.15
C MET C 26 8.34 6.05 15.01
N HIS C 27 8.47 6.62 16.23
CA HIS C 27 7.30 6.78 17.11
C HIS C 27 6.22 7.62 16.42
N SER C 28 6.64 8.69 15.75
CA SER C 28 5.72 9.62 15.11
C SER C 28 4.84 8.91 14.09
N ARG C 29 5.37 7.85 13.44
CA ARG C 29 4.63 7.14 12.41
C ARG C 29 3.28 6.64 12.94
N LYS C 30 3.27 6.18 14.21
CA LYS C 30 2.02 5.72 14.88
C LYS C 30 0.95 6.83 14.87
N HIS C 31 1.39 8.07 14.96
CA HIS C 31 0.49 9.22 15.02
C HIS C 31 0.13 9.76 13.62
N THR C 32 0.96 9.44 12.60
CA THR C 32 0.77 10.04 11.26
C THR C 32 -0.57 9.61 10.64
N GLY C 33 -1.00 8.37 10.95
CA GLY C 33 -2.26 7.84 10.41
C GLY C 33 -3.45 8.11 11.33
N GLU C 34 -3.20 8.79 12.47
CA GLU C 34 -4.26 9.10 13.44
C GLU C 34 -4.96 10.45 13.09
N LYS C 35 -5.06 10.73 11.77
CA LYS C 35 -5.86 11.85 11.25
C LYS C 35 -6.55 11.44 9.93
N PRO C 36 -7.69 10.72 10.02
CA PRO C 36 -8.34 10.07 8.88
C PRO C 36 -9.19 11.03 8.03
N TYR C 37 -9.71 10.51 6.91
CA TYR C 37 -10.58 11.27 5.98
C TYR C 37 -11.85 10.47 5.63
N GLN C 38 -12.81 11.12 4.96
CA GLN C 38 -13.97 10.42 4.38
C GLN C 38 -14.21 10.88 2.94
N CYS C 39 -14.90 10.03 2.17
CA CYS C 39 -15.39 10.43 0.86
C CYS C 39 -16.57 11.41 0.99
N ASP C 40 -16.50 12.53 0.26
CA ASP C 40 -17.45 13.65 0.43
C ASP C 40 -18.70 13.49 -0.49
N PHE C 41 -18.80 12.34 -1.18
CA PHE C 41 -19.94 12.08 -2.08
C PHE C 41 -21.27 12.00 -1.29
N LYS C 42 -21.17 11.69 0.02
CA LYS C 42 -22.37 11.50 0.92
C LYS C 42 -23.13 10.20 0.57
N ASP C 43 -23.13 9.83 -0.72
CA ASP C 43 -23.62 8.53 -1.16
C ASP C 43 -22.52 7.45 -0.98
N CYS C 44 -21.24 7.90 -0.88
CA CYS C 44 -20.11 7.01 -0.64
C CYS C 44 -20.02 6.63 0.86
N GLU C 45 -19.65 7.62 1.71
CA GLU C 45 -19.54 7.42 3.18
C GLU C 45 -18.49 6.33 3.53
N ARG C 46 -17.47 6.18 2.66
CA ARG C 46 -16.31 5.35 2.99
C ARG C 46 -15.19 6.21 3.53
N ARG C 47 -14.42 5.66 4.47
CA ARG C 47 -13.39 6.41 5.18
C ARG C 47 -11.99 5.82 4.89
N PHE C 48 -10.98 6.67 5.00
CA PHE C 48 -9.59 6.29 4.74
C PHE C 48 -8.67 6.90 5.80
N SER C 49 -7.44 6.39 5.90
CA SER C 49 -6.51 6.82 6.97
C SER C 49 -5.48 7.84 6.45
N ARG C 50 -5.27 7.86 5.13
CA ARG C 50 -4.34 8.83 4.50
C ARG C 50 -5.00 9.50 3.30
N SER C 51 -4.59 10.74 3.04
CA SER C 51 -5.14 11.51 1.92
C SER C 51 -4.91 10.77 0.60
N ASP C 52 -3.75 10.12 0.46
CA ASP C 52 -3.41 9.39 -0.76
C ASP C 52 -4.33 8.17 -0.95
N GLN C 53 -4.74 7.52 0.15
CA GLN C 53 -5.71 6.43 0.10
C GLN C 53 -7.08 6.94 -0.38
N LEU C 54 -7.52 8.07 0.20
CA LEU C 54 -8.76 8.73 -0.23
C LEU C 54 -8.64 9.21 -1.71
N LYS C 55 -7.46 9.73 -2.08
CA LYS C 55 -7.20 10.23 -3.45
C LYS C 55 -7.24 9.08 -4.46
N ARG C 56 -6.62 7.94 -4.10
CA ARG C 56 -6.75 6.71 -4.89
C ARG C 56 -8.23 6.34 -5.04
N HIS C 57 -8.95 6.36 -3.91
CA HIS C 57 -10.37 6.01 -3.88
C HIS C 57 -11.21 6.95 -4.80
N GLN C 58 -10.84 8.25 -4.83
CA GLN C 58 -11.51 9.23 -5.71
C GLN C 58 -11.55 8.73 -7.17
N ARG C 59 -10.45 8.08 -7.61
CA ARG C 59 -10.36 7.56 -8.99
C ARG C 59 -11.54 6.64 -9.32
N ARG C 60 -12.03 5.90 -8.32
CA ARG C 60 -13.16 4.98 -8.52
C ARG C 60 -14.44 5.77 -8.86
N HIS C 61 -14.56 7.00 -8.33
CA HIS C 61 -15.73 7.85 -8.56
C HIS C 61 -15.48 8.86 -9.72
N THR C 62 -14.25 8.88 -10.27
CA THR C 62 -13.85 9.96 -11.23
C THR C 62 -13.12 9.39 -12.47
N GLY C 63 -12.85 8.08 -12.47
CA GLY C 63 -12.05 7.47 -13.54
C GLY C 63 -10.62 7.99 -13.57
N VAL C 64 -10.32 8.86 -14.56
CA VAL C 64 -8.97 9.50 -14.73
C VAL C 64 -7.89 8.47 -15.11
N LYS C 65 -7.57 7.54 -14.18
CA LYS C 65 -6.41 6.62 -14.33
C LYS C 65 -5.14 7.40 -14.80
N PRO C 66 -4.52 8.18 -13.88
CA PRO C 66 -3.45 9.12 -14.23
C PRO C 66 -2.13 8.44 -14.62
N PHE C 67 -1.96 7.16 -14.25
CA PHE C 67 -0.76 6.41 -14.65
C PHE C 67 -0.93 5.84 -16.06
N GLN C 68 0.08 6.00 -16.92
CA GLN C 68 0.04 5.45 -18.30
C GLN C 68 1.24 4.56 -18.57
N CYS C 69 1.01 3.43 -19.27
CA CYS C 69 2.10 2.55 -19.70
C CYS C 69 3.01 3.28 -20.71
N LYS C 70 4.30 2.93 -20.71
CA LYS C 70 5.26 3.54 -21.64
C LYS C 70 5.34 2.70 -22.94
N THR C 71 4.51 1.65 -23.02
CA THR C 71 4.56 0.69 -24.13
C THR C 71 3.21 0.67 -24.87
N CYS C 72 2.20 0.01 -24.28
CA CYS C 72 0.88 -0.12 -24.89
C CYS C 72 -0.03 1.08 -24.54
N GLN C 73 0.50 2.00 -23.71
CA GLN C 73 -0.23 3.22 -23.29
C GLN C 73 -1.52 2.86 -22.50
N ARG C 74 -1.52 1.67 -21.87
CA ARG C 74 -2.62 1.28 -20.98
C ARG C 74 -2.59 2.13 -19.72
N LYS C 75 -3.74 2.75 -19.40
CA LYS C 75 -3.84 3.62 -18.25
C LYS C 75 -4.25 2.83 -17.00
N PHE C 76 -3.66 3.21 -15.87
CA PHE C 76 -3.95 2.60 -14.57
C PHE C 76 -4.20 3.70 -13.52
N SER C 77 -4.84 3.31 -12.40
CA SER C 77 -5.19 4.27 -11.35
C SER C 77 -4.19 4.23 -10.18
N ARG C 78 -3.27 3.25 -10.21
CA ARG C 78 -2.24 3.12 -9.17
C ARG C 78 -0.88 2.78 -9.79
N SER C 79 0.18 3.35 -9.20
CA SER C 79 1.55 3.08 -9.64
C SER C 79 1.91 1.60 -9.42
N ASP C 80 1.40 1.02 -8.32
CA ASP C 80 1.66 -0.39 -8.01
C ASP C 80 1.10 -1.33 -9.13
N HIS C 81 -0.10 -1.01 -9.66
CA HIS C 81 -0.65 -1.72 -10.83
C HIS C 81 0.20 -1.47 -12.06
N LEU C 82 0.58 -0.21 -12.31
CA LEU C 82 1.36 0.15 -13.49
C LEU C 82 2.72 -0.57 -13.49
N LYS C 83 3.40 -0.54 -12.34
CA LYS C 83 4.69 -1.25 -12.19
C LYS C 83 4.50 -2.77 -12.29
N THR C 84 3.36 -3.26 -11.81
CA THR C 84 3.01 -4.68 -11.94
C THR C 84 2.80 -5.05 -13.41
N HIS C 85 2.00 -4.26 -14.12
CA HIS C 85 1.79 -4.43 -15.54
C HIS C 85 3.11 -4.27 -16.31
N THR C 86 3.95 -3.34 -15.87
CA THR C 86 5.28 -3.12 -16.46
C THR C 86 6.08 -4.42 -16.49
N ARG C 87 6.00 -5.21 -15.40
CA ARG C 87 6.77 -6.47 -15.30
C ARG C 87 6.34 -7.48 -16.40
N THR C 88 5.11 -7.32 -16.93
CA THR C 88 4.63 -8.15 -18.06
C THR C 88 5.42 -7.81 -19.35
N HIS C 89 5.75 -6.53 -19.54
CA HIS C 89 6.58 -6.11 -20.70
C HIS C 89 8.07 -6.36 -20.41
N THR C 90 8.41 -6.44 -19.12
CA THR C 90 9.80 -6.60 -18.68
C THR C 90 10.17 -8.09 -18.52
N GLY C 91 9.15 -8.98 -18.66
CA GLY C 91 9.36 -10.42 -18.46
C GLY C 91 9.87 -10.75 -17.04
N GLU C 92 9.63 -9.83 -16.09
CA GLU C 92 10.19 -9.94 -14.74
C GLU C 92 9.30 -10.84 -13.86
N LYS C 93 9.69 -12.12 -13.74
CA LYS C 93 8.97 -13.09 -12.91
C LYS C 93 9.89 -13.69 -11.83
N PRO C 94 10.06 -13.00 -10.69
CA PRO C 94 10.98 -13.42 -9.64
C PRO C 94 10.34 -14.42 -8.65
N PHE C 95 8.99 -14.37 -8.51
CA PHE C 95 8.29 -15.21 -7.52
C PHE C 95 8.26 -16.68 -7.96
N SER C 96 9.35 -17.40 -7.70
CA SER C 96 9.50 -18.80 -8.12
C SER C 96 8.91 -19.74 -7.07
N CYS C 97 8.22 -20.79 -7.54
CA CYS C 97 7.63 -21.80 -6.66
C CYS C 97 8.72 -22.64 -6.01
N ARG C 98 8.58 -22.85 -4.69
CA ARG C 98 9.61 -23.53 -3.88
C ARG C 98 9.19 -24.98 -3.58
N TRP C 99 8.13 -25.46 -4.23
CA TRP C 99 7.65 -26.83 -4.04
C TRP C 99 8.69 -27.85 -4.52
N PRO C 100 8.72 -29.06 -3.91
CA PRO C 100 9.74 -30.09 -4.20
C PRO C 100 9.56 -30.75 -5.58
N SER C 101 8.65 -30.20 -6.40
CA SER C 101 8.40 -30.73 -7.75
C SER C 101 8.07 -29.59 -8.75
N CYS C 102 8.44 -28.35 -8.39
CA CYS C 102 8.14 -27.19 -9.23
C CYS C 102 9.25 -26.13 -9.11
N GLN C 103 9.34 -25.28 -10.14
CA GLN C 103 10.21 -24.09 -10.12
C GLN C 103 9.58 -22.96 -10.98
N LYS C 104 8.25 -23.01 -11.18
CA LYS C 104 7.53 -22.06 -12.03
C LYS C 104 7.55 -20.67 -11.40
N LYS C 105 7.65 -19.65 -12.24
CA LYS C 105 7.91 -18.29 -11.76
C LYS C 105 6.78 -17.35 -12.14
N PHE C 106 6.44 -16.46 -11.20
CA PHE C 106 5.38 -15.46 -11.40
C PHE C 106 5.90 -14.06 -11.15
N ALA C 107 5.17 -13.05 -11.64
CA ALA C 107 5.59 -11.66 -11.48
C ALA C 107 4.87 -10.99 -10.31
N ARG C 108 4.00 -11.74 -9.62
CA ARG C 108 3.27 -11.23 -8.46
C ARG C 108 3.28 -12.23 -7.31
N SER C 109 3.38 -11.71 -6.09
CA SER C 109 3.41 -12.53 -4.90
C SER C 109 2.12 -13.35 -4.75
N ASP C 110 0.96 -12.71 -5.00
CA ASP C 110 -0.34 -13.38 -4.94
C ASP C 110 -0.49 -14.43 -6.08
N GLU C 111 0.10 -14.17 -7.25
CA GLU C 111 0.11 -15.16 -8.34
C GLU C 111 0.84 -16.44 -7.87
N LEU C 112 1.96 -16.25 -7.15
CA LEU C 112 2.66 -17.37 -6.53
C LEU C 112 1.83 -18.00 -5.38
N VAL C 113 1.23 -17.15 -4.52
CA VAL C 113 0.38 -17.64 -3.41
C VAL C 113 -0.78 -18.49 -3.96
N ARG C 114 -1.40 -18.01 -5.04
CA ARG C 114 -2.46 -18.74 -5.72
C ARG C 114 -1.92 -20.06 -6.28
N HIS C 115 -0.76 -20.00 -6.96
CA HIS C 115 -0.15 -21.21 -7.54
C HIS C 115 0.05 -22.28 -6.47
N HIS C 116 0.63 -21.89 -5.33
CA HIS C 116 0.80 -22.79 -4.20
C HIS C 116 -0.56 -23.37 -3.74
N ASN C 117 -1.60 -22.51 -3.74
CA ASN C 117 -2.95 -22.92 -3.30
C ASN C 117 -3.59 -23.91 -4.31
N MET C 118 -3.02 -23.99 -5.52
CA MET C 118 -3.50 -24.90 -6.56
C MET C 118 -2.47 -26.04 -6.83
N HIS C 119 -1.40 -26.08 -6.02
CA HIS C 119 -0.29 -27.01 -6.25
C HIS C 119 -0.70 -28.44 -5.87
N ALA C 1 20.48 13.80 31.72
CA ALA C 1 19.83 13.28 30.52
C ALA C 1 18.58 14.11 30.16
N SER C 2 18.03 14.82 31.15
CA SER C 2 16.83 15.67 30.96
C SER C 2 17.11 16.83 29.97
N GLU C 3 18.40 17.07 29.69
CA GLU C 3 18.80 18.13 28.74
C GLU C 3 18.27 17.86 27.32
N LYS C 4 17.87 16.61 27.05
CA LYS C 4 17.27 16.23 25.75
C LYS C 4 15.87 16.86 25.57
N ARG C 5 15.30 17.38 26.69
CA ARG C 5 13.93 17.99 26.70
C ARG C 5 12.83 16.90 26.60
N PRO C 6 11.61 17.18 27.11
CA PRO C 6 10.49 16.25 27.03
C PRO C 6 9.76 16.32 25.67
N PHE C 7 8.86 15.37 25.43
CA PHE C 7 8.01 15.39 24.23
C PHE C 7 6.62 14.86 24.53
N MET C 8 5.61 15.35 23.79
CA MET C 8 4.26 14.74 23.83
C MET C 8 3.69 14.63 22.43
N CYS C 9 2.75 13.71 22.27
CA CYS C 9 2.01 13.55 21.02
C CYS C 9 1.07 14.78 20.78
N ALA C 10 0.77 15.05 19.50
CA ALA C 10 -0.05 16.21 19.13
C ALA C 10 -1.44 15.79 18.60
N TYR C 11 -1.63 14.47 18.35
CA TYR C 11 -2.92 13.97 17.85
C TYR C 11 -4.01 14.11 18.93
N PRO C 12 -5.12 14.84 18.62
CA PRO C 12 -6.14 15.21 19.61
C PRO C 12 -6.98 14.00 20.08
N GLY C 13 -6.35 13.12 20.85
CA GLY C 13 -7.00 11.89 21.31
C GLY C 13 -5.98 10.96 21.99
N CYS C 14 -4.69 11.14 21.65
CA CYS C 14 -3.59 10.44 22.32
C CYS C 14 -2.86 11.40 23.27
N ASN C 15 -2.06 12.31 22.70
CA ASN C 15 -1.34 13.35 23.48
C ASN C 15 -0.58 12.72 24.69
N LYS C 16 0.04 11.56 24.46
CA LYS C 16 0.87 10.91 25.48
C LYS C 16 2.26 11.51 25.50
N ARG C 17 2.96 11.37 26.63
CA ARG C 17 4.25 12.01 26.82
C ARG C 17 5.41 11.05 26.54
N TYR C 18 6.30 11.47 25.67
CA TYR C 18 7.47 10.72 25.28
C TYR C 18 8.76 11.39 25.81
N PHE C 19 9.89 10.69 25.70
CA PHE C 19 11.16 11.17 26.26
C PHE C 19 12.25 11.28 25.17
N LYS C 20 12.13 10.48 24.10
CA LYS C 20 13.08 10.53 22.97
C LYS C 20 12.41 11.14 21.74
N LEU C 21 13.00 12.21 21.21
CA LEU C 21 12.42 12.93 20.07
C LEU C 21 12.08 11.96 18.92
N SER C 22 13.03 11.10 18.55
CA SER C 22 12.85 10.15 17.45
C SER C 22 11.82 9.06 17.80
N HIS C 23 11.80 8.62 19.06
CA HIS C 23 10.86 7.58 19.51
C HIS C 23 9.42 8.14 19.55
N LEU C 24 9.32 9.45 19.80
CA LEU C 24 8.04 10.15 19.65
C LEU C 24 7.68 10.34 18.16
N GLN C 25 8.67 10.73 17.35
CA GLN C 25 8.46 10.86 15.90
C GLN C 25 8.00 9.52 15.30
N MET C 26 8.57 8.41 15.79
CA MET C 26 8.13 7.07 15.39
C MET C 26 6.68 6.82 15.83
N HIS C 27 6.35 7.20 17.08
CA HIS C 27 4.98 7.08 17.57
C HIS C 27 4.01 7.86 16.66
N SER C 28 4.41 9.06 16.25
CA SER C 28 3.57 9.92 15.42
C SER C 28 3.18 9.24 14.11
N ARG C 29 4.02 8.32 13.61
CA ARG C 29 3.73 7.61 12.34
C ARG C 29 2.35 6.93 12.41
N LYS C 30 2.02 6.37 13.59
CA LYS C 30 0.69 5.77 13.81
C LYS C 30 -0.44 6.80 13.55
N HIS C 31 -0.18 8.06 13.90
CA HIS C 31 -1.15 9.15 13.74
C HIS C 31 -1.02 9.85 12.36
N THR C 32 0.12 9.64 11.66
CA THR C 32 0.43 10.44 10.45
C THR C 32 -0.59 10.19 9.34
N GLY C 33 -1.35 9.09 9.45
CA GLY C 33 -2.39 8.76 8.47
C GLY C 33 -3.74 8.47 9.14
N GLU C 34 -4.07 9.27 10.17
CA GLU C 34 -5.35 9.10 10.92
C GLU C 34 -6.22 10.37 10.79
N LYS C 35 -6.44 10.81 9.54
CA LYS C 35 -7.37 11.91 9.25
C LYS C 35 -8.57 11.40 8.43
N PRO C 36 -9.80 11.55 8.97
CA PRO C 36 -10.99 11.00 8.34
C PRO C 36 -11.47 11.83 7.14
N TYR C 37 -11.02 11.44 5.93
CA TYR C 37 -11.55 12.03 4.69
C TYR C 37 -12.68 11.15 4.13
N GLN C 38 -13.66 11.76 3.46
CA GLN C 38 -14.77 11.01 2.85
C GLN C 38 -15.00 11.46 1.41
N CYS C 39 -15.44 10.53 0.56
CA CYS C 39 -15.92 10.86 -0.78
C CYS C 39 -17.20 11.71 -0.71
N ASP C 40 -17.47 12.47 -1.77
CA ASP C 40 -18.68 13.32 -1.86
C ASP C 40 -19.36 13.16 -3.24
N PHE C 41 -19.10 12.02 -3.90
CA PHE C 41 -19.69 11.72 -5.19
C PHE C 41 -21.19 11.43 -5.04
N LYS C 42 -21.91 11.46 -6.17
CA LYS C 42 -23.32 11.05 -6.20
C LYS C 42 -23.43 9.51 -6.31
N ASP C 43 -22.28 8.84 -6.36
CA ASP C 43 -22.22 7.37 -6.44
C ASP C 43 -21.25 6.79 -5.38
N CYS C 44 -20.67 7.67 -4.53
CA CYS C 44 -19.76 7.24 -3.46
C CYS C 44 -19.77 8.22 -2.28
N GLU C 45 -19.66 7.67 -1.07
CA GLU C 45 -19.44 8.46 0.14
C GLU C 45 -18.56 7.66 1.12
N ARG C 46 -17.56 6.94 0.57
CA ARG C 46 -16.70 6.07 1.37
C ARG C 46 -15.67 6.89 2.13
N ARG C 47 -15.21 6.37 3.26
CA ARG C 47 -14.28 7.07 4.12
C ARG C 47 -12.86 6.47 4.01
N PHE C 48 -11.85 7.32 4.17
CA PHE C 48 -10.45 6.92 4.13
C PHE C 48 -9.66 7.63 5.23
N SER C 49 -8.45 7.14 5.52
CA SER C 49 -7.65 7.64 6.65
C SER C 49 -6.44 8.45 6.17
N ARG C 50 -6.03 8.25 4.91
CA ARG C 50 -4.99 9.06 4.28
C ARG C 50 -5.54 9.81 3.07
N SER C 51 -5.02 11.01 2.84
CA SER C 51 -5.40 11.80 1.67
C SER C 51 -5.05 11.05 0.37
N ASP C 52 -3.92 10.33 0.38
CA ASP C 52 -3.48 9.54 -0.77
C ASP C 52 -4.44 8.36 -1.04
N GLN C 53 -4.97 7.75 0.04
CA GLN C 53 -5.98 6.69 -0.10
C GLN C 53 -7.22 7.24 -0.78
N LEU C 54 -7.74 8.37 -0.27
CA LEU C 54 -8.91 9.03 -0.86
C LEU C 54 -8.63 9.45 -2.32
N LYS C 55 -7.44 10.05 -2.57
CA LYS C 55 -7.05 10.52 -3.92
C LYS C 55 -6.97 9.37 -4.91
N ARG C 56 -6.30 8.28 -4.50
CA ARG C 56 -6.28 7.05 -5.30
C ARG C 56 -7.71 6.56 -5.55
N HIS C 57 -8.50 6.53 -4.48
CA HIS C 57 -9.87 6.06 -4.54
C HIS C 57 -10.74 6.91 -5.50
N GLN C 58 -10.47 8.24 -5.54
CA GLN C 58 -11.19 9.16 -6.45
C GLN C 58 -11.11 8.65 -7.90
N ARG C 59 -9.94 8.10 -8.27
CA ARG C 59 -9.70 7.63 -9.65
C ARG C 59 -10.76 6.61 -10.08
N ARG C 60 -11.27 5.81 -9.11
CA ARG C 60 -12.29 4.78 -9.38
C ARG C 60 -13.55 5.39 -10.06
N HIS C 61 -13.88 6.65 -9.72
CA HIS C 61 -15.08 7.32 -10.28
C HIS C 61 -14.68 8.36 -11.34
N THR C 62 -13.51 8.98 -11.16
CA THR C 62 -13.08 10.10 -12.01
C THR C 62 -12.36 9.61 -13.28
N GLY C 63 -12.14 8.29 -13.37
CA GLY C 63 -11.49 7.70 -14.56
C GLY C 63 -10.02 8.13 -14.71
N VAL C 64 -9.48 8.82 -13.69
CA VAL C 64 -8.13 9.38 -13.74
C VAL C 64 -7.07 8.26 -13.70
N LYS C 65 -6.44 8.00 -14.86
CA LYS C 65 -5.34 7.03 -14.97
C LYS C 65 -4.05 7.73 -15.41
N PRO C 66 -3.30 8.33 -14.44
CA PRO C 66 -2.17 9.19 -14.74
C PRO C 66 -0.88 8.40 -15.00
N PHE C 67 -0.85 7.11 -14.65
CA PHE C 67 0.32 6.26 -14.91
C PHE C 67 0.19 5.62 -16.30
N GLN C 68 1.24 5.72 -17.12
CA GLN C 68 1.24 5.12 -18.47
C GLN C 68 2.41 4.16 -18.65
N CYS C 69 2.17 3.04 -19.34
CA CYS C 69 3.24 2.11 -19.69
C CYS C 69 4.25 2.77 -20.64
N LYS C 70 5.52 2.36 -20.53
CA LYS C 70 6.58 2.85 -21.42
C LYS C 70 6.76 1.92 -22.64
N THR C 71 5.86 0.92 -22.77
CA THR C 71 5.99 -0.13 -23.78
C THR C 71 4.74 -0.20 -24.65
N CYS C 72 3.59 -0.55 -24.04
CA CYS C 72 2.32 -0.69 -24.77
C CYS C 72 1.47 0.60 -24.66
N GLN C 73 1.94 1.56 -23.84
CA GLN C 73 1.24 2.86 -23.63
C GLN C 73 -0.12 2.67 -22.91
N ARG C 74 -0.29 1.53 -22.23
CA ARG C 74 -1.51 1.27 -21.45
C ARG C 74 -1.51 2.09 -20.16
N LYS C 75 -2.61 2.78 -19.92
CA LYS C 75 -2.72 3.66 -18.75
C LYS C 75 -3.33 2.92 -17.56
N PHE C 76 -2.85 3.25 -16.36
CA PHE C 76 -3.37 2.72 -15.11
C PHE C 76 -3.55 3.85 -14.08
N SER C 77 -4.39 3.59 -13.08
CA SER C 77 -4.69 4.59 -12.04
C SER C 77 -3.84 4.37 -10.77
N ARG C 78 -2.99 3.34 -10.80
CA ARG C 78 -2.16 3.00 -9.63
C ARG C 78 -0.73 2.71 -10.06
N SER C 79 0.22 3.28 -9.32
CA SER C 79 1.65 3.06 -9.57
C SER C 79 2.00 1.59 -9.32
N ASP C 80 1.42 1.00 -8.27
CA ASP C 80 1.69 -0.38 -7.91
C ASP C 80 1.21 -1.37 -9.02
N HIS C 81 0.00 -1.11 -9.59
CA HIS C 81 -0.49 -1.89 -10.75
C HIS C 81 0.42 -1.68 -11.97
N LEU C 82 0.84 -0.42 -12.21
CA LEU C 82 1.70 -0.11 -13.36
C LEU C 82 3.07 -0.81 -13.23
N LYS C 83 3.67 -0.72 -12.04
CA LYS C 83 4.95 -1.42 -11.76
C LYS C 83 4.75 -2.95 -11.86
N THR C 84 3.57 -3.42 -11.47
CA THR C 84 3.22 -4.84 -11.59
C THR C 84 3.12 -5.26 -13.08
N HIS C 85 2.37 -4.47 -13.86
CA HIS C 85 2.23 -4.69 -15.30
C HIS C 85 3.58 -4.51 -16.02
N THR C 86 4.41 -3.62 -15.50
CA THR C 86 5.75 -3.40 -16.02
C THR C 86 6.54 -4.72 -16.07
N ARG C 87 6.38 -5.54 -15.02
CA ARG C 87 7.10 -6.83 -14.95
C ARG C 87 6.70 -7.76 -16.11
N THR C 88 5.47 -7.59 -16.63
CA THR C 88 5.00 -8.37 -17.79
C THR C 88 5.86 -8.08 -19.03
N HIS C 89 6.31 -6.82 -19.18
CA HIS C 89 7.19 -6.45 -20.29
C HIS C 89 8.66 -6.70 -19.91
N THR C 90 8.94 -6.69 -18.61
CA THR C 90 10.33 -6.76 -18.11
C THR C 90 10.74 -8.24 -17.86
N GLY C 91 9.79 -9.17 -17.99
CA GLY C 91 10.05 -10.59 -17.69
C GLY C 91 10.45 -10.82 -16.21
N GLU C 92 10.19 -9.81 -15.36
CA GLU C 92 10.61 -9.83 -13.97
C GLU C 92 9.69 -10.74 -13.13
N LYS C 93 10.06 -12.02 -13.03
CA LYS C 93 9.29 -13.00 -12.25
C LYS C 93 10.14 -13.57 -11.09
N PRO C 94 10.21 -12.84 -9.95
CA PRO C 94 11.05 -13.23 -8.83
C PRO C 94 10.38 -14.25 -7.89
N PHE C 95 9.04 -14.39 -7.98
CA PHE C 95 8.29 -15.26 -7.07
C PHE C 95 8.31 -16.72 -7.55
N SER C 96 9.45 -17.39 -7.36
CA SER C 96 9.60 -18.82 -7.75
C SER C 96 8.98 -19.74 -6.69
N CYS C 97 8.32 -20.81 -7.15
CA CYS C 97 7.70 -21.78 -6.26
C CYS C 97 8.76 -22.59 -5.53
N ARG C 98 8.52 -22.84 -4.23
CA ARG C 98 9.49 -23.51 -3.36
C ARG C 98 9.08 -24.97 -3.07
N TRP C 99 8.05 -25.45 -3.78
CA TRP C 99 7.57 -26.82 -3.60
C TRP C 99 8.67 -27.84 -4.01
N PRO C 100 8.65 -29.05 -3.43
CA PRO C 100 9.70 -30.07 -3.64
C PRO C 100 9.64 -30.70 -5.05
N SER C 101 8.74 -30.20 -5.90
CA SER C 101 8.58 -30.71 -7.26
C SER C 101 8.27 -29.58 -8.26
N CYS C 102 8.69 -28.35 -7.92
CA CYS C 102 8.41 -27.19 -8.76
C CYS C 102 9.48 -26.09 -8.57
N GLN C 103 9.60 -25.22 -9.57
CA GLN C 103 10.40 -23.99 -9.48
C GLN C 103 9.78 -22.87 -10.36
N LYS C 104 8.47 -22.99 -10.65
CA LYS C 104 7.77 -22.06 -11.56
C LYS C 104 7.73 -20.67 -10.95
N LYS C 105 8.02 -19.66 -11.79
CA LYS C 105 8.23 -18.30 -11.30
C LYS C 105 7.11 -17.36 -11.75
N PHE C 106 6.64 -16.53 -10.82
CA PHE C 106 5.59 -15.54 -11.09
C PHE C 106 6.10 -14.12 -10.82
N ALA C 107 5.36 -13.13 -11.32
CA ALA C 107 5.76 -11.73 -11.16
C ALA C 107 4.95 -11.04 -10.05
N ARG C 108 4.04 -11.80 -9.42
CA ARG C 108 3.24 -11.29 -8.31
C ARG C 108 3.22 -12.28 -7.14
N SER C 109 3.30 -11.75 -5.93
CA SER C 109 3.28 -12.55 -4.72
C SER C 109 1.98 -13.38 -4.63
N ASP C 110 0.84 -12.74 -4.94
CA ASP C 110 -0.46 -13.41 -4.90
C ASP C 110 -0.58 -14.49 -6.00
N GLU C 111 0.06 -14.25 -7.17
CA GLU C 111 0.11 -15.27 -8.25
C GLU C 111 0.82 -16.53 -7.74
N LEU C 112 1.93 -16.34 -7.02
CA LEU C 112 2.65 -17.45 -6.39
C LEU C 112 1.78 -18.13 -5.30
N VAL C 113 1.09 -17.31 -4.48
CA VAL C 113 0.17 -17.83 -3.45
C VAL C 113 -0.91 -18.70 -4.10
N ARG C 114 -1.51 -18.18 -5.18
CA ARG C 114 -2.53 -18.92 -5.93
C ARG C 114 -1.96 -20.23 -6.46
N HIS C 115 -0.76 -20.16 -7.07
CA HIS C 115 -0.09 -21.35 -7.61
C HIS C 115 0.04 -22.43 -6.53
N HIS C 116 0.58 -22.04 -5.36
CA HIS C 116 0.70 -22.95 -4.23
C HIS C 116 -0.69 -23.53 -3.84
N ASN C 117 -1.74 -22.70 -3.91
CA ASN C 117 -3.10 -23.11 -3.54
C ASN C 117 -3.67 -24.13 -4.57
N MET C 118 -3.02 -24.22 -5.74
CA MET C 118 -3.43 -25.15 -6.79
C MET C 118 -2.35 -26.23 -7.03
N HIS C 119 -1.34 -26.28 -6.15
CA HIS C 119 -0.20 -27.18 -6.34
C HIS C 119 -0.58 -28.63 -6.05
N ALA C 1 17.81 2.56 30.19
CA ALA C 1 16.68 1.84 29.60
C ALA C 1 15.65 2.82 28.99
N SER C 2 15.37 3.91 29.72
CA SER C 2 14.42 4.95 29.23
C SER C 2 14.64 6.30 29.96
N GLU C 3 15.71 6.40 30.75
CA GLU C 3 16.04 7.64 31.46
C GLU C 3 16.61 8.70 30.51
N LYS C 4 17.63 8.30 29.72
CA LYS C 4 18.28 9.20 28.76
C LYS C 4 17.43 9.34 27.48
N ARG C 5 16.26 9.99 27.62
CA ARG C 5 15.31 10.15 26.51
C ARG C 5 14.70 11.57 26.50
N PRO C 6 15.41 12.55 25.89
CA PRO C 6 14.97 13.95 25.86
C PRO C 6 13.83 14.20 24.86
N PHE C 7 13.59 13.23 23.96
CA PHE C 7 12.48 13.34 23.00
C PHE C 7 11.28 12.51 23.48
N MET C 8 10.07 13.02 23.23
CA MET C 8 8.85 12.21 23.44
C MET C 8 7.86 12.39 22.30
N CYS C 9 7.07 11.35 22.07
CA CYS C 9 5.93 11.44 21.16
C CYS C 9 4.80 12.29 21.78
N ALA C 10 3.82 12.66 20.96
CA ALA C 10 2.66 13.44 21.43
C ALA C 10 1.33 12.75 21.05
N TYR C 11 1.42 11.59 20.36
CA TYR C 11 0.23 10.81 20.01
C TYR C 11 -0.40 10.20 21.29
N PRO C 12 -1.70 10.47 21.56
CA PRO C 12 -2.36 10.06 22.81
C PRO C 12 -2.22 8.56 23.12
N GLY C 13 -2.07 7.72 22.07
CA GLY C 13 -1.93 6.27 22.26
C GLY C 13 -0.48 5.83 22.50
N CYS C 14 0.45 6.80 22.51
CA CYS C 14 1.88 6.52 22.67
C CYS C 14 2.49 7.42 23.77
N ASN C 15 2.90 8.64 23.38
CA ASN C 15 3.51 9.62 24.32
C ASN C 15 4.84 9.06 24.93
N LYS C 16 5.49 8.12 24.23
CA LYS C 16 6.72 7.48 24.75
C LYS C 16 7.93 8.35 24.50
N ARG C 17 9.05 8.00 25.15
CA ARG C 17 10.25 8.83 25.11
C ARG C 17 11.36 8.17 24.28
N TYR C 18 11.97 8.97 23.41
CA TYR C 18 13.01 8.55 22.50
C TYR C 18 14.34 9.30 22.77
N PHE C 19 15.44 8.82 22.16
CA PHE C 19 16.76 9.45 22.31
C PHE C 19 17.26 10.03 20.98
N LYS C 20 17.25 9.20 19.93
CA LYS C 20 17.72 9.63 18.61
C LYS C 20 16.66 10.49 17.90
N LEU C 21 17.01 11.73 17.61
CA LEU C 21 16.10 12.67 16.92
C LEU C 21 15.45 12.00 15.69
N SER C 22 16.29 11.38 14.84
CA SER C 22 15.82 10.71 13.60
C SER C 22 14.99 9.45 13.89
N HIS C 23 15.36 8.72 14.94
CA HIS C 23 14.61 7.51 15.30
C HIS C 23 13.22 7.88 15.82
N LEU C 24 13.14 9.01 16.54
CA LEU C 24 11.85 9.57 16.95
C LEU C 24 11.08 10.19 15.74
N GLN C 25 11.82 10.83 14.81
CA GLN C 25 11.21 11.35 13.58
C GLN C 25 10.55 10.21 12.80
N MET C 26 11.30 9.11 12.62
CA MET C 26 10.77 7.90 11.99
C MET C 26 9.53 7.39 12.75
N HIS C 27 9.64 7.32 14.09
CA HIS C 27 8.54 6.83 14.91
C HIS C 27 7.27 7.68 14.70
N SER C 28 7.47 9.00 14.60
CA SER C 28 6.35 9.93 14.48
C SER C 28 5.51 9.62 13.22
N ARG C 29 6.19 9.22 12.13
CA ARG C 29 5.50 8.89 10.87
C ARG C 29 4.44 7.80 11.10
N LYS C 30 4.76 6.82 11.96
CA LYS C 30 3.86 5.68 12.22
C LYS C 30 2.46 6.15 12.66
N HIS C 31 2.38 7.26 13.41
CA HIS C 31 1.09 7.72 13.97
C HIS C 31 0.22 8.41 12.91
N THR C 32 0.86 8.91 11.83
CA THR C 32 0.10 9.56 10.73
C THR C 32 -1.00 8.63 10.13
N GLY C 33 -0.93 7.32 10.46
CA GLY C 33 -1.95 6.35 10.00
C GLY C 33 -3.12 6.20 10.99
N GLU C 34 -3.11 6.98 12.07
CA GLU C 34 -4.13 6.86 13.16
C GLU C 34 -5.47 7.52 12.75
N LYS C 35 -5.44 8.37 11.71
CA LYS C 35 -6.59 9.23 11.35
C LYS C 35 -7.63 8.47 10.50
N PRO C 36 -8.89 8.34 11.00
CA PRO C 36 -9.98 7.72 10.26
C PRO C 36 -10.72 8.71 9.33
N TYR C 37 -10.39 8.68 8.04
CA TYR C 37 -11.11 9.48 7.02
C TYR C 37 -12.26 8.64 6.41
N GLN C 38 -13.24 9.32 5.78
CA GLN C 38 -14.28 8.64 4.98
C GLN C 38 -14.46 9.31 3.63
N CYS C 39 -14.94 8.54 2.64
CA CYS C 39 -15.31 9.09 1.34
C CYS C 39 -16.56 9.99 1.45
N ASP C 40 -16.60 11.04 0.63
CA ASP C 40 -17.77 11.94 0.58
C ASP C 40 -18.85 11.37 -0.37
N PHE C 41 -18.45 10.48 -1.28
CA PHE C 41 -19.36 9.87 -2.25
C PHE C 41 -20.40 9.00 -1.53
N LYS C 42 -21.68 9.42 -1.58
CA LYS C 42 -22.76 8.76 -0.80
C LYS C 42 -23.04 7.32 -1.30
N ASP C 43 -22.55 6.99 -2.50
CA ASP C 43 -22.64 5.63 -3.04
C ASP C 43 -21.40 4.78 -2.66
N CYS C 44 -20.49 5.40 -1.87
CA CYS C 44 -19.30 4.71 -1.36
C CYS C 44 -19.38 4.59 0.18
N GLU C 45 -19.06 5.69 0.88
CA GLU C 45 -19.17 5.76 2.36
C GLU C 45 -18.09 4.86 3.04
N ARG C 46 -17.01 4.54 2.29
CA ARG C 46 -15.90 3.76 2.84
C ARG C 46 -14.97 4.63 3.66
N ARG C 47 -14.06 3.99 4.40
CA ARG C 47 -13.13 4.72 5.27
C ARG C 47 -11.68 4.40 4.89
N PHE C 48 -10.78 5.34 5.19
CA PHE C 48 -9.35 5.16 4.94
C PHE C 48 -8.53 5.65 6.15
N SER C 49 -7.25 5.26 6.20
CA SER C 49 -6.38 5.59 7.35
C SER C 49 -5.38 6.71 7.01
N ARG C 50 -5.43 7.22 5.76
CA ARG C 50 -4.60 8.37 5.35
C ARG C 50 -5.33 9.21 4.30
N SER C 51 -4.97 10.50 4.24
CA SER C 51 -5.51 11.42 3.25
C SER C 51 -5.16 10.98 1.83
N ASP C 52 -3.90 10.58 1.63
CA ASP C 52 -3.42 10.13 0.32
C ASP C 52 -4.17 8.86 -0.14
N GLN C 53 -4.52 8.00 0.82
CA GLN C 53 -5.24 6.75 0.51
C GLN C 53 -6.68 7.04 0.12
N LEU C 54 -7.32 7.93 0.86
CA LEU C 54 -8.64 8.44 0.50
C LEU C 54 -8.60 9.13 -0.88
N LYS C 55 -7.56 9.95 -1.12
CA LYS C 55 -7.34 10.62 -2.42
C LYS C 55 -7.12 9.58 -3.56
N ARG C 56 -6.28 8.57 -3.29
CA ARG C 56 -6.06 7.47 -4.24
C ARG C 56 -7.38 6.73 -4.53
N HIS C 57 -8.12 6.44 -3.46
CA HIS C 57 -9.42 5.79 -3.56
C HIS C 57 -10.41 6.63 -4.40
N GLN C 58 -10.35 7.96 -4.22
CA GLN C 58 -11.19 8.89 -4.98
C GLN C 58 -11.03 8.65 -6.48
N ARG C 59 -9.80 8.29 -6.92
CA ARG C 59 -9.50 8.10 -8.34
C ARG C 59 -10.47 7.09 -8.98
N ARG C 60 -10.91 6.09 -8.18
CA ARG C 60 -11.93 5.12 -8.62
C ARG C 60 -13.21 5.83 -9.08
N HIS C 61 -13.69 6.78 -8.28
CA HIS C 61 -14.94 7.50 -8.59
C HIS C 61 -14.75 8.46 -9.78
N THR C 62 -13.53 8.99 -9.93
CA THR C 62 -13.18 9.87 -11.07
C THR C 62 -13.09 9.04 -12.38
N GLY C 63 -12.87 7.72 -12.25
CA GLY C 63 -12.77 6.84 -13.43
C GLY C 63 -11.48 7.06 -14.25
N VAL C 64 -10.68 8.06 -13.88
CA VAL C 64 -9.48 8.43 -14.64
C VAL C 64 -8.34 7.43 -14.37
N LYS C 65 -7.63 7.04 -15.45
CA LYS C 65 -6.46 6.17 -15.34
C LYS C 65 -5.20 6.89 -15.90
N PRO C 66 -4.52 7.69 -15.04
CA PRO C 66 -3.44 8.57 -15.48
C PRO C 66 -2.09 7.84 -15.65
N PHE C 67 -1.94 6.67 -15.00
CA PHE C 67 -0.68 5.92 -15.06
C PHE C 67 -0.57 5.15 -16.40
N GLN C 68 -0.13 5.84 -17.46
CA GLN C 68 -0.05 5.24 -18.79
C GLN C 68 1.33 4.60 -19.01
N CYS C 69 1.34 3.35 -19.50
CA CYS C 69 2.57 2.58 -19.65
C CYS C 69 3.51 3.23 -20.70
N LYS C 70 4.76 3.47 -20.30
CA LYS C 70 5.79 4.03 -21.19
C LYS C 70 6.11 3.06 -22.37
N THR C 71 5.55 1.85 -22.32
CA THR C 71 5.83 0.81 -23.34
C THR C 71 4.63 0.65 -24.29
N CYS C 72 3.50 0.17 -23.76
CA CYS C 72 2.32 -0.16 -24.60
C CYS C 72 1.15 0.84 -24.35
N GLN C 73 1.39 1.85 -23.48
CA GLN C 73 0.41 2.92 -23.18
C GLN C 73 -0.86 2.38 -22.48
N ARG C 74 -0.78 1.14 -21.97
CA ARG C 74 -1.82 0.60 -21.09
C ARG C 74 -2.03 1.51 -19.90
N LYS C 75 -3.24 2.05 -19.77
CA LYS C 75 -3.53 3.03 -18.72
C LYS C 75 -3.98 2.33 -17.42
N PHE C 76 -3.51 2.85 -16.29
CA PHE C 76 -3.84 2.32 -14.97
C PHE C 76 -4.22 3.47 -14.02
N SER C 77 -4.85 3.14 -12.91
CA SER C 77 -5.27 4.14 -11.92
C SER C 77 -4.28 4.20 -10.75
N ARG C 78 -3.34 3.24 -10.69
CA ARG C 78 -2.40 3.12 -9.56
C ARG C 78 -0.97 2.84 -10.06
N SER C 79 0.01 3.33 -9.32
CA SER C 79 1.42 3.12 -9.65
C SER C 79 1.82 1.65 -9.43
N ASP C 80 1.33 1.04 -8.34
CA ASP C 80 1.61 -0.38 -8.03
C ASP C 80 1.04 -1.32 -9.14
N HIS C 81 -0.12 -0.93 -9.71
CA HIS C 81 -0.70 -1.65 -10.88
C HIS C 81 0.18 -1.47 -12.10
N LEU C 82 0.63 -0.23 -12.36
CA LEU C 82 1.50 0.06 -13.52
C LEU C 82 2.84 -0.68 -13.39
N LYS C 83 3.46 -0.58 -12.21
CA LYS C 83 4.73 -1.27 -11.93
C LYS C 83 4.57 -2.80 -12.02
N THR C 84 3.38 -3.29 -11.63
CA THR C 84 3.05 -4.72 -11.75
C THR C 84 2.91 -5.11 -13.23
N HIS C 85 2.11 -4.32 -13.97
CA HIS C 85 1.91 -4.53 -15.41
C HIS C 85 3.24 -4.38 -16.18
N THR C 86 4.12 -3.52 -15.67
CA THR C 86 5.44 -3.31 -16.26
C THR C 86 6.20 -4.64 -16.41
N ARG C 87 6.08 -5.53 -15.40
CA ARG C 87 6.79 -6.82 -15.39
C ARG C 87 6.35 -7.69 -16.60
N THR C 88 5.15 -7.41 -17.13
CA THR C 88 4.63 -8.11 -18.32
C THR C 88 5.62 -8.03 -19.49
N HIS C 89 6.27 -6.85 -19.66
CA HIS C 89 7.27 -6.67 -20.72
C HIS C 89 8.70 -6.92 -20.19
N THR C 90 8.86 -6.86 -18.86
CA THR C 90 10.19 -6.85 -18.25
C THR C 90 10.65 -8.29 -17.89
N GLY C 91 9.76 -9.28 -18.06
CA GLY C 91 10.13 -10.70 -17.84
C GLY C 91 10.51 -11.01 -16.38
N GLU C 92 10.25 -10.05 -15.49
CA GLU C 92 10.68 -10.15 -14.09
C GLU C 92 9.69 -11.02 -13.28
N LYS C 93 10.06 -12.29 -13.08
CA LYS C 93 9.27 -13.21 -12.26
C LYS C 93 10.12 -13.74 -11.07
N PRO C 94 10.18 -12.97 -9.96
CA PRO C 94 11.01 -13.32 -8.81
C PRO C 94 10.33 -14.31 -7.85
N PHE C 95 8.98 -14.33 -7.84
CA PHE C 95 8.22 -15.16 -6.89
C PHE C 95 8.26 -16.64 -7.30
N SER C 96 9.36 -17.31 -6.98
CA SER C 96 9.55 -18.72 -7.35
C SER C 96 8.92 -19.65 -6.30
N CYS C 97 8.27 -20.72 -6.77
CA CYS C 97 7.65 -21.71 -5.89
C CYS C 97 8.72 -22.52 -5.15
N ARG C 98 8.29 -23.16 -4.04
CA ARG C 98 9.19 -23.93 -3.17
C ARG C 98 8.77 -25.40 -3.08
N TRP C 99 7.75 -25.78 -3.88
CA TRP C 99 7.25 -27.16 -3.89
C TRP C 99 8.27 -28.11 -4.55
N PRO C 100 8.17 -29.43 -4.25
CA PRO C 100 9.15 -30.43 -4.69
C PRO C 100 9.47 -30.35 -6.20
N SER C 101 10.70 -29.91 -6.52
CA SER C 101 11.20 -29.85 -7.92
C SER C 101 10.32 -28.93 -8.81
N CYS C 102 9.55 -28.03 -8.19
CA CYS C 102 8.73 -27.07 -8.92
C CYS C 102 9.59 -25.88 -9.43
N GLN C 103 9.78 -24.88 -8.55
CA GLN C 103 10.58 -23.67 -8.87
C GLN C 103 9.91 -22.83 -9.99
N LYS C 104 8.60 -23.04 -10.22
CA LYS C 104 7.82 -22.21 -11.15
C LYS C 104 7.72 -20.78 -10.63
N LYS C 105 7.97 -19.80 -11.50
CA LYS C 105 8.14 -18.41 -11.08
C LYS C 105 6.96 -17.55 -11.50
N PHE C 106 6.62 -16.58 -10.64
CA PHE C 106 5.56 -15.59 -10.92
C PHE C 106 6.08 -14.17 -10.71
N ALA C 107 5.36 -13.19 -11.27
CA ALA C 107 5.75 -11.79 -11.15
C ALA C 107 4.97 -11.08 -10.04
N ARG C 108 4.05 -11.82 -9.38
CA ARG C 108 3.27 -11.27 -8.28
C ARG C 108 3.23 -12.25 -7.10
N SER C 109 3.32 -11.70 -5.89
CA SER C 109 3.27 -12.50 -4.67
C SER C 109 1.97 -13.30 -4.60
N ASP C 110 0.85 -12.65 -4.92
CA ASP C 110 -0.46 -13.31 -4.87
C ASP C 110 -0.60 -14.40 -5.97
N GLU C 111 0.05 -14.17 -7.14
CA GLU C 111 0.08 -15.20 -8.20
C GLU C 111 0.77 -16.47 -7.68
N LEU C 112 1.87 -16.29 -6.93
CA LEU C 112 2.54 -17.41 -6.27
C LEU C 112 1.64 -18.05 -5.18
N VAL C 113 0.98 -17.19 -4.38
CA VAL C 113 0.03 -17.68 -3.33
C VAL C 113 -1.08 -18.50 -3.97
N ARG C 114 -1.58 -18.04 -5.12
CA ARG C 114 -2.59 -18.78 -5.88
C ARG C 114 -2.00 -20.10 -6.39
N HIS C 115 -0.79 -20.03 -6.97
CA HIS C 115 -0.12 -21.23 -7.50
C HIS C 115 -0.01 -22.31 -6.43
N HIS C 116 0.47 -21.93 -5.24
CA HIS C 116 0.56 -22.86 -4.12
C HIS C 116 -0.82 -23.48 -3.79
N ASN C 117 -1.88 -22.65 -3.83
CA ASN C 117 -3.25 -23.12 -3.52
C ASN C 117 -3.79 -24.05 -4.61
N MET C 118 -3.14 -24.04 -5.79
CA MET C 118 -3.52 -24.90 -6.91
C MET C 118 -2.49 -26.05 -7.09
N HIS C 119 -1.48 -26.11 -6.22
CA HIS C 119 -0.37 -27.03 -6.38
C HIS C 119 -0.80 -28.48 -6.11
N ALA C 1 14.51 19.39 39.99
CA ALA C 1 13.77 20.08 38.93
C ALA C 1 14.70 20.39 37.73
N SER C 2 16.00 20.10 37.88
CA SER C 2 16.98 20.32 36.81
C SER C 2 16.88 19.21 35.74
N GLU C 3 15.84 19.28 34.90
CA GLU C 3 15.61 18.29 33.86
C GLU C 3 14.93 18.93 32.63
N LYS C 4 15.02 18.25 31.48
CA LYS C 4 14.37 18.72 30.25
C LYS C 4 12.85 18.53 30.32
N ARG C 5 12.11 19.29 29.51
CA ARG C 5 10.66 19.12 29.39
C ARG C 5 10.33 17.84 28.57
N PRO C 6 9.24 17.13 28.92
CA PRO C 6 8.85 15.91 28.24
C PRO C 6 8.20 16.19 26.87
N PHE C 7 8.45 15.29 25.92
CA PHE C 7 7.77 15.34 24.63
C PHE C 7 6.33 14.84 24.77
N MET C 8 5.43 15.30 23.91
CA MET C 8 4.08 14.71 23.83
C MET C 8 3.63 14.52 22.39
N CYS C 9 2.73 13.55 22.19
CA CYS C 9 2.03 13.39 20.92
C CYS C 9 0.89 14.45 20.78
N ALA C 10 0.15 14.38 19.67
CA ALA C 10 -0.96 15.31 19.40
C ALA C 10 -2.24 14.55 18.94
N TYR C 11 -2.09 13.29 18.52
CA TYR C 11 -3.23 12.51 17.99
C TYR C 11 -4.31 12.28 19.09
N PRO C 12 -5.60 12.52 18.76
CA PRO C 12 -6.71 12.38 19.72
C PRO C 12 -6.72 11.01 20.44
N GLY C 13 -6.30 9.96 19.72
CA GLY C 13 -6.29 8.60 20.28
C GLY C 13 -5.04 8.31 21.13
N CYS C 14 -4.23 9.36 21.39
CA CYS C 14 -2.99 9.23 22.15
C CYS C 14 -2.69 10.51 22.95
N ASN C 15 -1.98 11.46 22.33
CA ASN C 15 -1.54 12.69 23.00
C ASN C 15 -0.83 12.37 24.34
N LYS C 16 -0.02 11.30 24.35
CA LYS C 16 0.75 10.89 25.54
C LYS C 16 2.18 11.42 25.49
N ARG C 17 2.91 11.26 26.59
CA ARG C 17 4.21 11.90 26.74
C ARG C 17 5.38 10.91 26.50
N TYR C 18 6.39 11.40 25.76
CA TYR C 18 7.56 10.60 25.42
C TYR C 18 8.84 11.25 25.98
N PHE C 19 9.95 10.50 25.94
CA PHE C 19 11.21 10.94 26.57
C PHE C 19 12.37 10.97 25.54
N LYS C 20 12.32 10.08 24.55
CA LYS C 20 13.33 10.05 23.47
C LYS C 20 12.80 10.73 22.22
N LEU C 21 13.47 11.80 21.80
CA LEU C 21 13.04 12.59 20.63
C LEU C 21 12.70 11.67 19.43
N SER C 22 13.65 10.79 19.08
CA SER C 22 13.49 9.88 17.94
C SER C 22 12.40 8.82 18.20
N HIS C 23 12.28 8.35 19.44
CA HIS C 23 11.27 7.34 19.78
C HIS C 23 9.86 7.95 19.66
N LEU C 24 9.75 9.23 20.02
CA LEU C 24 8.54 9.99 19.80
C LEU C 24 8.33 10.29 18.28
N GLN C 25 9.40 10.69 17.60
CA GLN C 25 9.33 10.99 16.17
C GLN C 25 8.84 9.77 15.38
N MET C 26 9.35 8.57 15.75
CA MET C 26 8.86 7.32 15.16
C MET C 26 7.41 7.03 15.61
N HIS C 27 7.10 7.32 16.89
CA HIS C 27 5.75 7.10 17.42
C HIS C 27 4.70 7.86 16.59
N SER C 28 5.05 9.08 16.19
CA SER C 28 4.16 9.92 15.40
C SER C 28 3.76 9.23 14.09
N ARG C 29 4.71 8.47 13.51
CA ARG C 29 4.48 7.73 12.26
C ARG C 29 3.27 6.81 12.40
N LYS C 30 3.12 6.18 13.58
CA LYS C 30 2.01 5.24 13.85
C LYS C 30 0.65 5.91 13.61
N HIS C 31 0.56 7.22 13.92
CA HIS C 31 -0.72 7.95 13.81
C HIS C 31 -0.97 8.43 12.38
N THR C 32 0.11 8.69 11.62
CA THR C 32 -0.05 9.11 10.19
C THR C 32 -0.91 8.11 9.40
N GLY C 33 -0.98 6.85 9.86
CA GLY C 33 -1.81 5.82 9.22
C GLY C 33 -3.22 5.70 9.87
N GLU C 34 -3.54 6.64 10.76
CA GLU C 34 -4.82 6.61 11.52
C GLU C 34 -5.59 7.95 11.34
N LYS C 35 -5.37 8.61 10.19
CA LYS C 35 -6.05 9.89 9.89
C LYS C 35 -7.46 9.63 9.30
N PRO C 36 -8.53 9.98 10.04
CA PRO C 36 -9.90 9.67 9.64
C PRO C 36 -10.38 10.51 8.44
N TYR C 37 -10.44 9.88 7.26
CA TYR C 37 -10.98 10.53 6.06
C TYR C 37 -12.24 9.79 5.55
N GLN C 38 -13.02 10.45 4.71
CA GLN C 38 -14.11 9.80 3.98
C GLN C 38 -14.07 10.18 2.50
N CYS C 39 -14.66 9.33 1.66
CA CYS C 39 -14.73 9.60 0.23
C CYS C 39 -15.35 10.99 -0.03
N ASP C 40 -14.71 11.77 -0.90
CA ASP C 40 -15.20 13.10 -1.27
C ASP C 40 -16.49 12.99 -2.11
N PHE C 41 -16.69 11.83 -2.74
CA PHE C 41 -17.89 11.56 -3.53
C PHE C 41 -19.11 11.38 -2.61
N LYS C 42 -20.02 12.37 -2.63
CA LYS C 42 -21.17 12.40 -1.68
C LYS C 42 -22.07 11.14 -1.82
N ASP C 43 -21.95 10.44 -2.95
CA ASP C 43 -22.77 9.25 -3.23
C ASP C 43 -21.99 7.94 -2.88
N CYS C 44 -20.76 8.09 -2.38
CA CYS C 44 -19.93 6.93 -1.99
C CYS C 44 -19.97 6.73 -0.47
N GLU C 45 -19.44 7.72 0.29
CA GLU C 45 -19.48 7.70 1.78
C GLU C 45 -18.62 6.54 2.36
N ARG C 46 -17.55 6.16 1.64
CA ARG C 46 -16.53 5.24 2.19
C ARG C 46 -15.61 5.98 3.17
N ARG C 47 -14.78 5.23 3.89
CA ARG C 47 -13.84 5.82 4.86
C ARG C 47 -12.42 5.28 4.65
N PHE C 48 -11.43 6.11 5.00
CA PHE C 48 -10.01 5.76 4.85
C PHE C 48 -9.22 6.25 6.07
N SER C 49 -7.99 5.75 6.22
CA SER C 49 -7.17 6.07 7.41
C SER C 49 -5.92 6.90 7.03
N ARG C 50 -5.83 7.32 5.75
CA ARG C 50 -4.73 8.18 5.29
C ARG C 50 -5.13 8.99 4.06
N SER C 51 -4.49 10.16 3.88
CA SER C 51 -4.76 11.02 2.73
C SER C 51 -4.54 10.26 1.42
N ASP C 52 -3.44 9.50 1.35
CA ASP C 52 -3.09 8.75 0.15
C ASP C 52 -4.14 7.67 -0.17
N GLN C 53 -4.67 7.02 0.88
CA GLN C 53 -5.72 6.01 0.70
C GLN C 53 -6.96 6.65 0.07
N LEU C 54 -7.40 7.77 0.64
CA LEU C 54 -8.54 8.53 0.12
C LEU C 54 -8.25 9.03 -1.32
N LYS C 55 -7.05 9.62 -1.53
CA LYS C 55 -6.66 10.16 -2.85
C LYS C 55 -6.62 9.05 -3.91
N ARG C 56 -6.08 7.88 -3.55
CA ARG C 56 -6.11 6.70 -4.42
C ARG C 56 -7.56 6.30 -4.70
N HIS C 57 -8.38 6.27 -3.66
CA HIS C 57 -9.78 5.86 -3.79
C HIS C 57 -10.55 6.80 -4.74
N GLN C 58 -10.26 8.11 -4.65
CA GLN C 58 -10.88 9.10 -5.54
C GLN C 58 -10.69 8.72 -7.02
N ARG C 59 -9.51 8.15 -7.36
CA ARG C 59 -9.23 7.75 -8.76
C ARG C 59 -10.31 6.81 -9.30
N ARG C 60 -10.89 5.96 -8.41
CA ARG C 60 -11.98 5.03 -8.80
C ARG C 60 -13.21 5.79 -9.33
N HIS C 61 -13.47 7.00 -8.77
CA HIS C 61 -14.64 7.82 -9.18
C HIS C 61 -14.27 8.77 -10.32
N THR C 62 -13.09 9.38 -10.22
CA THR C 62 -12.62 10.37 -11.21
C THR C 62 -12.13 9.71 -12.51
N GLY C 63 -11.85 8.39 -12.43
CA GLY C 63 -11.50 7.61 -13.63
C GLY C 63 -10.08 7.93 -14.15
N VAL C 64 -9.31 8.73 -13.40
CA VAL C 64 -7.99 9.18 -13.85
C VAL C 64 -6.99 8.01 -13.84
N LYS C 65 -6.17 7.93 -14.91
CA LYS C 65 -5.09 6.96 -15.00
C LYS C 65 -3.77 7.66 -15.39
N PRO C 66 -3.11 8.33 -14.43
CA PRO C 66 -1.93 9.15 -14.70
C PRO C 66 -0.67 8.31 -14.98
N PHE C 67 -0.70 7.01 -14.65
CA PHE C 67 0.42 6.11 -14.93
C PHE C 67 0.26 5.49 -16.33
N GLN C 68 1.29 5.62 -17.17
CA GLN C 68 1.25 5.03 -18.53
C GLN C 68 2.45 4.10 -18.75
N CYS C 69 2.20 2.89 -19.28
CA CYS C 69 3.27 1.95 -19.56
C CYS C 69 4.21 2.50 -20.65
N LYS C 70 5.51 2.58 -20.32
CA LYS C 70 6.51 3.06 -21.27
C LYS C 70 6.62 2.16 -22.52
N THR C 71 5.99 0.97 -22.46
CA THR C 71 6.05 -0.01 -23.55
C THR C 71 4.79 0.07 -24.43
N CYS C 72 3.66 -0.47 -23.92
CA CYS C 72 2.43 -0.58 -24.70
C CYS C 72 1.49 0.62 -24.48
N GLN C 73 1.94 1.59 -23.65
CA GLN C 73 1.17 2.82 -23.38
C GLN C 73 -0.15 2.51 -22.62
N ARG C 74 -0.23 1.30 -22.04
CA ARG C 74 -1.39 0.91 -21.22
C ARG C 74 -1.44 1.75 -19.96
N LYS C 75 -2.56 2.45 -19.77
CA LYS C 75 -2.70 3.39 -18.68
C LYS C 75 -3.26 2.69 -17.42
N PHE C 76 -2.80 3.16 -16.25
CA PHE C 76 -3.23 2.65 -14.96
C PHE C 76 -3.38 3.81 -13.93
N SER C 77 -4.11 3.56 -12.83
CA SER C 77 -4.36 4.59 -11.80
C SER C 77 -3.46 4.39 -10.57
N ARG C 78 -2.66 3.31 -10.57
CA ARG C 78 -1.81 2.97 -9.42
C ARG C 78 -0.40 2.60 -9.89
N SER C 79 0.61 3.21 -9.25
CA SER C 79 2.02 2.94 -9.57
C SER C 79 2.34 1.46 -9.36
N ASP C 80 1.77 0.86 -8.31
CA ASP C 80 2.03 -0.54 -7.96
C ASP C 80 1.49 -1.50 -9.06
N HIS C 81 0.35 -1.15 -9.68
CA HIS C 81 -0.22 -1.95 -10.78
C HIS C 81 0.56 -1.72 -12.07
N LEU C 82 1.06 -0.50 -12.29
CA LEU C 82 1.92 -0.20 -13.44
C LEU C 82 3.27 -0.95 -13.31
N LYS C 83 3.88 -0.85 -12.12
CA LYS C 83 5.13 -1.58 -11.82
C LYS C 83 4.92 -3.09 -11.92
N THR C 84 3.72 -3.55 -11.54
CA THR C 84 3.36 -4.96 -11.66
C THR C 84 3.20 -5.35 -13.14
N HIS C 85 2.44 -4.56 -13.89
CA HIS C 85 2.26 -4.77 -15.32
C HIS C 85 3.59 -4.66 -16.08
N THR C 86 4.48 -3.81 -15.58
CA THR C 86 5.83 -3.66 -16.13
C THR C 86 6.55 -5.02 -16.19
N ARG C 87 6.39 -5.84 -15.13
CA ARG C 87 7.05 -7.16 -15.06
C ARG C 87 6.60 -8.08 -16.20
N THR C 88 5.41 -7.83 -16.77
CA THR C 88 4.89 -8.62 -17.92
C THR C 88 5.75 -8.37 -19.18
N HIS C 89 6.35 -7.17 -19.28
CA HIS C 89 7.27 -6.85 -20.37
C HIS C 89 8.72 -7.13 -19.96
N THR C 90 8.98 -7.12 -18.64
CA THR C 90 10.34 -7.23 -18.11
C THR C 90 10.72 -8.71 -17.84
N GLY C 91 9.75 -9.62 -17.98
CA GLY C 91 9.98 -11.05 -17.69
C GLY C 91 10.34 -11.30 -16.21
N GLU C 92 10.08 -10.30 -15.35
CA GLU C 92 10.47 -10.36 -13.95
C GLU C 92 9.50 -11.24 -13.14
N LYS C 93 9.87 -12.52 -12.97
CA LYS C 93 9.07 -13.47 -12.17
C LYS C 93 9.91 -14.04 -11.00
N PRO C 94 10.05 -13.27 -9.91
CA PRO C 94 10.88 -13.65 -8.77
C PRO C 94 10.15 -14.58 -7.79
N PHE C 95 8.82 -14.63 -7.85
CA PHE C 95 8.02 -15.43 -6.90
C PHE C 95 7.97 -16.91 -7.33
N SER C 96 9.06 -17.64 -7.09
CA SER C 96 9.13 -19.07 -7.39
C SER C 96 8.41 -19.90 -6.32
N CYS C 97 7.76 -20.99 -6.76
CA CYS C 97 7.10 -21.90 -5.83
C CYS C 97 8.13 -22.71 -5.03
N ARG C 98 7.68 -23.29 -3.91
CA ARG C 98 8.55 -24.05 -3.00
C ARG C 98 8.01 -25.48 -2.80
N TRP C 99 6.96 -25.84 -3.56
CA TRP C 99 6.32 -27.17 -3.44
C TRP C 99 7.28 -28.29 -3.92
N PRO C 100 7.03 -29.54 -3.47
CA PRO C 100 7.87 -30.69 -3.80
C PRO C 100 8.14 -30.83 -5.31
N SER C 101 9.41 -30.63 -5.71
CA SER C 101 9.84 -30.82 -7.11
C SER C 101 9.10 -29.85 -8.07
N CYS C 102 8.68 -28.68 -7.56
CA CYS C 102 8.11 -27.63 -8.41
C CYS C 102 9.23 -26.83 -9.11
N GLN C 103 8.83 -25.97 -10.05
CA GLN C 103 9.76 -25.12 -10.81
C GLN C 103 9.01 -23.94 -11.46
N LYS C 104 7.85 -23.56 -10.88
CA LYS C 104 7.01 -22.49 -11.44
C LYS C 104 7.33 -21.15 -10.78
N LYS C 105 7.33 -20.08 -11.58
CA LYS C 105 7.64 -18.73 -11.08
C LYS C 105 6.58 -17.74 -11.49
N PHE C 106 6.33 -16.75 -10.63
CA PHE C 106 5.31 -15.72 -10.88
C PHE C 106 5.88 -14.33 -10.68
N ALA C 107 5.18 -13.33 -11.21
CA ALA C 107 5.63 -11.95 -11.13
C ALA C 107 4.89 -11.19 -10.02
N ARG C 108 3.96 -11.87 -9.34
CA ARG C 108 3.24 -11.29 -8.22
C ARG C 108 3.19 -12.27 -7.04
N SER C 109 3.30 -11.73 -5.83
CA SER C 109 3.24 -12.53 -4.62
C SER C 109 1.93 -13.30 -4.53
N ASP C 110 0.81 -12.61 -4.83
CA ASP C 110 -0.51 -13.23 -4.81
C ASP C 110 -0.66 -14.29 -5.94
N GLU C 111 -0.02 -14.05 -7.10
CA GLU C 111 -0.02 -15.07 -8.19
C GLU C 111 0.63 -16.36 -7.71
N LEU C 112 1.70 -16.24 -6.90
CA LEU C 112 2.33 -17.41 -6.29
C LEU C 112 1.37 -18.05 -5.24
N VAL C 113 0.72 -17.22 -4.41
CA VAL C 113 -0.29 -17.71 -3.44
C VAL C 113 -1.41 -18.46 -4.19
N ARG C 114 -1.83 -17.90 -5.33
CA ARG C 114 -2.85 -18.54 -6.18
C ARG C 114 -2.34 -19.89 -6.70
N HIS C 115 -1.09 -19.89 -7.21
CA HIS C 115 -0.47 -21.13 -7.71
C HIS C 115 -0.48 -22.21 -6.63
N HIS C 116 -0.02 -21.86 -5.42
CA HIS C 116 -0.02 -22.78 -4.30
C HIS C 116 -1.44 -23.33 -4.02
N ASN C 117 -2.46 -22.46 -4.14
CA ASN C 117 -3.86 -22.87 -3.87
C ASN C 117 -4.40 -23.78 -5.00
N MET C 118 -3.70 -23.80 -6.15
CA MET C 118 -4.06 -24.68 -7.26
C MET C 118 -3.10 -25.90 -7.34
N HIS C 119 -2.10 -25.93 -6.44
CA HIS C 119 -1.02 -26.93 -6.53
C HIS C 119 -1.54 -28.33 -6.22
N ALA C 1 5.46 8.18 37.86
CA ALA C 1 6.77 8.58 37.34
C ALA C 1 7.21 7.66 36.18
N SER C 2 6.56 6.49 36.07
CA SER C 2 6.83 5.54 34.97
C SER C 2 6.23 6.06 33.64
N GLU C 3 5.42 7.12 33.72
CA GLU C 3 4.74 7.70 32.57
C GLU C 3 4.73 9.23 32.65
N LYS C 4 4.15 9.89 31.63
CA LYS C 4 4.03 11.38 31.56
C LYS C 4 5.39 12.04 31.26
N ARG C 5 6.44 11.65 32.02
CA ARG C 5 7.79 12.19 31.81
C ARG C 5 8.43 11.66 30.49
N PRO C 6 8.34 10.32 30.20
CA PRO C 6 8.84 9.76 28.95
C PRO C 6 8.01 10.21 27.75
N PHE C 7 8.49 9.89 26.53
CA PHE C 7 7.72 10.11 25.32
C PHE C 7 6.65 9.01 25.17
N MET C 8 5.43 9.26 25.63
CA MET C 8 4.40 8.21 25.61
C MET C 8 3.41 8.45 24.50
N CYS C 9 2.94 7.34 23.90
CA CYS C 9 1.85 7.40 22.93
C CYS C 9 0.50 7.49 23.66
N ALA C 10 -0.42 8.29 23.10
CA ALA C 10 -1.75 8.47 23.67
C ALA C 10 -2.83 8.48 22.58
N TYR C 11 -2.46 8.09 21.34
CA TYR C 11 -3.41 8.04 20.23
C TYR C 11 -4.51 6.98 20.51
N PRO C 12 -5.80 7.42 20.56
CA PRO C 12 -6.93 6.51 20.88
C PRO C 12 -6.89 5.21 20.05
N GLY C 13 -6.54 4.09 20.73
CA GLY C 13 -6.28 2.83 20.01
C GLY C 13 -4.91 2.24 20.41
N CYS C 14 -3.93 3.14 20.57
CA CYS C 14 -2.60 2.79 21.05
C CYS C 14 -2.35 3.40 22.46
N ASN C 15 -1.21 3.03 23.05
CA ASN C 15 -0.79 3.55 24.37
C ASN C 15 0.55 2.92 24.75
N LYS C 16 1.60 3.75 24.90
CA LYS C 16 2.98 3.25 25.07
C LYS C 16 3.83 4.24 25.81
N ARG C 17 5.07 3.85 26.14
CA ARG C 17 6.07 4.77 26.68
C ARG C 17 7.43 4.54 26.02
N TYR C 18 8.07 5.63 25.62
CA TYR C 18 9.31 5.57 24.85
C TYR C 18 10.36 6.49 25.47
N PHE C 19 11.63 6.28 25.08
CA PHE C 19 12.74 7.08 25.58
C PHE C 19 13.46 7.82 24.44
N LYS C 20 13.72 7.10 23.33
CA LYS C 20 14.38 7.70 22.17
C LYS C 20 13.40 8.57 21.38
N LEU C 21 13.65 9.87 21.38
CA LEU C 21 12.83 10.83 20.62
C LEU C 21 12.53 10.29 19.19
N SER C 22 13.59 9.85 18.50
CA SER C 22 13.48 9.32 17.12
C SER C 22 12.72 7.98 17.05
N HIS C 23 12.90 7.14 18.07
CA HIS C 23 12.22 5.83 18.08
C HIS C 23 10.72 6.01 18.33
N LEU C 24 10.38 7.01 19.15
CA LEU C 24 9.00 7.41 19.34
C LEU C 24 8.48 8.20 18.09
N GLN C 25 9.33 9.04 17.50
CA GLN C 25 8.96 9.76 16.27
C GLN C 25 8.61 8.77 15.15
N MET C 26 9.39 7.68 15.06
CA MET C 26 9.11 6.61 14.12
C MET C 26 7.76 5.93 14.46
N HIS C 27 7.55 5.60 15.75
CA HIS C 27 6.29 4.98 16.19
C HIS C 27 5.09 5.87 15.84
N SER C 28 5.26 7.19 16.05
CA SER C 28 4.20 8.16 15.81
C SER C 28 3.73 8.12 14.36
N ARG C 29 4.63 7.72 13.45
CA ARG C 29 4.34 7.70 12.02
C ARG C 29 3.08 6.85 11.74
N LYS C 30 2.93 5.73 12.47
CA LYS C 30 1.72 4.87 12.33
C LYS C 30 0.43 5.68 12.61
N HIS C 31 0.53 6.64 13.54
CA HIS C 31 -0.60 7.50 13.92
C HIS C 31 -0.69 8.78 13.05
N THR C 32 0.28 8.98 12.13
CA THR C 32 0.20 10.18 11.26
C THR C 32 -0.85 9.98 10.17
N GLY C 33 -0.96 8.72 9.67
CA GLY C 33 -2.01 8.37 8.72
C GLY C 33 -3.31 7.95 9.43
N GLU C 34 -3.75 8.79 10.40
CA GLU C 34 -4.97 8.52 11.17
C GLU C 34 -6.13 9.47 10.73
N LYS C 35 -5.77 10.58 10.06
CA LYS C 35 -6.72 11.66 9.74
C LYS C 35 -7.94 11.11 8.96
N PRO C 36 -9.15 11.15 9.58
CA PRO C 36 -10.40 10.72 8.92
C PRO C 36 -10.67 11.48 7.61
N TYR C 37 -10.54 10.78 6.49
CA TYR C 37 -10.84 11.31 5.15
C TYR C 37 -11.95 10.51 4.48
N GLN C 38 -13.17 11.04 4.45
CA GLN C 38 -14.30 10.36 3.81
C GLN C 38 -14.50 10.87 2.39
N CYS C 39 -15.14 10.04 1.57
CA CYS C 39 -15.56 10.46 0.22
C CYS C 39 -16.75 11.43 0.32
N ASP C 40 -16.91 12.24 -0.72
CA ASP C 40 -18.04 13.16 -0.85
C ASP C 40 -18.53 13.20 -2.30
N PHE C 41 -18.77 12.03 -2.88
CA PHE C 41 -19.13 11.90 -4.30
C PHE C 41 -20.64 11.72 -4.49
N LYS C 42 -21.39 11.62 -3.35
CA LYS C 42 -22.83 11.26 -3.36
C LYS C 42 -23.01 9.77 -3.73
N ASP C 43 -22.43 9.36 -4.86
CA ASP C 43 -22.36 7.95 -5.25
C ASP C 43 -21.33 7.19 -4.38
N CYS C 44 -20.46 7.94 -3.67
CA CYS C 44 -19.55 7.36 -2.70
C CYS C 44 -19.46 8.23 -1.44
N GLU C 45 -19.47 7.57 -0.28
CA GLU C 45 -19.18 8.21 1.00
C GLU C 45 -18.41 7.22 1.90
N ARG C 46 -17.37 6.58 1.32
CA ARG C 46 -16.49 5.68 2.07
C ARG C 46 -15.61 6.47 3.03
N ARG C 47 -14.79 5.76 3.83
CA ARG C 47 -13.86 6.41 4.75
C ARG C 47 -12.45 5.84 4.60
N PHE C 48 -11.46 6.71 4.82
CA PHE C 48 -10.05 6.34 4.77
C PHE C 48 -9.29 7.05 5.90
N SER C 49 -8.07 6.59 6.19
CA SER C 49 -7.28 7.14 7.30
C SER C 49 -6.13 8.05 6.80
N ARG C 50 -5.87 8.00 5.49
CA ARG C 50 -4.76 8.76 4.89
C ARG C 50 -5.22 9.49 3.63
N SER C 51 -4.69 10.70 3.41
CA SER C 51 -5.03 11.48 2.22
C SER C 51 -4.67 10.69 0.95
N ASP C 52 -3.54 9.96 0.98
CA ASP C 52 -3.13 9.12 -0.15
C ASP C 52 -4.18 8.05 -0.47
N GLN C 53 -4.73 7.42 0.58
CA GLN C 53 -5.76 6.39 0.42
C GLN C 53 -7.00 6.98 -0.25
N LEU C 54 -7.51 8.11 0.30
CA LEU C 54 -8.68 8.79 -0.25
C LEU C 54 -8.38 9.31 -1.70
N LYS C 55 -7.22 9.95 -1.88
CA LYS C 55 -6.85 10.55 -3.17
C LYS C 55 -6.69 9.48 -4.26
N ARG C 56 -6.09 8.35 -3.90
CA ARG C 56 -6.02 7.19 -4.81
C ARG C 56 -7.43 6.67 -5.09
N HIS C 57 -8.23 6.51 -4.03
CA HIS C 57 -9.58 5.98 -4.12
C HIS C 57 -10.46 6.89 -5.02
N GLN C 58 -10.25 8.20 -4.95
CA GLN C 58 -11.00 9.18 -5.75
C GLN C 58 -10.94 8.81 -7.25
N ARG C 59 -9.77 8.32 -7.70
CA ARG C 59 -9.57 7.95 -9.12
C ARG C 59 -10.63 6.93 -9.60
N ARG C 60 -11.07 6.05 -8.69
CA ARG C 60 -12.11 5.04 -9.01
C ARG C 60 -13.40 5.71 -9.56
N HIS C 61 -13.72 6.90 -9.05
CA HIS C 61 -14.92 7.65 -9.49
C HIS C 61 -14.62 8.51 -10.71
N THR C 62 -13.49 9.21 -10.67
CA THR C 62 -13.14 10.20 -11.73
C THR C 62 -12.62 9.48 -13.00
N GLY C 63 -12.29 8.18 -12.87
CA GLY C 63 -11.91 7.37 -14.02
C GLY C 63 -10.51 7.70 -14.57
N VAL C 64 -9.82 8.63 -13.90
CA VAL C 64 -8.52 9.10 -14.37
C VAL C 64 -7.44 8.00 -14.23
N LYS C 65 -6.79 7.68 -15.35
CA LYS C 65 -5.72 6.65 -15.39
C LYS C 65 -4.42 7.26 -15.97
N PRO C 66 -3.68 8.02 -15.15
CA PRO C 66 -2.50 8.77 -15.62
C PRO C 66 -1.25 7.89 -15.78
N PHE C 67 -1.23 6.72 -15.11
CA PHE C 67 -0.08 5.81 -15.18
C PHE C 67 -0.10 5.01 -16.50
N GLN C 68 0.35 5.64 -17.59
CA GLN C 68 0.33 5.00 -18.91
C GLN C 68 1.65 4.26 -19.17
N CYS C 69 1.55 2.99 -19.61
CA CYS C 69 2.72 2.17 -19.89
C CYS C 69 3.53 2.75 -21.07
N LYS C 70 4.83 2.98 -20.83
CA LYS C 70 5.75 3.48 -21.86
C LYS C 70 5.93 2.46 -23.03
N THR C 71 5.28 1.29 -22.92
CA THR C 71 5.42 0.22 -23.93
C THR C 71 4.15 0.07 -24.78
N CYS C 72 3.02 -0.26 -24.11
CA CYS C 72 1.76 -0.58 -24.81
C CYS C 72 0.67 0.48 -24.52
N GLN C 73 1.04 1.54 -23.78
CA GLN C 73 0.11 2.62 -23.40
C GLN C 73 -1.05 2.09 -22.51
N ARG C 74 -0.88 0.90 -21.92
CA ARG C 74 -1.83 0.39 -20.92
C ARG C 74 -1.96 1.37 -19.76
N LYS C 75 -3.10 2.06 -19.69
CA LYS C 75 -3.29 3.12 -18.72
C LYS C 75 -3.85 2.57 -17.40
N PHE C 76 -3.26 3.00 -16.29
CA PHE C 76 -3.65 2.57 -14.96
C PHE C 76 -3.89 3.79 -14.04
N SER C 77 -4.58 3.57 -12.93
CA SER C 77 -4.78 4.62 -11.91
C SER C 77 -3.88 4.37 -10.69
N ARG C 78 -3.02 3.35 -10.76
CA ARG C 78 -2.16 2.97 -9.63
C ARG C 78 -0.74 2.67 -10.11
N SER C 79 0.24 3.15 -9.35
CA SER C 79 1.65 2.93 -9.65
C SER C 79 2.04 1.47 -9.41
N ASP C 80 1.45 0.86 -8.36
CA ASP C 80 1.72 -0.55 -8.04
C ASP C 80 1.16 -1.50 -9.14
N HIS C 81 -0.02 -1.14 -9.69
CA HIS C 81 -0.58 -1.86 -10.86
C HIS C 81 0.32 -1.68 -12.09
N LEU C 82 0.78 -0.44 -12.34
CA LEU C 82 1.65 -0.16 -13.48
C LEU C 82 3.01 -0.87 -13.34
N LYS C 83 3.61 -0.79 -12.15
CA LYS C 83 4.89 -1.47 -11.86
C LYS C 83 4.73 -2.99 -11.95
N THR C 84 3.55 -3.48 -11.57
CA THR C 84 3.23 -4.91 -11.68
C THR C 84 3.08 -5.31 -13.15
N HIS C 85 2.28 -4.53 -13.90
CA HIS C 85 2.07 -4.76 -15.33
C HIS C 85 3.39 -4.61 -16.10
N THR C 86 4.24 -3.71 -15.63
CA THR C 86 5.56 -3.47 -16.22
C THR C 86 6.35 -4.78 -16.34
N ARG C 87 6.26 -5.64 -15.31
CA ARG C 87 7.01 -6.92 -15.29
C ARG C 87 6.60 -7.84 -16.46
N THR C 88 5.38 -7.62 -16.98
CA THR C 88 4.92 -8.30 -18.22
C THR C 88 5.93 -8.10 -19.36
N HIS C 89 6.54 -6.90 -19.40
CA HIS C 89 7.56 -6.58 -20.40
C HIS C 89 9.00 -6.83 -19.86
N THR C 90 9.19 -6.61 -18.54
CA THR C 90 10.56 -6.60 -17.97
C THR C 90 10.99 -7.99 -17.47
N GLY C 91 10.06 -8.97 -17.49
CA GLY C 91 10.42 -10.36 -17.17
C GLY C 91 10.79 -10.57 -15.68
N GLU C 92 10.70 -9.49 -14.87
CA GLU C 92 11.06 -9.55 -13.46
C GLU C 92 10.01 -10.37 -12.66
N LYS C 93 10.31 -11.68 -12.51
CA LYS C 93 9.41 -12.59 -11.78
C LYS C 93 10.14 -13.21 -10.57
N PRO C 94 10.18 -12.47 -9.43
CA PRO C 94 10.99 -12.87 -8.28
C PRO C 94 10.29 -13.91 -7.39
N PHE C 95 8.97 -14.05 -7.54
CA PHE C 95 8.19 -14.96 -6.67
C PHE C 95 8.28 -16.41 -7.17
N SER C 96 9.39 -17.08 -6.84
CA SER C 96 9.59 -18.50 -7.19
C SER C 96 8.84 -19.38 -6.22
N CYS C 97 8.33 -20.51 -6.73
CA CYS C 97 7.79 -21.56 -5.89
C CYS C 97 8.91 -22.27 -5.11
N ARG C 98 8.53 -22.96 -4.03
CA ARG C 98 9.47 -23.62 -3.13
C ARG C 98 9.12 -25.12 -2.97
N TRP C 99 8.13 -25.59 -3.73
CA TRP C 99 7.67 -26.97 -3.63
C TRP C 99 8.78 -27.95 -4.06
N PRO C 100 8.79 -29.18 -3.47
CA PRO C 100 9.87 -30.16 -3.67
C PRO C 100 9.84 -30.81 -5.08
N SER C 101 9.22 -30.13 -6.05
CA SER C 101 9.19 -30.60 -7.44
C SER C 101 8.81 -29.46 -8.39
N CYS C 102 9.13 -28.20 -7.99
CA CYS C 102 8.78 -27.02 -8.77
C CYS C 102 9.94 -26.01 -8.79
N GLN C 103 9.99 -25.21 -9.86
CA GLN C 103 10.90 -24.06 -9.95
C GLN C 103 10.24 -22.93 -10.77
N LYS C 104 8.91 -22.82 -10.68
CA LYS C 104 8.15 -21.82 -11.44
C LYS C 104 8.22 -20.47 -10.76
N LYS C 105 8.29 -19.40 -11.55
CA LYS C 105 8.43 -18.04 -11.03
C LYS C 105 7.25 -17.17 -11.44
N PHE C 106 6.82 -16.30 -10.53
CA PHE C 106 5.73 -15.35 -10.79
C PHE C 106 6.17 -13.92 -10.51
N ALA C 107 5.43 -12.95 -11.06
CA ALA C 107 5.77 -11.55 -10.90
C ALA C 107 4.90 -10.89 -9.81
N ARG C 108 4.00 -11.69 -9.21
CA ARG C 108 3.16 -11.20 -8.11
C ARG C 108 3.15 -12.21 -6.96
N SER C 109 3.22 -11.69 -5.74
CA SER C 109 3.17 -12.51 -4.53
C SER C 109 1.89 -13.35 -4.51
N ASP C 110 0.76 -12.73 -4.84
CA ASP C 110 -0.54 -13.42 -4.85
C ASP C 110 -0.61 -14.48 -5.98
N GLU C 111 0.05 -14.23 -7.12
CA GLU C 111 0.15 -15.23 -8.20
C GLU C 111 0.86 -16.48 -7.70
N LEU C 112 1.94 -16.29 -6.92
CA LEU C 112 2.62 -17.41 -6.27
C LEU C 112 1.70 -18.11 -5.23
N VAL C 113 1.00 -17.30 -4.41
CA VAL C 113 0.03 -17.85 -3.42
C VAL C 113 -1.04 -18.69 -4.12
N ARG C 114 -1.52 -18.20 -5.27
CA ARG C 114 -2.48 -18.93 -6.08
C ARG C 114 -1.86 -20.22 -6.63
N HIS C 115 -0.63 -20.11 -7.17
CA HIS C 115 0.08 -21.29 -7.70
C HIS C 115 0.19 -22.38 -6.65
N HIS C 116 0.64 -22.02 -5.44
CA HIS C 116 0.71 -22.96 -4.33
C HIS C 116 -0.66 -23.60 -4.04
N ASN C 117 -1.73 -22.79 -4.14
CA ASN C 117 -3.10 -23.27 -3.86
C ASN C 117 -3.58 -24.25 -4.96
N MET C 118 -2.88 -24.25 -6.11
CA MET C 118 -3.21 -25.14 -7.22
C MET C 118 -2.12 -26.23 -7.38
N HIS C 119 -1.13 -26.25 -6.47
CA HIS C 119 0.03 -27.13 -6.61
C HIS C 119 -0.36 -28.58 -6.31
N ALA C 1 22.83 9.56 13.30
CA ALA C 1 23.07 9.71 14.73
C ALA C 1 21.83 10.28 15.45
N SER C 2 20.83 10.73 14.67
CA SER C 2 19.60 11.32 15.23
C SER C 2 18.86 10.31 16.13
N GLU C 3 19.06 9.01 15.89
CA GLU C 3 18.43 7.96 16.69
C GLU C 3 19.00 7.91 18.13
N LYS C 4 20.06 8.70 18.39
CA LYS C 4 20.66 8.80 19.73
C LYS C 4 20.31 10.14 20.41
N ARG C 5 19.33 10.87 19.84
CA ARG C 5 18.90 12.18 20.37
C ARG C 5 17.49 12.08 20.97
N PRO C 6 17.14 13.01 21.89
CA PRO C 6 15.81 13.05 22.52
C PRO C 6 14.76 13.68 21.59
N PHE C 7 13.49 13.32 21.82
CA PHE C 7 12.36 13.88 21.05
C PHE C 7 11.13 14.01 21.94
N MET C 8 10.21 14.92 21.59
CA MET C 8 8.88 14.96 22.25
C MET C 8 7.78 15.14 21.23
N CYS C 9 6.65 14.48 21.48
CA CYS C 9 5.44 14.69 20.71
C CYS C 9 4.93 16.14 20.87
N ALA C 10 4.13 16.59 19.91
CA ALA C 10 3.55 17.94 19.94
C ALA C 10 2.06 17.90 19.53
N TYR C 11 1.44 16.71 19.62
CA TYR C 11 0.00 16.59 19.43
C TYR C 11 -0.73 16.87 20.77
N PRO C 12 -1.66 17.86 20.79
CA PRO C 12 -2.41 18.21 21.99
C PRO C 12 -3.32 17.07 22.45
N GLY C 13 -2.83 16.26 23.40
CA GLY C 13 -3.49 15.01 23.77
C GLY C 13 -2.46 13.97 24.24
N CYS C 14 -1.19 14.15 23.82
CA CYS C 14 -0.08 13.28 24.23
C CYS C 14 1.12 14.15 24.71
N ASN C 15 1.90 14.68 23.75
CA ASN C 15 3.02 15.59 24.04
C ASN C 15 4.05 14.93 25.01
N LYS C 16 4.33 13.63 24.80
CA LYS C 16 5.26 12.89 25.67
C LYS C 16 6.64 12.78 25.03
N ARG C 17 7.63 12.35 25.82
CA ARG C 17 9.03 12.37 25.40
C ARG C 17 9.49 10.99 24.92
N TYR C 18 10.04 10.97 23.70
CA TYR C 18 10.62 9.79 23.10
C TYR C 18 12.16 9.84 23.17
N PHE C 19 12.79 8.70 22.89
CA PHE C 19 14.26 8.58 22.83
C PHE C 19 14.70 7.91 21.51
N LYS C 20 14.12 8.39 20.40
CA LYS C 20 14.50 7.92 19.05
C LYS C 20 13.68 8.65 17.99
N LEU C 21 14.30 8.97 16.85
CA LEU C 21 13.59 9.61 15.75
C LEU C 21 12.54 8.66 15.15
N SER C 22 12.99 7.48 14.74
CA SER C 22 12.12 6.50 14.09
C SER C 22 11.08 5.93 15.03
N HIS C 23 11.45 5.75 16.31
CA HIS C 23 10.52 5.19 17.27
C HIS C 23 9.44 6.24 17.64
N LEU C 24 9.83 7.52 17.62
CA LEU C 24 8.87 8.60 17.73
C LEU C 24 8.08 8.76 16.39
N GLN C 25 8.73 8.47 15.25
CA GLN C 25 8.03 8.46 13.96
C GLN C 25 6.89 7.41 13.96
N MET C 26 7.16 6.23 14.55
CA MET C 26 6.12 5.22 14.76
C MET C 26 4.98 5.78 15.63
N HIS C 27 5.35 6.40 16.77
CA HIS C 27 4.36 7.04 17.67
C HIS C 27 3.58 8.15 16.92
N SER C 28 4.25 8.83 15.99
CA SER C 28 3.63 9.93 15.25
C SER C 28 2.42 9.43 14.46
N ARG C 29 2.51 8.18 13.94
CA ARG C 29 1.42 7.58 13.16
C ARG C 29 0.12 7.56 13.97
N LYS C 30 0.22 7.30 15.28
CA LYS C 30 -0.96 7.24 16.17
C LYS C 30 -1.73 8.57 16.13
N HIS C 31 -1.01 9.68 15.93
CA HIS C 31 -1.62 11.00 15.92
C HIS C 31 -2.10 11.40 14.52
N THR C 32 -1.54 10.77 13.47
CA THR C 32 -2.08 10.97 12.10
C THR C 32 -3.52 10.44 12.02
N GLY C 33 -3.79 9.36 12.77
CA GLY C 33 -5.14 8.77 12.80
C GLY C 33 -6.14 9.62 13.59
N GLU C 34 -5.64 10.67 14.29
CA GLU C 34 -6.51 11.60 15.01
C GLU C 34 -7.30 12.50 14.02
N LYS C 35 -6.84 12.53 12.75
CA LYS C 35 -7.50 13.33 11.71
C LYS C 35 -7.63 12.52 10.38
N PRO C 36 -8.59 11.58 10.31
CA PRO C 36 -8.83 10.77 9.12
C PRO C 36 -9.75 11.49 8.08
N TYR C 37 -10.03 10.80 6.96
CA TYR C 37 -10.88 11.35 5.88
C TYR C 37 -11.98 10.36 5.47
N GLN C 38 -12.95 10.85 4.67
CA GLN C 38 -13.98 10.00 4.05
C GLN C 38 -14.11 10.33 2.57
N CYS C 39 -14.64 9.38 1.80
CA CYS C 39 -14.90 9.61 0.38
C CYS C 39 -15.93 10.73 0.20
N ASP C 40 -15.61 11.69 -0.69
CA ASP C 40 -16.49 12.84 -0.95
C ASP C 40 -17.45 12.57 -2.13
N PHE C 41 -17.43 11.33 -2.64
CA PHE C 41 -18.31 10.94 -3.76
C PHE C 41 -19.79 10.96 -3.33
N LYS C 42 -20.68 11.14 -4.31
CA LYS C 42 -22.13 11.29 -4.05
C LYS C 42 -22.72 10.01 -3.41
N ASP C 43 -22.20 8.84 -3.81
CA ASP C 43 -22.77 7.55 -3.39
C ASP C 43 -21.67 6.64 -2.80
N CYS C 44 -20.92 7.16 -1.81
CA CYS C 44 -19.89 6.38 -1.12
C CYS C 44 -19.95 6.65 0.40
N GLU C 45 -19.16 5.89 1.16
CA GLU C 45 -19.10 6.01 2.62
C GLU C 45 -17.76 5.44 3.16
N ARG C 46 -16.74 5.36 2.29
CA ARG C 46 -15.44 4.81 2.66
C ARG C 46 -14.63 5.84 3.45
N ARG C 47 -13.61 5.37 4.14
CA ARG C 47 -12.77 6.23 4.97
C ARG C 47 -11.31 5.83 4.87
N PHE C 48 -10.41 6.82 4.98
CA PHE C 48 -8.98 6.60 4.83
C PHE C 48 -8.21 7.39 5.87
N SER C 49 -7.17 6.78 6.44
CA SER C 49 -6.37 7.42 7.48
C SER C 49 -5.32 8.37 6.87
N ARG C 50 -5.24 8.40 5.54
CA ARG C 50 -4.32 9.30 4.84
C ARG C 50 -5.04 9.99 3.67
N SER C 51 -4.80 11.29 3.53
CA SER C 51 -5.39 12.07 2.45
C SER C 51 -5.04 11.47 1.08
N ASP C 52 -3.77 11.03 0.93
CA ASP C 52 -3.32 10.41 -0.33
C ASP C 52 -4.12 9.15 -0.66
N GLN C 53 -4.50 8.38 0.38
CA GLN C 53 -5.27 7.15 0.18
C GLN C 53 -6.71 7.47 -0.20
N LEU C 54 -7.25 8.57 0.34
CA LEU C 54 -8.54 9.10 -0.11
C LEU C 54 -8.44 9.57 -1.58
N LYS C 55 -7.41 10.37 -1.90
CA LYS C 55 -7.17 10.82 -3.30
C LYS C 55 -7.03 9.62 -4.25
N ARG C 56 -6.27 8.61 -3.82
CA ARG C 56 -6.13 7.34 -4.56
C ARG C 56 -7.49 6.68 -4.75
N HIS C 57 -8.27 6.59 -3.68
CA HIS C 57 -9.60 5.98 -3.72
C HIS C 57 -10.52 6.74 -4.69
N GLN C 58 -10.46 8.08 -4.63
CA GLN C 58 -11.24 8.94 -5.52
C GLN C 58 -11.02 8.58 -7.01
N ARG C 59 -9.80 8.10 -7.36
CA ARG C 59 -9.48 7.75 -8.76
C ARG C 59 -10.50 6.72 -9.31
N ARG C 60 -11.01 5.84 -8.43
CA ARG C 60 -12.06 4.87 -8.79
C ARG C 60 -13.34 5.59 -9.25
N HIS C 61 -13.72 6.67 -8.54
CA HIS C 61 -14.98 7.37 -8.79
C HIS C 61 -14.82 8.44 -9.90
N THR C 62 -13.58 8.68 -10.33
CA THR C 62 -13.27 9.79 -11.24
C THR C 62 -12.61 9.29 -12.54
N GLY C 63 -12.36 7.97 -12.63
CA GLY C 63 -11.80 7.37 -13.85
C GLY C 63 -10.34 7.85 -14.15
N VAL C 64 -9.77 8.63 -13.23
CA VAL C 64 -8.45 9.25 -13.44
C VAL C 64 -7.34 8.19 -13.43
N LYS C 65 -6.63 8.06 -14.56
CA LYS C 65 -5.50 7.12 -14.69
C LYS C 65 -4.23 7.90 -15.10
N PRO C 66 -3.48 8.43 -14.11
CA PRO C 66 -2.34 9.30 -14.38
C PRO C 66 -1.05 8.53 -14.66
N PHE C 67 -1.04 7.21 -14.39
CA PHE C 67 0.12 6.37 -14.69
C PHE C 67 -0.06 5.71 -16.06
N GLN C 68 0.93 5.86 -16.95
CA GLN C 68 0.85 5.28 -18.31
C GLN C 68 2.06 4.37 -18.58
N CYS C 69 1.81 3.25 -19.28
CA CYS C 69 2.88 2.34 -19.71
C CYS C 69 3.80 3.06 -20.72
N LYS C 70 5.09 2.69 -20.70
CA LYS C 70 6.07 3.25 -21.64
C LYS C 70 6.07 2.45 -22.96
N THR C 71 5.27 1.37 -23.01
CA THR C 71 5.33 0.39 -24.10
C THR C 71 3.99 0.34 -24.85
N CYS C 72 2.98 -0.33 -24.26
CA CYS C 72 1.66 -0.47 -24.88
C CYS C 72 0.77 0.76 -24.59
N GLN C 73 1.30 1.71 -23.80
CA GLN C 73 0.56 2.92 -23.42
C GLN C 73 -0.75 2.57 -22.69
N ARG C 74 -0.74 1.46 -21.93
CA ARG C 74 -1.85 1.14 -21.03
C ARG C 74 -1.86 2.08 -19.84
N LYS C 75 -3.03 2.66 -19.55
CA LYS C 75 -3.15 3.62 -18.46
C LYS C 75 -3.71 2.95 -17.20
N PHE C 76 -3.17 3.33 -16.05
CA PHE C 76 -3.58 2.81 -14.75
C PHE C 76 -3.71 3.95 -13.72
N SER C 77 -4.50 3.69 -12.66
CA SER C 77 -4.73 4.70 -11.61
C SER C 77 -3.80 4.47 -10.40
N ARG C 78 -3.00 3.40 -10.45
CA ARG C 78 -2.13 3.03 -9.33
C ARG C 78 -0.71 2.71 -9.82
N SER C 79 0.28 3.32 -9.16
CA SER C 79 1.70 3.14 -9.51
C SER C 79 2.13 1.68 -9.31
N ASP C 80 1.58 1.01 -8.28
CA ASP C 80 1.94 -0.37 -7.98
C ASP C 80 1.47 -1.33 -9.12
N HIS C 81 0.23 -1.16 -9.59
CA HIS C 81 -0.26 -1.94 -10.73
C HIS C 81 0.52 -1.62 -12.00
N LEU C 82 0.86 -0.33 -12.19
CA LEU C 82 1.66 0.06 -13.35
C LEU C 82 3.05 -0.61 -13.31
N LYS C 83 3.70 -0.56 -12.14
CA LYS C 83 5.00 -1.24 -11.93
C LYS C 83 4.84 -2.77 -12.09
N THR C 84 3.68 -3.29 -11.68
CA THR C 84 3.39 -4.73 -11.82
C THR C 84 3.21 -5.11 -13.29
N HIS C 85 2.37 -4.35 -14.00
CA HIS C 85 2.18 -4.52 -15.44
C HIS C 85 3.49 -4.32 -16.19
N THR C 86 4.30 -3.36 -15.71
CA THR C 86 5.62 -3.07 -16.30
C THR C 86 6.48 -4.34 -16.37
N ARG C 87 6.41 -5.19 -15.32
CA ARG C 87 7.23 -6.40 -15.28
C ARG C 87 6.89 -7.33 -16.47
N THR C 88 5.63 -7.25 -16.96
CA THR C 88 5.23 -7.98 -18.19
C THR C 88 6.15 -7.64 -19.37
N HIS C 89 6.49 -6.35 -19.52
CA HIS C 89 7.37 -5.90 -20.61
C HIS C 89 8.85 -6.05 -20.22
N THR C 90 9.11 -6.18 -18.92
CA THR C 90 10.48 -6.30 -18.39
C THR C 90 10.90 -7.79 -18.28
N GLY C 91 9.97 -8.70 -18.61
CA GLY C 91 10.24 -10.14 -18.51
C GLY C 91 10.60 -10.59 -17.08
N GLU C 92 10.17 -9.80 -16.09
CA GLU C 92 10.55 -10.03 -14.69
C GLU C 92 9.48 -10.86 -13.97
N LYS C 93 9.92 -11.88 -13.23
CA LYS C 93 9.03 -12.71 -12.40
C LYS C 93 9.75 -13.14 -11.10
N PRO C 94 9.79 -12.24 -10.09
CA PRO C 94 10.60 -12.44 -8.89
C PRO C 94 9.99 -13.46 -7.91
N PHE C 95 8.66 -13.65 -7.98
CA PHE C 95 7.96 -14.54 -7.03
C PHE C 95 8.10 -16.01 -7.45
N SER C 96 9.26 -16.60 -7.14
CA SER C 96 9.53 -18.02 -7.44
C SER C 96 8.97 -18.93 -6.35
N CYS C 97 8.41 -20.08 -6.77
CA CYS C 97 7.90 -21.07 -5.82
C CYS C 97 9.05 -21.76 -5.09
N ARG C 98 8.71 -22.38 -3.97
CA ARG C 98 9.65 -23.19 -3.21
C ARG C 98 9.21 -24.63 -3.23
N TRP C 99 8.30 -24.99 -2.29
CA TRP C 99 7.67 -26.31 -2.26
C TRP C 99 8.76 -27.46 -2.24
N PRO C 100 8.33 -28.74 -2.14
CA PRO C 100 9.26 -29.87 -2.04
C PRO C 100 10.30 -29.88 -3.19
N SER C 101 9.88 -29.42 -4.38
CA SER C 101 10.78 -29.32 -5.54
C SER C 101 10.13 -28.50 -6.67
N CYS C 102 10.09 -27.17 -6.50
CA CYS C 102 9.55 -26.27 -7.52
C CYS C 102 10.43 -25.01 -7.68
N GLN C 103 10.28 -24.35 -8.82
CA GLN C 103 10.93 -23.05 -9.10
C GLN C 103 10.06 -22.20 -10.06
N LYS C 104 8.74 -22.50 -10.13
CA LYS C 104 7.82 -21.76 -11.01
C LYS C 104 7.76 -20.30 -10.58
N LYS C 105 7.96 -19.38 -11.53
CA LYS C 105 8.13 -17.97 -11.22
C LYS C 105 6.91 -17.15 -11.66
N PHE C 106 6.54 -16.18 -10.82
CA PHE C 106 5.40 -15.29 -11.10
C PHE C 106 5.81 -13.84 -10.91
N ALA C 107 5.03 -12.93 -11.49
CA ALA C 107 5.31 -11.49 -11.40
C ALA C 107 4.45 -10.82 -10.32
N ARG C 108 3.58 -11.61 -9.66
CA ARG C 108 2.75 -11.12 -8.57
C ARG C 108 2.79 -12.08 -7.37
N SER C 109 2.86 -11.51 -6.17
CA SER C 109 2.90 -12.30 -4.94
C SER C 109 1.65 -13.15 -4.80
N ASP C 110 0.49 -12.59 -5.13
CA ASP C 110 -0.78 -13.34 -5.08
C ASP C 110 -0.82 -14.47 -6.15
N GLU C 111 -0.19 -14.24 -7.31
CA GLU C 111 -0.07 -15.29 -8.34
C GLU C 111 0.71 -16.48 -7.77
N LEU C 112 1.80 -16.19 -7.05
CA LEU C 112 2.58 -17.23 -6.37
C LEU C 112 1.75 -17.91 -5.25
N VAL C 113 0.98 -17.10 -4.49
CA VAL C 113 0.07 -17.65 -3.47
C VAL C 113 -0.93 -18.62 -4.12
N ARG C 114 -1.52 -18.20 -5.24
CA ARG C 114 -2.46 -19.04 -5.98
C ARG C 114 -1.77 -20.32 -6.46
N HIS C 115 -0.57 -20.18 -7.05
CA HIS C 115 0.20 -21.35 -7.52
C HIS C 115 0.40 -22.35 -6.40
N HIS C 116 0.84 -21.86 -5.23
CA HIS C 116 1.00 -22.71 -4.05
C HIS C 116 -0.33 -23.44 -3.69
N ASN C 117 -1.46 -22.71 -3.81
CA ASN C 117 -2.79 -23.29 -3.48
C ASN C 117 -3.21 -24.33 -4.55
N MET C 118 -2.55 -24.30 -5.70
CA MET C 118 -2.83 -25.24 -6.79
C MET C 118 -1.71 -26.31 -6.90
N HIS C 119 -0.73 -26.23 -5.99
CA HIS C 119 0.46 -27.08 -6.09
C HIS C 119 0.14 -28.53 -5.74
N ALA C 1 -1.08 18.25 35.31
CA ALA C 1 -0.11 19.16 34.70
C ALA C 1 1.34 18.65 34.90
N SER C 2 1.48 17.52 35.60
CA SER C 2 2.80 16.93 35.88
C SER C 2 3.49 16.50 34.58
N GLU C 3 4.50 17.26 34.16
CA GLU C 3 5.25 16.98 32.92
C GLU C 3 6.15 15.72 33.08
N LYS C 4 6.32 15.27 34.33
CA LYS C 4 7.11 14.05 34.62
C LYS C 4 6.31 12.79 34.24
N ARG C 5 6.11 12.58 32.92
CA ARG C 5 5.32 11.47 32.41
C ARG C 5 5.89 10.95 31.07
N PRO C 6 5.61 9.68 30.71
CA PRO C 6 6.00 9.13 29.43
C PRO C 6 5.18 9.71 28.27
N PHE C 7 5.74 9.67 27.06
CA PHE C 7 5.03 10.12 25.85
C PHE C 7 4.08 9.03 25.35
N MET C 8 2.79 9.11 25.67
CA MET C 8 1.84 8.10 25.21
C MET C 8 1.11 8.57 23.97
N CYS C 9 0.94 7.66 23.02
CA CYS C 9 0.18 7.93 21.82
C CYS C 9 -1.28 8.32 22.18
N ALA C 10 -1.93 9.06 21.27
CA ALA C 10 -3.30 9.54 21.50
C ALA C 10 -4.30 8.92 20.49
N TYR C 11 -3.76 8.27 19.43
CA TYR C 11 -4.60 7.65 18.41
C TYR C 11 -5.36 6.42 18.99
N PRO C 12 -6.72 6.48 19.03
CA PRO C 12 -7.53 5.36 19.51
C PRO C 12 -7.39 4.14 18.62
N GLY C 13 -6.63 3.14 19.11
CA GLY C 13 -6.21 2.01 18.28
C GLY C 13 -4.78 1.58 18.64
N CYS C 14 -4.02 2.53 19.21
CA CYS C 14 -2.68 2.27 19.75
C CYS C 14 -2.60 2.77 21.22
N ASN C 15 -2.39 4.10 21.40
CA ASN C 15 -2.33 4.72 22.73
C ASN C 15 -1.24 4.04 23.64
N LYS C 16 -0.10 3.66 23.03
CA LYS C 16 1.01 3.04 23.77
C LYS C 16 1.97 4.09 24.29
N ARG C 17 2.80 3.70 25.27
CA ARG C 17 3.70 4.64 25.96
C ARG C 17 5.11 4.58 25.39
N TYR C 18 5.73 5.76 25.29
CA TYR C 18 7.08 5.91 24.75
C TYR C 18 7.95 6.69 25.74
N PHE C 19 9.27 6.62 25.55
CA PHE C 19 10.23 7.23 26.48
C PHE C 19 11.07 8.32 25.80
N LYS C 20 10.94 8.44 24.47
CA LYS C 20 11.65 9.49 23.71
C LYS C 20 10.65 10.30 22.89
N LEU C 21 10.82 11.61 22.91
CA LEU C 21 9.99 12.50 22.09
C LEU C 21 10.18 12.17 20.59
N SER C 22 11.45 12.04 20.17
CA SER C 22 11.81 11.75 18.77
C SER C 22 11.39 10.33 18.33
N HIS C 23 11.48 9.37 19.24
CA HIS C 23 11.13 7.98 18.90
C HIS C 23 9.60 7.82 18.87
N LEU C 24 8.92 8.53 19.77
CA LEU C 24 7.48 8.64 19.72
C LEU C 24 7.04 9.47 18.48
N GLN C 25 7.80 10.50 18.14
CA GLN C 25 7.56 11.29 16.94
C GLN C 25 7.58 10.40 15.70
N MET C 26 8.55 9.49 15.64
CA MET C 26 8.62 8.51 14.57
C MET C 26 7.38 7.61 14.58
N HIS C 27 6.98 7.14 15.77
CA HIS C 27 5.80 6.29 15.91
C HIS C 27 4.54 6.98 15.36
N SER C 28 4.44 8.30 15.54
CA SER C 28 3.28 9.08 15.09
C SER C 28 3.08 8.94 13.58
N ARG C 29 4.20 8.85 12.83
CA ARG C 29 4.15 8.69 11.37
C ARG C 29 3.33 7.44 10.99
N LYS C 30 3.47 6.36 11.77
CA LYS C 30 2.78 5.10 11.50
C LYS C 30 1.24 5.29 11.47
N HIS C 31 0.73 6.22 12.30
CA HIS C 31 -0.73 6.41 12.42
C HIS C 31 -1.29 7.21 11.23
N THR C 32 -0.42 7.97 10.54
CA THR C 32 -0.85 8.65 9.29
C THR C 32 -1.44 7.65 8.27
N GLY C 33 -1.02 6.36 8.36
CA GLY C 33 -1.57 5.30 7.51
C GLY C 33 -2.89 4.73 8.05
N GLU C 34 -3.35 5.28 9.19
CA GLU C 34 -4.56 4.81 9.86
C GLU C 34 -5.56 5.97 10.13
N LYS C 35 -5.14 7.22 9.78
CA LYS C 35 -5.99 8.42 9.95
C LYS C 35 -7.27 8.31 9.06
N PRO C 36 -8.47 8.15 9.69
CA PRO C 36 -9.69 7.83 8.96
C PRO C 36 -10.24 9.00 8.11
N TYR C 37 -10.50 8.72 6.83
CA TYR C 37 -11.23 9.66 5.93
C TYR C 37 -12.44 8.94 5.27
N GLN C 38 -13.25 9.71 4.52
CA GLN C 38 -14.31 9.13 3.66
C GLN C 38 -14.26 9.77 2.27
N CYS C 39 -14.68 9.01 1.25
CA CYS C 39 -14.65 9.46 -0.14
C CYS C 39 -15.19 10.90 -0.27
N ASP C 40 -14.39 11.78 -0.90
CA ASP C 40 -14.76 13.18 -1.11
C ASP C 40 -15.56 13.37 -2.43
N PHE C 41 -16.05 12.25 -3.00
CA PHE C 41 -16.94 12.30 -4.16
C PHE C 41 -18.34 12.82 -3.78
N LYS C 42 -18.58 12.94 -2.44
CA LYS C 42 -19.89 13.42 -1.89
C LYS C 42 -20.96 12.33 -2.01
N ASP C 43 -21.20 11.85 -3.24
CA ASP C 43 -22.17 10.77 -3.49
C ASP C 43 -21.49 9.39 -3.32
N CYS C 44 -20.72 9.23 -2.23
CA CYS C 44 -20.05 7.96 -1.92
C CYS C 44 -20.03 7.72 -0.38
N GLU C 45 -19.71 6.49 0.02
CA GLU C 45 -19.74 6.08 1.43
C GLU C 45 -18.56 5.13 1.77
N ARG C 46 -17.49 5.18 0.97
CA ARG C 46 -16.29 4.37 1.22
C ARG C 46 -15.30 5.13 2.09
N ARG C 47 -14.84 4.48 3.16
CA ARG C 47 -13.86 5.08 4.06
C ARG C 47 -12.43 4.64 3.68
N PHE C 48 -11.46 5.46 4.08
CA PHE C 48 -10.05 5.17 3.85
C PHE C 48 -9.24 5.46 5.10
N SER C 49 -8.01 4.96 5.15
CA SER C 49 -7.19 5.09 6.35
C SER C 49 -6.05 6.10 6.16
N ARG C 50 -6.03 6.78 4.99
CA ARG C 50 -5.02 7.80 4.71
C ARG C 50 -5.45 8.67 3.52
N SER C 51 -4.92 9.91 3.48
CA SER C 51 -5.20 10.83 2.38
C SER C 51 -4.84 10.21 1.03
N ASP C 52 -3.66 9.56 0.99
CA ASP C 52 -3.17 8.91 -0.23
C ASP C 52 -4.19 7.88 -0.76
N GLN C 53 -4.79 7.09 0.14
CA GLN C 53 -5.74 6.04 -0.25
C GLN C 53 -7.08 6.65 -0.68
N LEU C 54 -7.49 7.72 -0.01
CA LEU C 54 -8.69 8.46 -0.40
C LEU C 54 -8.48 9.11 -1.80
N LYS C 55 -7.34 9.79 -1.98
CA LYS C 55 -6.96 10.36 -3.29
C LYS C 55 -6.88 9.27 -4.36
N ARG C 56 -6.30 8.12 -4.02
CA ARG C 56 -6.27 6.95 -4.91
C ARG C 56 -7.70 6.52 -5.25
N HIS C 57 -8.57 6.46 -4.23
CA HIS C 57 -9.96 6.04 -4.42
C HIS C 57 -10.70 6.98 -5.38
N GLN C 58 -10.41 8.28 -5.32
CA GLN C 58 -10.99 9.26 -6.25
C GLN C 58 -10.77 8.82 -7.72
N ARG C 59 -9.59 8.25 -8.01
CA ARG C 59 -9.28 7.76 -9.37
C ARG C 59 -10.34 6.75 -9.86
N ARG C 60 -10.91 5.96 -8.93
CA ARG C 60 -12.00 5.00 -9.26
C ARG C 60 -13.27 5.74 -9.73
N HIS C 61 -13.54 6.92 -9.13
CA HIS C 61 -14.74 7.70 -9.48
C HIS C 61 -14.49 8.55 -10.73
N THR C 62 -13.32 9.19 -10.79
CA THR C 62 -12.95 10.05 -11.93
C THR C 62 -12.61 9.20 -13.17
N GLY C 63 -12.18 7.95 -12.95
CA GLY C 63 -11.79 7.07 -14.06
C GLY C 63 -10.37 7.36 -14.58
N VAL C 64 -9.69 8.33 -13.94
CA VAL C 64 -8.38 8.81 -14.43
C VAL C 64 -7.32 7.71 -14.28
N LYS C 65 -6.56 7.47 -15.36
CA LYS C 65 -5.47 6.48 -15.37
C LYS C 65 -4.18 7.13 -15.94
N PRO C 66 -3.45 7.89 -15.10
CA PRO C 66 -2.28 8.64 -15.54
C PRO C 66 -1.03 7.74 -15.71
N PHE C 67 -1.13 6.48 -15.26
CA PHE C 67 -0.01 5.53 -15.37
C PHE C 67 -0.18 4.64 -16.63
N GLN C 68 0.09 5.21 -17.81
CA GLN C 68 0.02 4.45 -19.07
C GLN C 68 1.37 3.84 -19.41
N CYS C 69 1.34 2.57 -19.85
CA CYS C 69 2.56 1.84 -20.18
C CYS C 69 3.29 2.48 -21.39
N LYS C 70 4.59 2.73 -21.23
CA LYS C 70 5.43 3.26 -22.32
C LYS C 70 5.54 2.26 -23.50
N THR C 71 5.04 1.02 -23.30
CA THR C 71 5.17 -0.05 -24.30
C THR C 71 3.86 -0.24 -25.07
N CYS C 72 2.78 -0.58 -24.35
CA CYS C 72 1.49 -0.91 -24.98
C CYS C 72 0.39 0.10 -24.59
N GLN C 73 0.76 1.12 -23.80
CA GLN C 73 -0.16 2.18 -23.35
C GLN C 73 -1.28 1.63 -22.45
N ARG C 74 -1.10 0.39 -21.94
CA ARG C 74 -1.98 -0.18 -20.91
C ARG C 74 -2.11 0.79 -19.74
N LYS C 75 -3.29 1.40 -19.60
CA LYS C 75 -3.48 2.50 -18.66
C LYS C 75 -3.87 1.99 -17.27
N PHE C 76 -3.23 2.56 -16.24
CA PHE C 76 -3.50 2.21 -14.86
C PHE C 76 -3.69 3.48 -14.01
N SER C 77 -4.31 3.32 -12.82
CA SER C 77 -4.49 4.44 -11.88
C SER C 77 -3.58 4.27 -10.64
N ARG C 78 -2.75 3.21 -10.64
CA ARG C 78 -1.92 2.87 -9.48
C ARG C 78 -0.50 2.47 -9.91
N SER C 79 0.49 3.22 -9.41
CA SER C 79 1.91 2.98 -9.77
C SER C 79 2.32 1.52 -9.49
N ASP C 80 1.77 0.92 -8.42
CA ASP C 80 2.09 -0.47 -8.05
C ASP C 80 1.62 -1.47 -9.15
N HIS C 81 0.37 -1.30 -9.61
CA HIS C 81 -0.17 -2.11 -10.73
C HIS C 81 0.63 -1.88 -12.02
N LEU C 82 1.07 -0.64 -12.26
CA LEU C 82 1.90 -0.32 -13.44
C LEU C 82 3.28 -0.99 -13.32
N LYS C 83 3.92 -0.88 -12.15
CA LYS C 83 5.19 -1.55 -11.87
C LYS C 83 5.04 -3.08 -11.99
N THR C 84 3.87 -3.57 -11.61
CA THR C 84 3.55 -5.00 -11.73
C THR C 84 3.38 -5.40 -13.21
N HIS C 85 2.57 -4.62 -13.95
CA HIS C 85 2.34 -4.85 -15.37
C HIS C 85 3.64 -4.67 -16.17
N THR C 86 4.51 -3.79 -15.67
CA THR C 86 5.81 -3.54 -16.27
C THR C 86 6.61 -4.85 -16.42
N ARG C 87 6.52 -5.73 -15.41
CA ARG C 87 7.26 -7.01 -15.41
C ARG C 87 6.81 -7.91 -16.60
N THR C 88 5.59 -7.67 -17.10
CA THR C 88 5.09 -8.39 -18.30
C THR C 88 6.06 -8.22 -19.47
N HIS C 89 6.60 -7.00 -19.63
CA HIS C 89 7.60 -6.72 -20.68
C HIS C 89 9.03 -6.85 -20.14
N THR C 90 9.18 -6.63 -18.81
CA THR C 90 10.53 -6.49 -18.22
C THR C 90 11.10 -7.83 -17.73
N GLY C 91 10.28 -8.91 -17.78
CA GLY C 91 10.80 -10.27 -17.52
C GLY C 91 11.10 -10.54 -16.02
N GLU C 92 11.21 -9.46 -15.22
CA GLU C 92 11.61 -9.58 -13.81
C GLU C 92 10.47 -10.20 -12.97
N LYS C 93 10.55 -11.53 -12.77
CA LYS C 93 9.56 -12.27 -11.97
C LYS C 93 10.25 -12.87 -10.71
N PRO C 94 10.21 -12.15 -9.57
CA PRO C 94 11.00 -12.50 -8.38
C PRO C 94 10.33 -13.58 -7.50
N PHE C 95 9.00 -13.74 -7.63
CA PHE C 95 8.25 -14.68 -6.77
C PHE C 95 8.34 -16.10 -7.33
N SER C 96 9.46 -16.78 -7.10
CA SER C 96 9.68 -18.13 -7.62
C SER C 96 9.16 -19.19 -6.65
N CYS C 97 8.61 -20.28 -7.21
CA CYS C 97 8.06 -21.38 -6.40
C CYS C 97 9.17 -22.16 -5.68
N ARG C 98 8.82 -22.76 -4.55
CA ARG C 98 9.77 -23.47 -3.70
C ARG C 98 9.35 -24.94 -3.52
N TRP C 99 8.38 -25.40 -4.31
CA TRP C 99 7.91 -26.78 -4.24
C TRP C 99 9.02 -27.77 -4.68
N PRO C 100 8.91 -29.06 -4.26
CA PRO C 100 9.98 -30.06 -4.44
C PRO C 100 10.50 -30.15 -5.89
N SER C 101 9.61 -29.94 -6.87
CA SER C 101 9.98 -30.00 -8.29
C SER C 101 9.09 -29.05 -9.11
N CYS C 102 9.51 -27.78 -9.20
CA CYS C 102 8.77 -26.77 -9.96
C CYS C 102 9.69 -25.58 -10.29
N GLN C 103 9.91 -24.72 -9.29
CA GLN C 103 10.77 -23.54 -9.43
C GLN C 103 10.28 -22.62 -10.58
N LYS C 104 8.95 -22.49 -10.72
CA LYS C 104 8.35 -21.48 -11.62
C LYS C 104 8.64 -20.08 -11.08
N LYS C 105 8.35 -19.05 -11.89
CA LYS C 105 8.52 -17.66 -11.45
C LYS C 105 7.24 -16.85 -11.71
N PHE C 106 6.90 -15.95 -10.75
CA PHE C 106 5.77 -15.03 -10.90
C PHE C 106 6.20 -13.60 -10.59
N ALA C 107 5.48 -12.64 -11.16
CA ALA C 107 5.79 -11.23 -10.96
C ALA C 107 4.99 -10.64 -9.79
N ARG C 108 4.09 -11.46 -9.20
CA ARG C 108 3.27 -11.02 -8.08
C ARG C 108 3.27 -12.08 -6.97
N SER C 109 3.34 -11.60 -5.73
CA SER C 109 3.30 -12.48 -4.56
C SER C 109 2.02 -13.31 -4.55
N ASP C 110 0.89 -12.68 -4.81
CA ASP C 110 -0.41 -13.36 -4.81
C ASP C 110 -0.50 -14.40 -5.98
N GLU C 111 0.13 -14.10 -7.12
CA GLU C 111 0.20 -15.08 -8.23
C GLU C 111 0.93 -16.34 -7.78
N LEU C 112 2.05 -16.16 -7.05
CA LEU C 112 2.75 -17.30 -6.44
C LEU C 112 1.86 -18.03 -5.40
N VAL C 113 1.18 -17.23 -4.54
CA VAL C 113 0.26 -17.81 -3.53
C VAL C 113 -0.84 -18.64 -4.20
N ARG C 114 -1.37 -18.12 -5.33
CA ARG C 114 -2.37 -18.85 -6.11
C ARG C 114 -1.76 -20.12 -6.72
N HIS C 115 -0.57 -19.98 -7.33
CA HIS C 115 0.13 -21.12 -7.93
C HIS C 115 0.30 -22.25 -6.93
N HIS C 116 0.81 -21.91 -5.72
CA HIS C 116 0.95 -22.89 -4.64
C HIS C 116 -0.42 -23.54 -4.30
N ASN C 117 -1.49 -22.73 -4.32
CA ASN C 117 -2.84 -23.22 -3.99
C ASN C 117 -3.36 -24.19 -5.09
N MET C 118 -2.74 -24.14 -6.27
CA MET C 118 -3.11 -25.02 -7.39
C MET C 118 -2.01 -26.07 -7.65
N HIS C 119 -1.00 -26.13 -6.77
CA HIS C 119 0.16 -26.99 -7.01
C HIS C 119 -0.20 -28.47 -6.79
N ALA C 1 3.08 -21.40 12.35
CA ALA C 1 2.49 -21.09 13.65
C ALA C 1 2.81 -19.65 14.08
N SER C 2 3.84 -19.05 13.44
CA SER C 2 4.27 -17.67 13.77
C SER C 2 3.17 -16.63 13.45
N GLU C 3 2.16 -17.05 12.67
CA GLU C 3 1.04 -16.18 12.31
C GLU C 3 -0.03 -16.13 13.43
N LYS C 4 0.05 -17.07 14.39
CA LYS C 4 -0.99 -17.23 15.43
C LYS C 4 -0.79 -16.20 16.58
N ARG C 5 -0.71 -14.92 16.21
CA ARG C 5 -0.58 -13.83 17.21
C ARG C 5 -1.17 -12.50 16.66
N PRO C 6 -2.51 -12.39 16.63
CA PRO C 6 -3.19 -11.18 16.17
C PRO C 6 -3.23 -10.09 17.25
N PHE C 7 -3.46 -8.84 16.83
CA PHE C 7 -3.58 -7.69 17.74
C PHE C 7 -4.81 -6.85 17.35
N MET C 8 -5.14 -5.83 18.16
CA MET C 8 -6.15 -4.82 17.78
C MET C 8 -5.67 -3.42 18.13
N CYS C 9 -6.17 -2.44 17.40
CA CYS C 9 -5.93 -1.02 17.71
C CYS C 9 -6.62 -0.61 19.05
N ALA C 10 -6.18 0.50 19.65
CA ALA C 10 -6.69 0.97 20.95
C ALA C 10 -7.60 2.20 20.79
N TYR C 11 -7.27 3.09 19.83
CA TYR C 11 -7.96 4.38 19.67
C TYR C 11 -9.50 4.20 19.55
N PRO C 12 -10.30 5.03 20.29
CA PRO C 12 -11.76 4.93 20.31
C PRO C 12 -12.42 5.41 19.00
N GLY C 13 -12.14 4.69 17.92
CA GLY C 13 -12.65 5.05 16.59
C GLY C 13 -12.18 4.08 15.51
N CYS C 14 -11.22 3.21 15.85
CA CYS C 14 -10.72 2.19 14.96
C CYS C 14 -10.82 0.80 15.61
N ASN C 15 -9.87 0.48 16.49
CA ASN C 15 -9.86 -0.77 17.26
C ASN C 15 -9.91 -2.01 16.34
N LYS C 16 -9.50 -1.84 15.06
CA LYS C 16 -9.48 -2.95 14.11
C LYS C 16 -8.30 -3.86 14.40
N ARG C 17 -8.15 -4.91 13.59
CA ARG C 17 -7.19 -5.95 13.91
C ARG C 17 -5.88 -5.77 13.15
N TYR C 18 -4.83 -6.36 13.69
CA TYR C 18 -3.48 -6.23 13.17
C TYR C 18 -2.70 -7.54 13.36
N PHE C 19 -1.53 -7.61 12.74
CA PHE C 19 -0.59 -8.68 13.02
C PHE C 19 0.61 -8.12 13.82
N LYS C 20 1.85 -8.36 13.32
CA LYS C 20 3.13 -7.80 13.89
C LYS C 20 2.87 -6.69 14.94
N LEU C 21 3.08 -7.02 16.22
CA LEU C 21 2.82 -6.09 17.34
C LEU C 21 3.43 -4.69 17.06
N SER C 22 4.67 -4.67 16.55
CA SER C 22 5.38 -3.41 16.26
C SER C 22 4.72 -2.66 15.11
N HIS C 23 4.22 -3.39 14.12
CA HIS C 23 3.54 -2.78 13.00
C HIS C 23 2.23 -2.12 13.47
N LEU C 24 1.53 -2.78 14.39
CA LEU C 24 0.36 -2.18 15.07
C LEU C 24 0.79 -1.01 15.98
N GLN C 25 1.98 -1.11 16.57
CA GLN C 25 2.55 0.00 17.38
C GLN C 25 2.75 1.25 16.50
N MET C 26 3.20 1.04 15.23
CA MET C 26 3.31 2.13 14.25
C MET C 26 1.92 2.71 13.93
N HIS C 27 0.94 1.82 13.67
CA HIS C 27 -0.43 2.25 13.38
C HIS C 27 -0.96 3.09 14.54
N SER C 28 -0.72 2.61 15.75
CA SER C 28 -1.17 3.31 16.95
C SER C 28 -0.58 4.73 17.01
N ARG C 29 0.67 4.89 16.53
CA ARG C 29 1.29 6.23 16.45
C ARG C 29 0.46 7.17 15.57
N LYS C 30 -0.11 6.63 14.47
CA LYS C 30 -0.97 7.43 13.58
C LYS C 30 -2.17 8.01 14.34
N HIS C 31 -2.69 7.26 15.32
CA HIS C 31 -3.88 7.67 16.06
C HIS C 31 -3.54 8.78 17.09
N THR C 32 -2.25 8.87 17.48
CA THR C 32 -1.76 10.01 18.31
C THR C 32 -1.94 11.35 17.56
N GLY C 33 -2.19 11.26 16.24
CA GLY C 33 -2.56 12.44 15.45
C GLY C 33 -3.56 12.09 14.35
N GLU C 34 -4.69 11.48 14.75
CA GLU C 34 -5.69 10.99 13.80
C GLU C 34 -6.34 12.15 13.02
N LYS C 35 -6.06 12.23 11.71
CA LYS C 35 -6.66 13.23 10.82
C LYS C 35 -7.23 12.56 9.55
N PRO C 36 -8.48 12.06 9.63
CA PRO C 36 -9.08 11.27 8.57
C PRO C 36 -9.73 12.13 7.47
N TYR C 37 -10.17 11.46 6.41
CA TYR C 37 -10.85 12.13 5.28
C TYR C 37 -12.13 11.38 4.92
N GLN C 38 -13.04 12.07 4.20
CA GLN C 38 -14.24 11.42 3.63
C GLN C 38 -14.43 11.83 2.16
N CYS C 39 -15.06 10.94 1.37
CA CYS C 39 -15.48 11.27 0.01
C CYS C 39 -16.75 12.16 0.03
N ASP C 40 -17.02 12.81 -1.10
CA ASP C 40 -18.23 13.63 -1.27
C ASP C 40 -18.79 13.46 -2.68
N PHE C 41 -19.43 12.31 -2.92
CA PHE C 41 -19.89 11.93 -4.25
C PHE C 41 -21.36 11.49 -4.22
N LYS C 42 -22.01 11.49 -5.40
CA LYS C 42 -23.36 10.94 -5.55
C LYS C 42 -23.36 9.41 -5.34
N ASP C 43 -22.17 8.80 -5.44
CA ASP C 43 -22.02 7.34 -5.34
C ASP C 43 -20.98 6.95 -4.25
N CYS C 44 -20.52 7.93 -3.46
CA CYS C 44 -19.57 7.67 -2.37
C CYS C 44 -19.68 8.69 -1.25
N GLU C 45 -19.61 8.19 -0.01
CA GLU C 45 -19.47 9.00 1.17
C GLU C 45 -18.55 8.29 2.19
N ARG C 46 -17.56 7.55 1.64
CA ARG C 46 -16.71 6.65 2.44
C ARG C 46 -15.58 7.42 3.08
N ARG C 47 -15.02 6.87 4.16
CA ARG C 47 -13.95 7.54 4.89
C ARG C 47 -12.63 6.77 4.77
N PHE C 48 -11.52 7.52 4.86
CA PHE C 48 -10.18 6.94 4.77
C PHE C 48 -9.26 7.62 5.78
N SER C 49 -8.40 6.83 6.43
CA SER C 49 -7.56 7.35 7.52
C SER C 49 -6.24 7.97 6.98
N ARG C 50 -6.09 8.02 5.64
CA ARG C 50 -4.92 8.64 5.01
C ARG C 50 -5.31 9.36 3.72
N SER C 51 -4.70 10.53 3.48
CA SER C 51 -4.96 11.33 2.29
C SER C 51 -4.71 10.51 1.03
N ASP C 52 -3.59 9.77 1.00
CA ASP C 52 -3.22 8.94 -0.15
C ASP C 52 -4.33 7.91 -0.46
N GLN C 53 -4.89 7.28 0.58
CA GLN C 53 -5.96 6.30 0.41
C GLN C 53 -7.21 6.94 -0.19
N LEU C 54 -7.64 8.09 0.37
CA LEU C 54 -8.77 8.84 -0.17
C LEU C 54 -8.51 9.25 -1.64
N LYS C 55 -7.33 9.84 -1.90
CA LYS C 55 -6.99 10.37 -3.23
C LYS C 55 -6.91 9.24 -4.27
N ARG C 56 -6.32 8.10 -3.87
CA ARG C 56 -6.33 6.90 -4.72
C ARG C 56 -7.77 6.41 -4.95
N HIS C 57 -8.53 6.33 -3.86
CA HIS C 57 -9.91 5.87 -3.91
C HIS C 57 -10.78 6.77 -4.81
N GLN C 58 -10.50 8.08 -4.78
CA GLN C 58 -11.21 9.05 -5.62
C GLN C 58 -11.16 8.64 -7.11
N ARG C 59 -10.01 8.09 -7.54
CA ARG C 59 -9.80 7.71 -8.95
C ARG C 59 -10.90 6.74 -9.42
N ARG C 60 -11.40 5.89 -8.50
CA ARG C 60 -12.46 4.92 -8.83
C ARG C 60 -13.71 5.61 -9.43
N HIS C 61 -14.01 6.83 -8.98
CA HIS C 61 -15.17 7.59 -9.49
C HIS C 61 -14.79 8.48 -10.68
N THR C 62 -13.61 9.13 -10.58
CA THR C 62 -13.18 10.13 -11.58
C THR C 62 -12.63 9.46 -12.86
N GLY C 63 -12.41 8.13 -12.80
CA GLY C 63 -12.04 7.35 -13.99
C GLY C 63 -10.62 7.66 -14.52
N VAL C 64 -9.87 8.50 -13.77
CA VAL C 64 -8.54 8.94 -14.20
C VAL C 64 -7.56 7.76 -14.19
N LYS C 65 -6.98 7.45 -15.37
CA LYS C 65 -5.93 6.43 -15.49
C LYS C 65 -4.67 7.04 -16.12
N PRO C 66 -3.95 7.89 -15.37
CA PRO C 66 -2.80 8.64 -15.90
C PRO C 66 -1.53 7.78 -16.03
N PHE C 67 -1.48 6.66 -15.29
CA PHE C 67 -0.32 5.78 -15.32
C PHE C 67 -0.39 4.85 -16.53
N GLN C 68 -0.08 5.38 -17.73
CA GLN C 68 -0.14 4.57 -18.96
C GLN C 68 1.19 3.89 -19.25
N CYS C 69 1.15 2.60 -19.62
CA CYS C 69 2.33 1.88 -20.08
C CYS C 69 2.83 2.47 -21.40
N LYS C 70 4.10 2.88 -21.43
CA LYS C 70 4.70 3.46 -22.65
C LYS C 70 4.88 2.40 -23.75
N THR C 71 4.67 1.11 -23.41
CA THR C 71 4.83 0.00 -24.35
C THR C 71 3.49 -0.31 -25.06
N CYS C 72 2.53 -0.87 -24.32
CA CYS C 72 1.25 -1.32 -24.90
C CYS C 72 0.17 -0.22 -24.80
N GLN C 73 0.51 0.89 -24.11
CA GLN C 73 -0.42 2.02 -23.92
C GLN C 73 -1.60 1.64 -23.00
N ARG C 74 -1.41 0.59 -22.18
CA ARG C 74 -2.41 0.18 -21.18
C ARG C 74 -2.44 1.18 -20.02
N LYS C 75 -3.59 1.84 -19.85
CA LYS C 75 -3.73 2.91 -18.85
C LYS C 75 -4.13 2.33 -17.48
N PHE C 76 -3.51 2.86 -16.42
CA PHE C 76 -3.80 2.43 -15.05
C PHE C 76 -4.03 3.66 -14.14
N SER C 77 -4.71 3.44 -13.01
CA SER C 77 -4.97 4.52 -12.03
C SER C 77 -4.02 4.41 -10.82
N ARG C 78 -3.18 3.36 -10.79
CA ARG C 78 -2.28 3.09 -9.65
C ARG C 78 -0.87 2.76 -10.15
N SER C 79 0.13 3.33 -9.46
CA SER C 79 1.53 3.10 -9.80
C SER C 79 1.94 1.64 -9.50
N ASP C 80 1.39 1.07 -8.43
CA ASP C 80 1.70 -0.32 -8.04
C ASP C 80 1.22 -1.33 -9.14
N HIS C 81 0.01 -1.09 -9.71
CA HIS C 81 -0.47 -1.87 -10.87
C HIS C 81 0.43 -1.63 -12.08
N LEU C 82 0.74 -0.35 -12.38
CA LEU C 82 1.56 0.00 -13.54
C LEU C 82 2.94 -0.65 -13.46
N LYS C 83 3.59 -0.54 -12.29
CA LYS C 83 4.93 -1.14 -12.08
C LYS C 83 4.85 -2.67 -12.18
N THR C 84 3.75 -3.23 -11.68
CA THR C 84 3.52 -4.68 -11.77
C THR C 84 3.36 -5.11 -13.23
N HIS C 85 2.48 -4.39 -13.95
CA HIS C 85 2.23 -4.67 -15.35
C HIS C 85 3.49 -4.42 -16.18
N THR C 86 4.23 -3.38 -15.83
CA THR C 86 5.46 -3.01 -16.53
C THR C 86 6.41 -4.20 -16.58
N ARG C 87 6.52 -4.95 -15.47
CA ARG C 87 7.47 -6.07 -15.38
C ARG C 87 7.09 -7.18 -16.39
N THR C 88 5.81 -7.22 -16.80
CA THR C 88 5.35 -8.15 -17.84
C THR C 88 6.18 -8.00 -19.12
N HIS C 89 6.50 -6.76 -19.49
CA HIS C 89 7.29 -6.49 -20.70
C HIS C 89 8.79 -6.80 -20.47
N THR C 90 9.19 -6.88 -19.19
CA THR C 90 10.59 -7.14 -18.83
C THR C 90 10.83 -8.64 -18.53
N GLY C 91 9.74 -9.43 -18.52
CA GLY C 91 9.83 -10.87 -18.20
C GLY C 91 10.27 -11.12 -16.72
N GLU C 92 10.35 -10.05 -15.91
CA GLU C 92 10.86 -10.15 -14.54
C GLU C 92 9.83 -10.81 -13.61
N LYS C 93 10.08 -12.09 -13.28
CA LYS C 93 9.20 -12.86 -12.37
C LYS C 93 10.01 -13.34 -11.14
N PRO C 94 10.01 -12.53 -10.05
CA PRO C 94 10.86 -12.78 -8.89
C PRO C 94 10.26 -13.79 -7.90
N PHE C 95 8.93 -13.98 -7.96
CA PHE C 95 8.24 -14.86 -7.01
C PHE C 95 8.35 -16.33 -7.44
N SER C 96 9.53 -16.92 -7.23
CA SER C 96 9.76 -18.34 -7.51
C SER C 96 9.20 -19.21 -6.39
N CYS C 97 8.70 -20.40 -6.76
CA CYS C 97 8.14 -21.34 -5.78
C CYS C 97 9.25 -21.94 -4.90
N ARG C 98 8.86 -22.36 -3.69
CA ARG C 98 9.80 -22.89 -2.69
C ARG C 98 9.49 -24.36 -2.34
N TRP C 99 8.50 -24.94 -3.03
CA TRP C 99 8.10 -26.32 -2.78
C TRP C 99 9.23 -27.29 -3.17
N PRO C 100 9.35 -28.43 -2.44
CA PRO C 100 10.43 -29.42 -2.65
C PRO C 100 10.22 -30.27 -3.93
N SER C 101 9.55 -29.69 -4.93
CA SER C 101 9.31 -30.36 -6.22
C SER C 101 8.89 -29.36 -7.31
N CYS C 102 9.20 -28.07 -7.09
CA CYS C 102 8.83 -27.02 -8.03
C CYS C 102 9.88 -25.90 -8.06
N GLN C 103 9.77 -25.02 -9.06
CA GLN C 103 10.55 -23.79 -9.12
C GLN C 103 9.95 -22.83 -10.18
N LYS C 104 8.62 -22.86 -10.31
CA LYS C 104 7.90 -21.96 -11.22
C LYS C 104 7.91 -20.54 -10.65
N LYS C 105 7.99 -19.55 -11.55
CA LYS C 105 8.17 -18.16 -11.12
C LYS C 105 7.01 -17.29 -11.56
N PHE C 106 6.60 -16.38 -10.68
CA PHE C 106 5.51 -15.45 -10.95
C PHE C 106 5.97 -14.01 -10.76
N ALA C 107 5.20 -13.07 -11.32
CA ALA C 107 5.53 -11.67 -11.23
C ALA C 107 4.80 -10.98 -10.07
N ARG C 108 3.88 -11.72 -9.41
CA ARG C 108 3.14 -11.19 -8.28
C ARG C 108 3.12 -12.19 -7.11
N SER C 109 3.19 -11.65 -5.90
CA SER C 109 3.20 -12.48 -4.69
C SER C 109 1.91 -13.31 -4.58
N ASP C 110 0.77 -12.70 -4.88
CA ASP C 110 -0.52 -13.40 -4.86
C ASP C 110 -0.61 -14.48 -5.97
N GLU C 111 0.01 -14.20 -7.13
CA GLU C 111 0.08 -15.21 -8.21
C GLU C 111 0.83 -16.46 -7.73
N LEU C 112 1.93 -16.25 -6.99
CA LEU C 112 2.67 -17.36 -6.38
C LEU C 112 1.82 -18.06 -5.30
N VAL C 113 1.08 -17.28 -4.48
CA VAL C 113 0.15 -17.85 -3.48
C VAL C 113 -0.88 -18.76 -4.14
N ARG C 114 -1.49 -18.26 -5.23
CA ARG C 114 -2.46 -19.03 -6.01
C ARG C 114 -1.80 -20.31 -6.56
N HIS C 115 -0.60 -20.16 -7.14
CA HIS C 115 0.15 -21.30 -7.68
C HIS C 115 0.41 -22.35 -6.58
N HIS C 116 0.83 -21.88 -5.39
CA HIS C 116 1.04 -22.77 -4.24
C HIS C 116 -0.25 -23.55 -3.90
N ASN C 117 -1.42 -22.91 -4.11
CA ASN C 117 -2.71 -23.56 -3.86
C ASN C 117 -2.94 -24.76 -4.83
N MET C 118 -2.14 -24.83 -5.92
CA MET C 118 -2.19 -25.95 -6.87
C MET C 118 -1.26 -27.11 -6.42
N HIS C 119 -0.56 -26.91 -5.29
CA HIS C 119 0.30 -27.95 -4.72
C HIS C 119 -0.33 -28.56 -3.48
N ALA C 1 10.57 -14.19 20.37
CA ALA C 1 11.97 -13.75 20.39
C ALA C 1 12.37 -13.24 21.79
N SER C 2 11.38 -12.79 22.57
CA SER C 2 11.61 -12.31 23.95
C SER C 2 10.28 -12.14 24.70
N GLU C 3 10.36 -12.20 26.04
CA GLU C 3 9.16 -12.04 26.90
C GLU C 3 8.66 -10.58 26.88
N LYS C 4 9.54 -9.64 26.53
CA LYS C 4 9.17 -8.24 26.37
C LYS C 4 9.79 -7.66 25.09
N ARG C 5 9.17 -6.60 24.55
CA ARG C 5 9.66 -5.94 23.33
C ARG C 5 9.87 -4.43 23.59
N PRO C 6 10.73 -3.76 22.78
CA PRO C 6 11.10 -2.37 22.98
C PRO C 6 9.89 -1.43 23.14
N PHE C 7 9.05 -1.33 22.10
CA PHE C 7 7.93 -0.35 22.08
C PHE C 7 6.60 -1.04 21.79
N MET C 8 5.49 -0.42 22.21
CA MET C 8 4.15 -0.87 21.79
C MET C 8 3.28 0.31 21.40
N CYS C 9 2.25 0.04 20.58
CA CYS C 9 1.20 1.02 20.31
C CYS C 9 0.29 1.20 21.54
N ALA C 10 -0.58 2.21 21.50
CA ALA C 10 -1.45 2.53 22.62
C ALA C 10 -2.86 2.98 22.13
N TYR C 11 -3.14 2.88 20.81
CA TYR C 11 -4.46 3.24 20.28
C TYR C 11 -5.51 2.15 20.65
N PRO C 12 -6.74 2.57 21.04
CA PRO C 12 -7.81 1.65 21.41
C PRO C 12 -8.33 0.84 20.21
N GLY C 13 -7.64 -0.27 19.90
CA GLY C 13 -7.98 -1.09 18.75
C GLY C 13 -6.74 -1.69 18.06
N CYS C 14 -5.54 -1.42 18.61
CA CYS C 14 -4.29 -1.93 18.05
C CYS C 14 -3.42 -2.56 19.16
N ASN C 15 -2.79 -1.71 20.00
CA ASN C 15 -1.85 -2.15 21.06
C ASN C 15 -0.94 -3.32 20.56
N LYS C 16 -0.19 -3.04 19.47
CA LYS C 16 0.82 -3.99 18.96
C LYS C 16 2.21 -3.62 19.46
N ARG C 17 3.23 -4.37 19.03
CA ARG C 17 4.60 -4.17 19.54
C ARG C 17 5.59 -3.89 18.39
N TYR C 18 6.54 -2.99 18.67
CA TYR C 18 7.51 -2.54 17.69
C TYR C 18 8.95 -2.65 18.27
N PHE C 19 9.95 -2.46 17.40
CA PHE C 19 11.37 -2.61 17.80
C PHE C 19 12.16 -1.29 17.64
N LYS C 20 11.57 -0.33 16.90
CA LYS C 20 12.22 0.96 16.64
C LYS C 20 11.28 2.12 16.95
N LEU C 21 11.75 3.10 17.72
CA LEU C 21 10.91 4.19 18.21
C LEU C 21 10.26 4.95 17.04
N SER C 22 11.07 5.32 16.04
CA SER C 22 10.56 6.01 14.85
C SER C 22 9.67 5.08 14.02
N HIS C 23 10.14 3.86 13.80
CA HIS C 23 9.35 2.90 13.00
C HIS C 23 7.96 2.64 13.67
N LEU C 24 7.91 2.72 15.01
CA LEU C 24 6.64 2.71 15.74
C LEU C 24 5.87 4.04 15.55
N GLN C 25 6.60 5.17 15.58
CA GLN C 25 6.00 6.49 15.29
C GLN C 25 5.37 6.49 13.87
N MET C 26 6.03 5.83 12.92
CA MET C 26 5.52 5.67 11.58
C MET C 26 4.22 4.83 11.60
N HIS C 27 4.22 3.72 12.36
CA HIS C 27 2.99 2.92 12.56
C HIS C 27 1.88 3.80 13.17
N SER C 28 2.27 4.67 14.11
CA SER C 28 1.33 5.54 14.83
C SER C 28 0.57 6.44 13.85
N ARG C 29 1.17 6.75 12.68
CA ARG C 29 0.54 7.63 11.69
C ARG C 29 -0.84 7.08 11.30
N LYS C 30 -0.95 5.75 11.17
CA LYS C 30 -2.24 5.09 10.86
C LYS C 30 -3.32 5.47 11.88
N HIS C 31 -2.92 5.67 13.14
CA HIS C 31 -3.85 6.02 14.21
C HIS C 31 -4.04 7.54 14.35
N THR C 32 -2.97 8.32 14.06
CA THR C 32 -3.08 9.81 14.01
C THR C 32 -4.22 10.22 13.10
N GLY C 33 -4.45 9.42 12.05
CA GLY C 33 -5.63 9.55 11.22
C GLY C 33 -6.35 8.22 11.10
N GLU C 34 -6.96 7.75 12.20
CA GLU C 34 -7.69 6.48 12.21
C GLU C 34 -8.99 6.59 11.34
N LYS C 35 -8.86 6.17 10.05
CA LYS C 35 -9.98 6.18 9.04
C LYS C 35 -10.93 7.45 9.17
N PRO C 36 -10.36 8.68 9.07
CA PRO C 36 -11.15 9.90 9.05
C PRO C 36 -11.57 10.34 7.62
N TYR C 37 -10.79 9.93 6.59
CA TYR C 37 -11.02 10.39 5.22
C TYR C 37 -12.12 9.55 4.54
N GLN C 38 -13.37 10.00 4.67
CA GLN C 38 -14.51 9.32 4.08
C GLN C 38 -14.81 9.86 2.68
N CYS C 39 -15.15 8.97 1.76
CA CYS C 39 -15.68 9.38 0.46
C CYS C 39 -17.03 10.12 0.62
N ASP C 40 -17.37 10.95 -0.37
CA ASP C 40 -18.65 11.69 -0.39
C ASP C 40 -19.34 11.54 -1.77
N PHE C 41 -18.94 10.50 -2.52
CA PHE C 41 -19.52 10.23 -3.83
C PHE C 41 -21.02 9.85 -3.71
N LYS C 42 -21.72 9.86 -4.86
CA LYS C 42 -23.19 9.69 -4.88
C LYS C 42 -23.62 8.29 -4.38
N ASP C 43 -22.67 7.34 -4.33
CA ASP C 43 -22.96 5.96 -3.91
C ASP C 43 -21.76 5.31 -3.17
N CYS C 44 -20.90 6.15 -2.58
CA CYS C 44 -19.76 5.66 -1.79
C CYS C 44 -19.58 6.47 -0.50
N GLU C 45 -19.15 5.77 0.55
CA GLU C 45 -18.85 6.39 1.84
C GLU C 45 -17.69 5.64 2.54
N ARG C 46 -16.80 5.04 1.74
CA ARG C 46 -15.67 4.28 2.26
C ARG C 46 -14.69 5.19 2.96
N ARG C 47 -14.11 4.72 4.07
CA ARG C 47 -13.22 5.53 4.89
C ARG C 47 -11.77 5.06 4.75
N PHE C 48 -10.88 6.01 4.52
CA PHE C 48 -9.45 5.75 4.44
C PHE C 48 -8.71 6.55 5.52
N SER C 49 -7.46 6.18 5.78
CA SER C 49 -6.68 6.81 6.85
C SER C 49 -5.86 7.99 6.33
N ARG C 50 -5.31 7.85 5.11
CA ARG C 50 -4.44 8.89 4.53
C ARG C 50 -5.12 9.56 3.34
N SER C 51 -4.73 10.81 3.08
CA SER C 51 -5.24 11.58 1.96
C SER C 51 -4.99 10.86 0.64
N ASP C 52 -3.77 10.30 0.50
CA ASP C 52 -3.38 9.61 -0.73
C ASP C 52 -4.22 8.34 -0.95
N GLN C 53 -4.59 7.65 0.14
CA GLN C 53 -5.44 6.47 0.05
C GLN C 53 -6.82 6.86 -0.48
N LEU C 54 -7.41 7.91 0.12
CA LEU C 54 -8.72 8.43 -0.33
C LEU C 54 -8.64 8.96 -1.78
N LYS C 55 -7.56 9.71 -2.10
CA LYS C 55 -7.34 10.26 -3.46
C LYS C 55 -7.19 9.12 -4.48
N ARG C 56 -6.39 8.10 -4.14
CA ARG C 56 -6.25 6.91 -4.99
C ARG C 56 -7.60 6.23 -5.18
N HIS C 57 -8.37 6.11 -4.10
CA HIS C 57 -9.70 5.51 -4.15
C HIS C 57 -10.63 6.30 -5.10
N GLN C 58 -10.57 7.65 -5.02
CA GLN C 58 -11.37 8.52 -5.91
C GLN C 58 -11.14 8.17 -7.40
N ARG C 59 -9.92 7.68 -7.74
CA ARG C 59 -9.60 7.32 -9.15
C ARG C 59 -10.64 6.32 -9.71
N ARG C 60 -11.17 5.45 -8.83
CA ARG C 60 -12.26 4.53 -9.19
C ARG C 60 -13.50 5.30 -9.69
N HIS C 61 -13.87 6.38 -8.99
CA HIS C 61 -15.08 7.14 -9.29
C HIS C 61 -14.86 8.11 -10.46
N THR C 62 -13.60 8.53 -10.66
CA THR C 62 -13.25 9.50 -11.70
C THR C 62 -12.73 8.80 -12.97
N GLY C 63 -12.65 7.44 -12.94
CA GLY C 63 -12.28 6.66 -14.13
C GLY C 63 -10.86 6.98 -14.65
N VAL C 64 -10.06 7.73 -13.87
CA VAL C 64 -8.78 8.26 -14.34
C VAL C 64 -7.69 7.17 -14.33
N LYS C 65 -6.96 7.06 -15.45
CA LYS C 65 -5.83 6.12 -15.57
C LYS C 65 -4.60 6.83 -16.19
N PRO C 66 -3.87 7.62 -15.38
CA PRO C 66 -2.77 8.44 -15.85
C PRO C 66 -1.44 7.68 -15.92
N PHE C 67 -1.33 6.57 -15.18
CA PHE C 67 -0.08 5.80 -15.12
C PHE C 67 0.07 4.93 -16.38
N GLN C 68 0.62 5.52 -17.45
CA GLN C 68 0.74 4.80 -18.71
C GLN C 68 2.09 4.05 -18.81
N CYS C 69 2.04 2.85 -19.38
CA CYS C 69 3.23 2.01 -19.54
C CYS C 69 4.26 2.68 -20.47
N LYS C 70 5.54 2.41 -20.20
CA LYS C 70 6.63 2.97 -21.04
C LYS C 70 6.87 2.09 -22.28
N THR C 71 6.21 0.91 -22.31
CA THR C 71 6.46 -0.10 -23.35
C THR C 71 5.22 -0.26 -24.26
N CYS C 72 4.21 -1.02 -23.76
CA CYS C 72 2.99 -1.29 -24.54
C CYS C 72 2.00 -0.10 -24.46
N GLN C 73 2.29 0.86 -23.56
CA GLN C 73 1.47 2.07 -23.38
C GLN C 73 0.08 1.73 -22.79
N ARG C 74 -0.01 0.64 -22.01
CA ARG C 74 -1.23 0.35 -21.24
C ARG C 74 -1.40 1.34 -20.10
N LYS C 75 -2.59 1.94 -19.99
CA LYS C 75 -2.88 2.92 -18.94
C LYS C 75 -3.41 2.24 -17.65
N PHE C 76 -3.03 2.81 -16.50
CA PHE C 76 -3.45 2.29 -15.18
C PHE C 76 -3.74 3.45 -14.21
N SER C 77 -4.38 3.13 -13.08
CA SER C 77 -4.70 4.14 -12.05
C SER C 77 -3.75 4.05 -10.84
N ARG C 78 -2.87 3.02 -10.83
CA ARG C 78 -2.00 2.75 -9.66
C ARG C 78 -0.62 2.28 -10.12
N SER C 79 0.43 3.03 -9.74
CA SER C 79 1.82 2.73 -10.14
C SER C 79 2.29 1.35 -9.62
N ASP C 80 1.63 0.82 -8.57
CA ASP C 80 1.95 -0.52 -8.06
C ASP C 80 1.49 -1.61 -9.06
N HIS C 81 0.33 -1.38 -9.69
CA HIS C 81 -0.16 -2.25 -10.76
C HIS C 81 0.65 -2.03 -12.05
N LEU C 82 1.12 -0.79 -12.26
CA LEU C 82 1.96 -0.47 -13.43
C LEU C 82 3.32 -1.19 -13.34
N LYS C 83 3.97 -1.09 -12.16
CA LYS C 83 5.24 -1.81 -11.92
C LYS C 83 5.02 -3.33 -12.00
N THR C 84 3.88 -3.78 -11.50
CA THR C 84 3.50 -5.19 -11.60
C THR C 84 3.34 -5.61 -13.08
N HIS C 85 2.58 -4.81 -13.84
CA HIS C 85 2.36 -5.05 -15.27
C HIS C 85 3.68 -4.92 -16.06
N THR C 86 4.57 -4.06 -15.58
CA THR C 86 5.91 -3.87 -16.18
C THR C 86 6.65 -5.21 -16.28
N ARG C 87 6.48 -6.07 -15.25
CA ARG C 87 7.16 -7.37 -15.19
C ARG C 87 6.76 -8.27 -16.37
N THR C 88 5.58 -7.98 -16.97
CA THR C 88 5.10 -8.70 -18.17
C THR C 88 6.14 -8.65 -19.29
N HIS C 89 6.75 -7.47 -19.51
CA HIS C 89 7.78 -7.30 -20.56
C HIS C 89 9.16 -7.66 -20.03
N THR C 90 9.33 -7.62 -18.71
CA THR C 90 10.63 -7.80 -18.06
C THR C 90 10.88 -9.28 -17.70
N GLY C 91 9.86 -10.13 -17.96
CA GLY C 91 9.92 -11.56 -17.56
C GLY C 91 10.27 -11.74 -16.06
N GLU C 92 10.05 -10.68 -15.27
CA GLU C 92 10.52 -10.63 -13.88
C GLU C 92 9.62 -11.45 -12.96
N LYS C 93 9.94 -12.75 -12.82
CA LYS C 93 9.15 -13.66 -11.98
C LYS C 93 9.98 -14.11 -10.75
N PRO C 94 10.06 -13.27 -9.69
CA PRO C 94 10.85 -13.56 -8.50
C PRO C 94 10.12 -14.47 -7.49
N PHE C 95 8.78 -14.53 -7.59
CA PHE C 95 7.97 -15.32 -6.63
C PHE C 95 8.00 -16.81 -6.99
N SER C 96 9.10 -17.47 -6.67
CA SER C 96 9.25 -18.92 -6.90
C SER C 96 8.52 -19.71 -5.83
N CYS C 97 7.98 -20.86 -6.22
CA CYS C 97 7.44 -21.80 -5.27
C CYS C 97 8.57 -22.45 -4.48
N ARG C 98 8.24 -22.92 -3.28
CA ARG C 98 9.23 -23.49 -2.35
C ARG C 98 8.82 -24.92 -1.94
N TRP C 99 7.78 -25.46 -2.59
CA TRP C 99 7.30 -26.80 -2.31
C TRP C 99 8.37 -27.85 -2.65
N PRO C 100 8.37 -29.01 -1.95
CA PRO C 100 9.43 -30.03 -2.08
C PRO C 100 9.40 -30.77 -3.44
N SER C 101 8.51 -30.33 -4.34
CA SER C 101 8.41 -30.92 -5.68
C SER C 101 8.02 -29.85 -6.72
N CYS C 102 8.52 -28.61 -6.54
CA CYS C 102 8.21 -27.51 -7.45
C CYS C 102 9.41 -26.55 -7.60
N GLN C 103 9.33 -25.70 -8.63
CA GLN C 103 10.31 -24.63 -8.84
C GLN C 103 9.71 -23.53 -9.77
N LYS C 104 8.37 -23.48 -9.85
CA LYS C 104 7.67 -22.56 -10.75
C LYS C 104 7.66 -21.16 -10.15
N LYS C 105 7.72 -20.14 -11.02
CA LYS C 105 7.92 -18.76 -10.57
C LYS C 105 6.88 -17.83 -11.14
N PHE C 106 6.46 -16.86 -10.33
CA PHE C 106 5.43 -15.89 -10.72
C PHE C 106 5.93 -14.47 -10.53
N ALA C 107 5.28 -13.52 -11.21
CA ALA C 107 5.66 -12.11 -11.12
C ALA C 107 4.80 -11.36 -10.09
N ARG C 108 3.89 -12.09 -9.42
CA ARG C 108 3.04 -11.51 -8.39
C ARG C 108 2.99 -12.41 -7.15
N SER C 109 3.06 -11.79 -5.98
CA SER C 109 3.01 -12.51 -4.72
C SER C 109 1.71 -13.32 -4.59
N ASP C 110 0.58 -12.71 -4.95
CA ASP C 110 -0.73 -13.39 -4.90
C ASP C 110 -0.81 -14.54 -5.95
N GLU C 111 -0.16 -14.37 -7.13
CA GLU C 111 -0.09 -15.44 -8.13
C GLU C 111 0.60 -16.68 -7.55
N LEU C 112 1.69 -16.45 -6.79
CA LEU C 112 2.36 -17.53 -6.08
C LEU C 112 1.47 -18.11 -4.95
N VAL C 113 0.76 -17.23 -4.23
CA VAL C 113 -0.19 -17.67 -3.17
C VAL C 113 -1.26 -18.60 -3.77
N ARG C 114 -1.81 -18.21 -4.93
CA ARG C 114 -2.77 -19.04 -5.66
C ARG C 114 -2.10 -20.35 -6.11
N HIS C 115 -0.91 -20.23 -6.70
CA HIS C 115 -0.17 -21.41 -7.18
C HIS C 115 0.02 -22.42 -6.04
N HIS C 116 0.43 -21.94 -4.86
CA HIS C 116 0.61 -22.82 -3.69
C HIS C 116 -0.71 -23.55 -3.35
N ASN C 117 -1.87 -22.88 -3.60
CA ASN C 117 -3.18 -23.48 -3.34
C ASN C 117 -3.45 -24.66 -4.31
N MET C 118 -2.70 -24.72 -5.43
CA MET C 118 -2.81 -25.84 -6.39
C MET C 118 -2.06 -27.08 -5.86
N HIS C 119 -1.16 -26.88 -4.89
CA HIS C 119 -0.43 -27.99 -4.26
C HIS C 119 -1.19 -28.51 -3.05
N ALA C 1 29.43 15.89 19.17
CA ALA C 1 28.16 16.07 18.47
C ALA C 1 26.98 15.53 19.32
N SER C 2 27.30 14.92 20.47
CA SER C 2 26.28 14.37 21.41
C SER C 2 25.67 13.05 20.87
N GLU C 3 25.26 13.07 19.58
CA GLU C 3 24.52 11.95 18.95
C GLU C 3 23.11 11.81 19.56
N LYS C 4 23.05 11.48 20.86
CA LYS C 4 21.81 11.54 21.62
C LYS C 4 21.44 13.00 21.92
N ARG C 5 20.19 13.36 21.63
CA ARG C 5 19.73 14.75 21.77
C ARG C 5 18.26 14.78 22.26
N PRO C 6 17.82 15.90 22.86
CA PRO C 6 16.47 16.02 23.43
C PRO C 6 15.37 16.11 22.35
N PHE C 7 14.54 15.05 22.28
CA PHE C 7 13.35 15.07 21.40
C PHE C 7 12.12 14.62 22.19
N MET C 8 10.97 15.24 21.91
CA MET C 8 9.68 14.75 22.43
C MET C 8 8.60 14.76 21.36
N CYS C 9 7.68 13.81 21.48
CA CYS C 9 6.47 13.82 20.68
C CYS C 9 5.51 14.95 21.17
N ALA C 10 4.42 15.15 20.44
CA ALA C 10 3.42 16.17 20.80
C ALA C 10 1.98 15.64 20.54
N TYR C 11 1.85 14.37 20.12
CA TYR C 11 0.55 13.77 19.85
C TYR C 11 -0.25 13.57 21.17
N PRO C 12 -1.56 13.94 21.18
CA PRO C 12 -2.39 13.91 22.40
C PRO C 12 -2.43 12.53 23.09
N GLY C 13 -2.08 11.46 22.36
CA GLY C 13 -2.09 10.10 22.91
C GLY C 13 -0.68 9.63 23.36
N CYS C 14 0.33 10.49 23.16
CA CYS C 14 1.72 10.13 23.41
C CYS C 14 2.47 11.28 24.13
N ASN C 15 3.13 12.16 23.34
CA ASN C 15 3.91 13.28 23.88
C ASN C 15 5.07 12.77 24.80
N LYS C 16 5.71 11.65 24.39
CA LYS C 16 6.83 11.07 25.15
C LYS C 16 8.17 11.57 24.67
N ARG C 17 9.22 11.33 25.46
CA ARG C 17 10.55 11.87 25.18
C ARG C 17 11.46 10.81 24.53
N TYR C 18 12.08 11.19 23.43
CA TYR C 18 13.02 10.38 22.68
C TYR C 18 14.44 10.97 22.74
N PHE C 19 15.44 10.17 22.34
CA PHE C 19 16.85 10.57 22.43
C PHE C 19 17.53 10.57 21.05
N LYS C 20 16.89 9.93 20.06
CA LYS C 20 17.43 9.85 18.69
C LYS C 20 16.45 10.47 17.70
N LEU C 21 16.96 11.33 16.81
CA LEU C 21 16.11 11.99 15.81
C LEU C 21 15.39 10.95 14.93
N SER C 22 16.16 9.99 14.41
CA SER C 22 15.63 8.96 13.51
C SER C 22 14.68 7.99 14.24
N HIS C 23 15.00 7.68 15.50
CA HIS C 23 14.16 6.78 16.29
C HIS C 23 12.85 7.48 16.66
N LEU C 24 12.94 8.77 16.98
CA LEU C 24 11.76 9.59 17.19
C LEU C 24 10.99 9.81 15.85
N GLN C 25 11.72 9.92 14.74
CA GLN C 25 11.10 9.98 13.40
C GLN C 25 10.30 8.69 13.13
N MET C 26 10.88 7.54 13.50
CA MET C 26 10.21 6.25 13.37
C MET C 26 8.97 6.21 14.29
N HIS C 27 9.12 6.69 15.53
CA HIS C 27 8.00 6.78 16.47
C HIS C 27 6.87 7.63 15.88
N SER C 28 7.24 8.76 15.27
CA SER C 28 6.29 9.70 14.70
C SER C 28 5.44 9.03 13.63
N ARG C 29 6.02 8.01 12.95
CA ARG C 29 5.32 7.31 11.88
C ARG C 29 3.98 6.73 12.39
N LYS C 30 3.98 6.24 13.65
CA LYS C 30 2.75 5.69 14.28
C LYS C 30 1.61 6.74 14.28
N HIS C 31 1.97 8.01 14.47
CA HIS C 31 0.98 9.11 14.58
C HIS C 31 0.64 9.72 13.21
N THR C 32 1.44 9.42 12.16
CA THR C 32 1.29 10.14 10.87
C THR C 32 -0.12 9.97 10.29
N GLY C 33 -0.70 8.76 10.46
CA GLY C 33 -2.03 8.46 9.91
C GLY C 33 -3.15 8.61 10.95
N GLU C 34 -2.92 9.47 11.97
CA GLU C 34 -3.92 9.70 13.03
C GLU C 34 -5.19 10.42 12.47
N LYS C 35 -5.08 10.96 11.24
CA LYS C 35 -6.17 11.76 10.63
C LYS C 35 -6.83 10.98 9.45
N PRO C 36 -7.91 10.22 9.73
CA PRO C 36 -8.61 9.45 8.70
C PRO C 36 -9.54 10.32 7.83
N TYR C 37 -10.04 9.73 6.74
CA TYR C 37 -11.00 10.42 5.83
C TYR C 37 -12.13 9.44 5.41
N GLN C 38 -13.24 9.99 4.88
CA GLN C 38 -14.29 9.18 4.23
C GLN C 38 -14.69 9.78 2.89
N CYS C 39 -15.06 8.93 1.93
CA CYS C 39 -15.66 9.39 0.68
C CYS C 39 -17.14 9.81 0.91
N ASP C 40 -17.74 10.44 -0.10
CA ASP C 40 -19.15 10.86 -0.05
C ASP C 40 -19.91 10.40 -1.32
N PHE C 41 -19.21 9.67 -2.21
CA PHE C 41 -19.81 9.20 -3.46
C PHE C 41 -20.96 8.20 -3.19
N LYS C 42 -21.93 8.14 -4.13
CA LYS C 42 -23.17 7.37 -3.94
C LYS C 42 -22.85 5.88 -3.63
N ASP C 43 -22.22 5.20 -4.59
CA ASP C 43 -21.88 3.77 -4.42
C ASP C 43 -20.53 3.62 -3.68
N CYS C 44 -20.39 4.35 -2.57
CA CYS C 44 -19.16 4.33 -1.79
C CYS C 44 -19.46 4.50 -0.28
N GLU C 45 -19.15 5.69 0.28
CA GLU C 45 -19.19 5.91 1.74
C GLU C 45 -18.09 5.08 2.43
N ARG C 46 -16.94 4.90 1.73
CA ARG C 46 -15.81 4.13 2.25
C ARG C 46 -14.86 5.04 3.01
N ARG C 47 -14.17 4.48 4.02
CA ARG C 47 -13.25 5.27 4.85
C ARG C 47 -11.80 4.85 4.58
N PHE C 48 -10.89 5.78 4.84
CA PHE C 48 -9.46 5.58 4.62
C PHE C 48 -8.68 6.23 5.76
N SER C 49 -7.40 5.88 5.88
CA SER C 49 -6.57 6.35 7.01
C SER C 49 -5.57 7.43 6.56
N ARG C 50 -5.47 7.67 5.24
CA ARG C 50 -4.57 8.70 4.70
C ARG C 50 -5.22 9.43 3.51
N SER C 51 -4.75 10.66 3.26
CA SER C 51 -5.22 11.45 2.14
C SER C 51 -4.96 10.73 0.82
N ASP C 52 -3.76 10.15 0.68
CA ASP C 52 -3.38 9.47 -0.56
C ASP C 52 -4.22 8.21 -0.77
N GLN C 53 -4.60 7.52 0.32
CA GLN C 53 -5.46 6.35 0.24
C GLN C 53 -6.82 6.74 -0.33
N LEU C 54 -7.43 7.79 0.26
CA LEU C 54 -8.72 8.32 -0.23
C LEU C 54 -8.58 8.84 -1.69
N LYS C 55 -7.52 9.61 -1.95
CA LYS C 55 -7.30 10.23 -3.28
C LYS C 55 -7.05 9.16 -4.36
N ARG C 56 -6.28 8.12 -4.01
CA ARG C 56 -6.11 6.96 -4.90
C ARG C 56 -7.46 6.28 -5.14
N HIS C 57 -8.23 6.10 -4.07
CA HIS C 57 -9.54 5.47 -4.13
C HIS C 57 -10.50 6.27 -5.07
N GLN C 58 -10.42 7.61 -5.01
CA GLN C 58 -11.26 8.49 -5.88
C GLN C 58 -11.13 8.11 -7.37
N ARG C 59 -9.94 7.61 -7.77
CA ARG C 59 -9.69 7.20 -9.17
C ARG C 59 -10.75 6.17 -9.63
N ARG C 60 -11.22 5.33 -8.70
CA ARG C 60 -12.32 4.37 -8.97
C ARG C 60 -13.58 5.09 -9.49
N HIS C 61 -13.91 6.24 -8.89
CA HIS C 61 -15.11 6.99 -9.26
C HIS C 61 -14.85 7.86 -10.50
N THR C 62 -13.73 8.57 -10.49
CA THR C 62 -13.40 9.52 -11.57
C THR C 62 -12.93 8.79 -12.85
N GLY C 63 -12.70 7.47 -12.75
CA GLY C 63 -12.28 6.66 -13.92
C GLY C 63 -10.84 7.01 -14.40
N VAL C 64 -10.18 7.94 -13.70
CA VAL C 64 -8.87 8.45 -14.12
C VAL C 64 -7.79 7.39 -13.93
N LYS C 65 -7.29 6.85 -15.05
CA LYS C 65 -6.17 5.89 -15.05
C LYS C 65 -4.97 6.48 -15.83
N PRO C 66 -4.12 7.28 -15.15
CA PRO C 66 -3.07 8.06 -15.81
C PRO C 66 -1.77 7.26 -16.01
N PHE C 67 -1.59 6.17 -15.22
CA PHE C 67 -0.37 5.36 -15.31
C PHE C 67 -0.44 4.41 -16.52
N GLN C 68 -0.25 4.96 -17.72
CA GLN C 68 -0.37 4.16 -18.95
C GLN C 68 0.98 3.56 -19.36
N CYS C 69 0.98 2.24 -19.64
CA CYS C 69 2.15 1.57 -20.19
C CYS C 69 2.47 2.12 -21.58
N LYS C 70 3.70 2.60 -21.78
CA LYS C 70 4.12 3.12 -23.08
C LYS C 70 4.25 1.99 -24.12
N THR C 71 4.20 0.73 -23.65
CA THR C 71 4.30 -0.43 -24.53
C THR C 71 2.93 -0.77 -25.15
N CYS C 72 2.02 -1.32 -24.33
CA CYS C 72 0.72 -1.82 -24.80
C CYS C 72 -0.39 -0.76 -24.64
N GLN C 73 -0.07 0.35 -23.96
CA GLN C 73 -1.04 1.42 -23.65
C GLN C 73 -2.06 0.97 -22.58
N ARG C 74 -1.67 -0.05 -21.80
CA ARG C 74 -2.46 -0.48 -20.63
C ARG C 74 -2.50 0.64 -19.58
N LYS C 75 -3.65 1.30 -19.45
CA LYS C 75 -3.80 2.41 -18.52
C LYS C 75 -4.21 1.92 -17.12
N PHE C 76 -3.43 2.32 -16.11
CA PHE C 76 -3.65 1.93 -14.73
C PHE C 76 -3.93 3.16 -13.85
N SER C 77 -4.51 2.92 -12.67
CA SER C 77 -4.77 3.99 -11.72
C SER C 77 -3.74 3.98 -10.56
N ARG C 78 -2.77 3.05 -10.63
CA ARG C 78 -1.75 2.91 -9.59
C ARG C 78 -0.38 2.62 -10.19
N SER C 79 0.66 3.18 -9.58
CA SER C 79 2.05 2.88 -9.95
C SER C 79 2.41 1.44 -9.57
N ASP C 80 1.84 0.92 -8.46
CA ASP C 80 2.13 -0.45 -8.00
C ASP C 80 1.58 -1.51 -9.00
N HIS C 81 0.39 -1.24 -9.57
CA HIS C 81 -0.18 -2.10 -10.63
C HIS C 81 0.61 -1.94 -11.93
N LEU C 82 1.04 -0.70 -12.24
CA LEU C 82 1.86 -0.44 -13.42
C LEU C 82 3.22 -1.15 -13.32
N LYS C 83 3.88 -1.04 -12.16
CA LYS C 83 5.16 -1.72 -11.90
C LYS C 83 4.98 -3.24 -11.92
N THR C 84 3.82 -3.70 -11.44
CA THR C 84 3.48 -5.12 -11.49
C THR C 84 3.30 -5.59 -12.95
N HIS C 85 2.50 -4.83 -13.72
CA HIS C 85 2.30 -5.11 -15.13
C HIS C 85 3.62 -4.98 -15.92
N THR C 86 4.48 -4.06 -15.49
CA THR C 86 5.80 -3.87 -16.10
C THR C 86 6.58 -5.20 -16.11
N ARG C 87 6.49 -5.97 -15.00
CA ARG C 87 7.21 -7.25 -14.89
C ARG C 87 6.73 -8.25 -15.96
N THR C 88 5.49 -8.07 -16.46
CA THR C 88 4.96 -8.91 -17.56
C THR C 88 5.70 -8.63 -18.88
N HIS C 89 6.10 -7.36 -19.10
CA HIS C 89 6.89 -6.98 -20.27
C HIS C 89 8.38 -7.27 -20.03
N THR C 90 8.76 -7.37 -18.75
CA THR C 90 10.15 -7.60 -18.36
C THR C 90 10.47 -9.11 -18.23
N GLY C 91 9.42 -9.95 -18.35
CA GLY C 91 9.58 -11.41 -18.14
C GLY C 91 10.02 -11.74 -16.70
N GLU C 92 9.88 -10.78 -15.78
CA GLU C 92 10.39 -10.92 -14.42
C GLU C 92 9.41 -11.69 -13.54
N LYS C 93 9.78 -12.94 -13.20
CA LYS C 93 8.96 -13.80 -12.32
C LYS C 93 9.78 -14.26 -11.10
N PRO C 94 9.91 -13.40 -10.07
CA PRO C 94 10.75 -13.68 -8.92
C PRO C 94 10.06 -14.54 -7.86
N PHE C 95 8.70 -14.55 -7.85
CA PHE C 95 7.94 -15.29 -6.85
C PHE C 95 7.94 -16.81 -7.17
N SER C 96 9.07 -17.46 -6.86
CA SER C 96 9.21 -18.90 -7.07
C SER C 96 8.60 -19.68 -5.92
N CYS C 97 7.96 -20.82 -6.23
CA CYS C 97 7.35 -21.65 -5.21
C CYS C 97 8.43 -22.36 -4.35
N ARG C 98 8.01 -22.81 -3.17
CA ARG C 98 8.92 -23.43 -2.18
C ARG C 98 8.49 -24.87 -1.86
N TRP C 99 7.47 -25.37 -2.59
CA TRP C 99 6.96 -26.73 -2.38
C TRP C 99 8.02 -27.79 -2.82
N PRO C 100 7.84 -29.06 -2.36
CA PRO C 100 8.82 -30.13 -2.60
C PRO C 100 9.29 -30.21 -4.07
N SER C 101 10.53 -29.77 -4.32
CA SER C 101 11.16 -29.86 -5.65
C SER C 101 10.38 -29.04 -6.73
N CYS C 102 9.57 -28.08 -6.28
CA CYS C 102 8.85 -27.20 -7.20
C CYS C 102 9.80 -26.17 -7.84
N GLN C 103 9.42 -25.66 -9.02
CA GLN C 103 10.18 -24.64 -9.73
C GLN C 103 9.25 -23.68 -10.51
N LYS C 104 7.97 -23.61 -10.08
CA LYS C 104 7.01 -22.68 -10.69
C LYS C 104 7.26 -21.27 -10.18
N LYS C 105 7.30 -20.30 -11.11
CA LYS C 105 7.66 -18.92 -10.77
C LYS C 105 6.62 -17.95 -11.30
N PHE C 106 6.28 -16.96 -10.47
CA PHE C 106 5.24 -15.98 -10.82
C PHE C 106 5.77 -14.56 -10.70
N ALA C 107 5.06 -13.61 -11.32
CA ALA C 107 5.45 -12.21 -11.29
C ALA C 107 4.62 -11.42 -10.26
N ARG C 108 3.73 -12.12 -9.56
CA ARG C 108 2.90 -11.51 -8.53
C ARG C 108 2.85 -12.38 -7.27
N SER C 109 2.99 -11.75 -6.11
CA SER C 109 3.00 -12.46 -4.83
C SER C 109 1.72 -13.27 -4.63
N ASP C 110 0.58 -12.64 -4.97
CA ASP C 110 -0.72 -13.31 -4.87
C ASP C 110 -0.86 -14.47 -5.89
N GLU C 111 -0.24 -14.32 -7.08
CA GLU C 111 -0.22 -15.43 -8.07
C GLU C 111 0.48 -16.65 -7.48
N LEU C 112 1.59 -16.42 -6.76
CA LEU C 112 2.28 -17.50 -6.05
C LEU C 112 1.39 -18.07 -4.91
N VAL C 113 0.70 -17.18 -4.17
CA VAL C 113 -0.24 -17.61 -3.11
C VAL C 113 -1.33 -18.51 -3.72
N ARG C 114 -1.84 -18.10 -4.89
CA ARG C 114 -2.85 -18.90 -5.61
C ARG C 114 -2.25 -20.26 -6.02
N HIS C 115 -1.04 -20.24 -6.59
CA HIS C 115 -0.35 -21.48 -7.00
C HIS C 115 -0.25 -22.45 -5.84
N HIS C 116 0.21 -21.94 -4.68
CA HIS C 116 0.31 -22.76 -3.46
C HIS C 116 -1.06 -23.38 -3.09
N ASN C 117 -2.15 -22.59 -3.26
CA ASN C 117 -3.50 -23.05 -2.90
C ASN C 117 -4.02 -24.11 -3.91
N MET C 118 -3.36 -24.21 -5.06
CA MET C 118 -3.70 -25.23 -6.07
C MET C 118 -2.63 -26.35 -6.11
N HIS C 119 -1.63 -26.26 -5.21
CA HIS C 119 -0.48 -27.16 -5.25
C HIS C 119 -0.87 -28.58 -4.83
#